data_2KVJ
#
_entry.id   2KVJ
#
_entity_poly.entity_id   1
_entity_poly.type   'peptide nucleic acid'
_entity_poly.pdbx_seq_one_letter_code
;(ACE)(40G)(40G)(40C)(40A)(40T)(40G)(40C)(40C)(NME)
;
_entity_poly.pdbx_strand_id   A,B
#
loop_
_chem_comp.id
_chem_comp.type
_chem_comp.name
_chem_comp.formula
40A peptide-like N-[(2S)-2-aminopropyl]-N-[(6-amino-9H-purin-9-yl)acetyl]glycine 'C12 H17 N7 O3'
40C peptide-like N-[(4-amino-2-oxopyrimidin-1(2H)-yl)acetyl]-N-[(2S)-2-aminopropyl]glycine 'C11 H17 N5 O4'
40G peptide-like N-[(2-amino-6-oxo-1,6-dihydro-9H-purin-9-yl)acetyl]-N-[(2S)-2-aminopropyl]glycine 'C12 H17 N7 O4'
40T peptide-like N-[(2S)-2-aminopropyl]-N-[(5-methyl-2,4-dioxo-3,4-dihydropyrimidin-1(2H)-yl)acetyl]glycine 'C12 H18 N4 O5'
ACE non-polymer 'ACETYL GROUP' 'C2 H4 O'
NME non-polymer METHYLAMINE 'C H5 N'
#
# COMPACT_ATOMS: atom_id res chain seq x y z
C ACE A 1 -7.65 16.06 -12.76
O ACE A 1 -8.58 15.80 -13.27
CH3 ACE A 1 -6.95 17.11 -13.17
H1 ACE A 1 -7.30 18.06 -12.78
H2 ACE A 1 -5.87 16.97 -13.25
H3 ACE A 1 -7.18 17.22 -14.23
C 40G A 2 -3.71 15.42 -8.51
N1 40G A 2 -7.55 8.18 -8.68
C2 40G A 2 -7.79 9.42 -8.34
N2 40G A 2 -8.46 9.57 -7.26
N3 40G A 2 -7.40 10.50 -8.98
C4 40G A 2 -6.69 10.18 -10.07
C5 40G A 2 -6.38 8.94 -10.52
C6 40G A 2 -6.85 7.84 -9.78
O6 40G A 2 -6.72 6.64 -9.99
N7 40G A 2 -5.64 9.01 -11.71
C8 40G A 2 -5.54 10.28 -11.92
N9 40G A 2 -6.18 11.04 -10.98
N 40G A 2 -7.40 15.37 -11.88
O 40G A 2 -2.80 16.04 -8.04
CA 40G A 2 -6.40 15.67 -11.15
C2M 40G A 2 -6.37 17.08 -10.79
C3' 40G A 2 -5.20 15.05 -11.69
N4' 40G A 2 -4.70 14.33 -10.57
C5' 40G A 2 -3.56 14.94 -9.93
C7' 40G A 2 -5.10 13.12 -10.24
O7' 40G A 2 -4.52 12.53 -9.35
C8' 40G A 2 -6.29 12.49 -10.95
HN1 40G A 2 -7.96 7.43 -8.15
H8 40G A 2 -5.03 10.70 -12.78
H 40G A 2 -8.04 14.65 -11.62
HA 40G A 2 -6.69 15.20 -10.20
HN2 40G A 2 -8.65 10.51 -6.96
HN2A 40G A 2 -8.77 8.76 -6.74
H13' 40G A 2 -4.51 15.82 -12.02
H23' 40G A 2 -5.38 14.42 -12.55
H15' 40G A 2 -3.19 15.80 -10.51
H25' 40G A 2 -2.73 14.23 -9.94
H18' 40G A 2 -7.20 12.77 -10.44
H28' 40G A 2 -6.36 12.81 -11.99
H2M 40G A 2 -5.98 17.11 -9.77
H2MA 40G A 2 -5.62 17.70 -11.28
H2MB 40G A 2 -7.36 17.54 -10.66
C 40G A 3 -2.46 14.35 -3.43
N1 40G A 3 -6.01 7.01 -5.14
C2 40G A 3 -6.31 8.11 -4.47
N2 40G A 3 -6.92 7.92 -3.36
N3 40G A 3 -5.97 9.33 -4.79
C4 40G A 3 -5.23 9.35 -5.92
C5 40G A 3 -4.85 8.29 -6.69
C6 40G A 3 -5.28 7.01 -6.28
O6 40G A 3 -5.09 5.93 -6.80
N7 40G A 3 -4.05 8.72 -7.75
C8 40G A 3 -4.02 10.00 -7.60
N9 40G A 3 -4.78 10.46 -6.56
N 40G A 3 -4.80 15.16 -7.82
O 40G A 3 -1.66 15.00 -2.82
CA 40G A 3 -5.01 15.73 -6.53
C2M 40G A 3 -6.31 16.47 -6.59
C3' 40G A 3 -5.11 14.66 -5.47
N4' 40G A 3 -3.89 13.87 -5.39
C5' 40G A 3 -2.73 14.58 -4.87
C7' 40G A 3 -3.82 12.57 -5.68
O7' 40G A 3 -2.79 11.95 -5.52
C8' 40G A 3 -5.05 11.85 -6.19
HN1 40G A 3 -6.30 6.12 -4.78
H8 40G A 3 -3.47 10.66 -8.26
H 40G A 3 -5.53 14.61 -8.22
HA 40G A 3 -4.24 16.45 -6.26
HN2 40G A 3 -7.11 8.74 -2.81
HN2A 40G A 3 -7.15 6.99 -3.04
H13' 40G A 3 -5.26 15.16 -4.51
H23' 40G A 3 -6.00 14.06 -5.65
H15' 40G A 3 -2.82 15.65 -4.99
H25' 40G A 3 -1.85 14.27 -5.42
H18' 40G A 3 -5.82 11.87 -5.40
H28' 40G A 3 -5.45 12.37 -7.05
H2M 40G A 3 -6.55 16.87 -5.61
H2MA 40G A 3 -6.21 17.31 -7.29
H2MB 40G A 3 -7.11 15.82 -6.91
C 40C A 4 -0.50 11.37 1.07
N1 40C A 4 -2.85 8.48 -3.14
C2 40C A 4 -3.39 7.29 -2.65
O2 40C A 4 -4.03 7.26 -1.60
N3 40C A 4 -3.24 6.12 -3.29
C4 40C A 4 -2.51 6.14 -4.36
N4 40C A 4 -2.40 5.02 -4.97
C5 40C A 4 -1.88 7.27 -4.88
C6 40C A 4 -2.05 8.44 -4.24
N 40C A 4 -3.12 13.47 -2.84
O 40C A 4 0.43 11.81 1.74
CA 40C A 4 -3.04 13.51 -1.47
C2M 40C A 4 -4.26 14.17 -1.13
C3' 40C A 4 -3.08 12.19 -0.88
N4' 40C A 4 -1.88 11.44 -1.03
C5' 40C A 4 -0.71 11.94 -0.31
C7' 40C A 4 -1.88 10.25 -1.64
O7' 40C A 4 -0.90 9.52 -1.56
C8' 40C A 4 -3.08 9.78 -2.44
H5 40C A 4 -1.27 7.24 -5.77
H6 40C A 4 -1.59 9.35 -4.61
H 40C A 4 -3.84 12.92 -3.28
HA 40C A 4 -2.23 14.06 -0.99
H13' 40C A 4 -3.24 12.33 0.20
H23' 40C A 4 -3.98 11.68 -1.23
HN4 40C A 4 -1.86 4.98 -5.81
HN4A 40C A 4 -2.88 4.22 -4.58
H15' 40C A 4 -0.72 13.02 -0.20
H25' 40C A 4 0.19 11.70 -0.87
H18' 40C A 4 -3.32 10.55 -3.18
H28' 40C A 4 -3.92 9.70 -1.76
H2M 40C A 4 -5.14 13.64 -1.51
H2MA 40C A 4 -4.35 14.26 -0.05
H2MB 40C A 4 -4.27 15.19 -1.52
C 40A A 5 1.28 7.17 4.61
N1 40A A 5 -1.11 2.03 -1.06
C2 40A A 5 -1.47 2.54 0.11
N3 40A A 5 -1.43 3.81 0.49
C4 40A A 5 -0.93 4.62 -0.48
C5 40A A 5 -0.50 4.25 -1.72
C6 40A A 5 -0.63 2.87 -1.96
N6 40A A 5 -0.29 2.27 -3.07
N7 40A A 5 0.02 5.33 -2.42
C8 40A A 5 -0.16 6.33 -1.59
N9 40A A 5 -0.78 5.99 -0.42
N 40A A 5 -1.34 10.47 1.53
O 40A A 5 2.02 7.42 5.54
CA 40A A 5 -1.37 10.09 2.91
C2M 40A A 5 -2.68 10.61 3.47
C3' 40A A 5 -1.31 8.58 3.09
N4' 40A A 5 -0.05 7.99 2.62
C5' 40A A 5 1.10 8.22 3.52
C7' 40A A 5 0.09 7.18 1.55
O7' 40A A 5 1.15 6.65 1.28
C8' 40A A 5 -1.11 6.87 0.72
H3 40A A 5 -1.86 1.84 0.83
H8 40A A 5 0.14 7.35 -1.82
H 40A A 5 -2.10 10.16 0.95
HA 40A A 5 -0.57 10.55 3.48
H13' 40A A 5 -2.17 8.13 2.61
H23' 40A A 5 -1.41 8.37 4.16
H15' 40A A 5 2.04 8.25 2.97
H25' 40A A 5 1.02 9.18 4.03
HN6 40A A 5 0.07 2.81 -3.84
HN6A 40A A 5 -0.48 1.27 -3.16
H18' 40A A 5 -1.52 7.81 0.37
H28' 40A A 5 -1.84 6.38 1.37
H2M 40A A 5 -2.75 10.36 4.53
H2MA 40A A 5 -3.52 10.15 2.94
H2MB 40A A 5 -2.73 11.69 3.35
C 40T A 6 3.50 2.62 6.83
N1 40T A 6 1.62 2.45 1.48
C2 40T A 6 1.57 1.07 1.24
O2 40T A 6 1.18 0.25 2.05
N3 40T A 6 1.95 0.65 0.02
C4 40T A 6 2.47 1.42 -0.96
O4 40T A 6 2.78 0.86 -2.01
C5 40T A 6 2.57 2.85 -0.64
C6 40T A 6 2.14 3.32 0.55
C7 40T A 6 3.14 3.83 -1.66
N 40T A 6 0.55 6.08 4.54
O 40T A 6 4.55 2.73 7.45
CA 40T A 6 0.27 5.31 5.72
C2M 40T A 6 -1.20 5.50 6.02
C3' 40T A 6 0.56 3.82 5.54
N4' 40T A 6 1.93 3.54 5.07
C5' 40T A 6 2.98 3.81 6.07
C7' 40T A 6 2.25 3.11 3.83
O7' 40T A 6 3.40 2.83 3.53
C8' 40T A 6 1.14 2.98 2.79
HN3 40T A 6 1.87 -0.34 -0.16
H6 40T A 6 2.21 4.37 0.78
H 40T A 6 -0.07 5.96 3.76
HA 40T A 6 0.83 5.67 6.58
H13' 40T A 6 -0.19 3.40 4.87
H23' 40T A 6 0.41 3.34 6.51
H15' 40T A 6 3.85 4.27 5.57
H25' 40T A 6 2.64 4.52 6.82
H7 40T A 6 3.07 4.85 -1.29
H7A 40T A 6 4.19 3.59 -1.84
H7B 40T A 6 2.59 3.75 -2.59
HXT' 40T A 6 0.71 3.97 2.64
H28' 40T A 6 0.37 2.33 3.18
H2M 40T A 6 -1.39 6.55 6.26
H2MA 40T A 6 -1.49 4.89 6.88
H2MB 40T A 6 -1.81 5.21 5.17
C 40G A 7 6.84 -1.77 7.56
N1 40G A 7 4.81 -3.58 0.15
C2 40G A 7 4.41 -3.89 1.37
N2 40G A 7 4.27 -5.14 1.61
N3 40G A 7 4.20 -3.04 2.36
C4 40G A 7 4.47 -1.77 1.98
C5 40G A 7 4.90 -1.32 0.75
C6 40G A 7 5.04 -2.30 -0.26
O6 40G A 7 5.37 -2.18 -1.44
N7 40G A 7 5.16 0.05 0.79
C8 40G A 7 4.88 0.38 2.01
N9 40G A 7 4.40 -0.65 2.76
N 40G A 7 2.81 1.48 6.84
O 40G A 7 7.73 -1.79 8.40
CA 40G A 7 3.07 0.44 7.78
C2M 40G A 7 1.76 0.10 8.44
C3' 40G A 7 3.62 -0.82 7.09
N4' 40G A 7 4.92 -0.58 6.46
C5' 40G A 7 6.05 -0.49 7.40
C7' 40G A 7 5.15 -0.51 5.13
O7' 40G A 7 6.29 -0.38 4.69
C8' 40G A 7 3.96 -0.61 4.18
HN1 40G A 7 4.93 -4.32 -0.53
H8 40G A 7 5.00 1.39 2.39
H 40G A 7 1.95 1.45 6.32
HA 40G A 7 3.77 0.76 8.56
HN2 40G A 7 3.96 -5.40 2.53
HN2A 40G A 7 4.47 -5.82 0.89
H13' 40G A 7 3.74 -1.59 7.85
H23' 40G A 7 2.88 -1.18 6.39
H15' 40G A 7 5.70 -0.19 8.38
H25' 40G A 7 6.74 0.28 7.05
H18' 40G A 7 3.40 -1.51 4.39
H28' 40G A 7 3.30 0.25 4.33
H2M 40G A 7 1.37 0.98 8.94
H2MA 40G A 7 1.04 -0.26 7.70
H2MB 40G A 7 1.92 -0.69 9.19
C 40C A 8 10.58 -6.04 5.58
N1 40C A 8 7.84 -3.23 2.04
C2 40C A 8 8.08 -4.26 1.13
O2 40C A 8 8.06 -5.44 1.48
N3 40C A 8 8.36 -4.02 -0.16
C4 40C A 8 8.44 -2.78 -0.51
N4 40C A 8 8.66 -2.57 -1.75
C5 40C A 8 8.32 -1.69 0.36
C6 40C A 8 8.02 -1.95 1.65
N 40C A 8 6.50 -2.84 6.86
O 40C A 8 11.56 -6.47 6.15
CA 40C A 8 6.97 -4.16 7.24
C2M 40C A 8 5.80 -4.84 7.89
C3' 40C A 8 7.41 -4.97 6.03
N4' 40C A 8 8.65 -4.45 5.43
C5' 40C A 8 9.87 -4.84 6.15
C7' 40C A 8 8.73 -3.74 4.30
O7' 40C A 8 9.80 -3.30 3.90
C8' 40C A 8 7.50 -3.53 3.46
H5 40C A 8 8.44 -0.68 0.03
H6 40C A 8 7.91 -1.14 2.37
H 40C A 8 5.76 -2.79 6.20
HA 40C A 8 7.79 -4.10 7.96
H13' 40C A 8 7.60 -5.99 6.36
H23' 40C A 8 6.58 -5.03 5.32
HN4 40C A 8 8.68 -1.63 -2.09
HN4A 40C A 8 8.66 -3.38 -2.36
H15' 40C A 8 9.65 -5.07 7.20
H25' 40C A 8 10.58 -4.01 6.15
H18' 40C A 8 6.91 -2.72 3.90
H28' 40C A 8 6.89 -4.43 3.46
H2M 40C A 8 6.09 -5.84 8.22
H2MA 40C A 8 5.48 -4.27 8.77
H2MB 40C A 8 4.96 -4.93 7.20
C 40C A 9 14.27 -8.68 2.03
N1 40C A 9 11.66 -4.54 0.56
C2 40C A 9 11.76 -5.29 -0.61
O2 40C A 9 11.76 -6.51 -0.59
N3 40C A 9 11.86 -4.72 -1.81
C4 40C A 9 11.88 -3.43 -1.83
N4 40C A 9 11.95 -2.92 -2.99
C5 40C A 9 11.82 -2.61 -0.70
C6 40C A 9 11.71 -3.19 0.49
N 40C A 9 10.08 -6.61 4.50
O 40C A 9 14.91 -9.56 2.10
CA 40C A 9 10.47 -7.92 4.11
C2M 40C A 9 9.22 -8.72 4.13
C3' 40C A 9 11.06 -7.95 2.71
N4' 40C A 9 12.36 -7.31 2.66
C5' 40C A 9 13.44 -8.17 3.10
C7' 40C A 9 12.61 -6.07 2.25
O7' 40C A 9 13.75 -5.64 2.19
C8' 40C A 9 11.48 -5.17 1.89
H5 40C A 9 11.86 -1.53 -0.79
H6 40C A 9 11.65 -2.60 1.40
H 40C A 9 9.25 -6.23 4.09
HA 40C A 9 11.17 -8.38 4.80
H13' 40C A 9 11.18 -9.00 2.44
H23' 40C A 9 10.35 -7.56 1.98
HN4 40C A 9 11.96 -1.92 -3.09
HN4A 40C A 9 11.91 -3.56 -3.77
H15' 40C A 9 13.07 -9.03 3.67
H25' 40C A 9 14.09 -7.61 3.78
H18' 40C A 9 11.48 -4.42 2.66
H28' 40C A 9 10.51 -5.66 1.91
H2M 40C A 9 9.43 -9.76 3.85
H2MA 40C A 9 8.78 -8.71 5.13
H2MB 40C A 9 8.49 -8.32 3.41
N NME A 10 14.39 -8.32 0.91
C NME A 10 15.30 -8.92 -0.05
H2 NME A 10 14.84 -9.78 -0.53
HN2 NME A 10 13.84 -7.54 0.62
H1 NME A 10 16.27 -9.20 0.36
H3 NME A 10 15.50 -8.18 -0.83
C ACE B 1 12.48 -10.32 -11.36
O ACE B 1 12.92 -9.26 -11.55
CH3 ACE B 1 11.39 -10.73 -12.14
H1 ACE B 1 11.14 -9.95 -12.86
H2 ACE B 1 11.64 -11.63 -12.72
H3 ACE B 1 10.51 -10.89 -11.52
C 40G B 2 9.05 -13.27 -7.92
N1 40G B 2 11.81 -6.53 -4.01
C2 40G B 2 11.93 -7.84 -3.91
N2 40G B 2 11.93 -8.30 -2.73
N3 40G B 2 12.03 -8.70 -4.91
C4 40G B 2 11.98 -8.06 -6.09
C5 40G B 2 11.86 -6.73 -6.33
C6 40G B 2 11.77 -5.88 -5.19
O6 40G B 2 11.69 -4.67 -5.13
N7 40G B 2 11.86 -6.46 -7.69
C8 40G B 2 11.99 -7.63 -8.22
N9 40G B 2 12.11 -8.64 -7.31
N 40G B 2 12.93 -11.11 -10.49
O 40G B 2 7.91 -13.59 -8.18
CA 40G B 2 12.42 -12.35 -10.23
C2M 40G B 2 13.44 -13.24 -10.52
C3' 40G B 2 12.20 -12.57 -8.83
N4' 40G B 2 11.03 -11.93 -8.55
C5' 40G B 2 9.85 -12.63 -9.01
C7' 40G B 2 11.03 -10.77 -7.96
O7' 40G B 2 9.98 -10.29 -7.70
C8' 40G B 2 12.32 -10.06 -7.56
HN1 40G B 2 11.81 -5.97 -3.18
H8 40G B 2 12.04 -7.79 -9.30
H 40G B 2 13.76 -10.83 -10.00
HA 40G B 2 11.56 -12.67 -10.83
HN2 40G B 2 12.00 -9.29 -2.61
HN2A 40G B 2 11.85 -7.67 -1.93
H13' 40G B 2 12.06 -13.64 -8.62
H23' 40G B 2 13.06 -12.27 -8.23
H15' 40G B 2 10.09 -13.44 -9.69
H25' 40G B 2 9.20 -11.93 -9.53
H18' 40G B 2 12.72 -10.53 -6.67
H28' 40G B 2 13.09 -10.13 -8.33
H2M 40G B 2 13.13 -14.28 -10.38
H2MA 40G B 2 13.71 -13.16 -11.58
H2MB 40G B 2 14.35 -13.06 -9.93
C 40G B 3 5.06 -13.47 -4.11
N1 40G B 3 8.48 -6.25 -1.97
C2 40G B 3 8.48 -7.50 -1.54
N2 40G B 3 8.37 -7.63 -0.27
N3 40G B 3 8.47 -8.59 -2.28
C4 40G B 3 8.48 -8.29 -3.60
C5 40G B 3 8.46 -7.04 -4.17
C6 40G B 3 8.50 -5.92 -3.29
O6 40G B 3 8.53 -4.74 -3.55
N7 40G B 3 8.40 -7.14 -5.56
C8 40G B 3 8.40 -8.42 -5.77
N9 40G B 3 8.52 -9.17 -4.65
N 40G B 3 9.55 -13.48 -6.73
O 40G B 3 4.05 -14.13 -4.26
CA 40G B 3 8.89 -14.32 -5.80
C2M 40G B 3 9.93 -15.29 -5.33
C3' 40G B 3 8.36 -13.55 -4.61
N4' 40G B 3 7.26 -12.65 -4.96
C5' 40G B 3 6.00 -13.33 -5.29
C7' 40G B 3 7.30 -11.32 -4.90
O7' 40G B 3 6.29 -10.63 -5.09
C8' 40G B 3 8.62 -10.64 -4.55
HN1 40G B 3 8.45 -5.50 -1.31
H8 40G B 3 8.33 -8.85 -6.76
H 40G B 3 10.49 -13.19 -6.53
HA 40G B 3 8.09 -14.91 -6.25
HN2 40G B 3 8.32 -8.57 0.09
HN2A 40G B 3 8.28 -6.82 0.32
H13' 40G B 3 7.99 -14.27 -3.87
H23' 40G B 3 9.19 -13.03 -4.13
H15' 40G B 3 6.18 -14.33 -5.67
H25' 40G B 3 5.48 -12.78 -6.06
H18' 40G B 3 8.91 -10.92 -3.53
H28' 40G B 3 9.40 -10.97 -5.23
H2M 40G B 3 9.48 -15.99 -4.62
H2MA 40G B 3 10.32 -15.85 -6.18
H2MB 40G B 3 10.74 -14.76 -4.83
C 40C B 4 0.87 -11.61 -1.06
N1 40C B 4 4.89 -7.97 -2.41
C2 40C B 4 4.91 -6.92 -1.48
O2 40C B 4 4.83 -7.14 -0.27
N3 40C B 4 5.05 -5.64 -1.84
C4 40C B 4 5.07 -5.41 -3.12
N4 40C B 4 5.21 -4.18 -3.44
C5 40C B 4 4.96 -6.39 -4.11
C6 40C B 4 4.86 -7.67 -3.72
N 40C B 4 5.39 -12.94 -2.96
O 40C B 4 -0.17 -12.16 -1.14
CA 40C B 4 4.73 -13.31 -1.74
C2M 40C B 4 5.74 -14.04 -0.91
C3' 40C B 4 4.21 -12.10 -0.98
N4' 40C B 4 3.26 -11.29 -1.75
C5' 40C B 4 1.97 -11.95 -2.02
C7' 40C B 4 3.46 -10.02 -2.14
O7' 40C B 4 2.56 -9.35 -2.64
C8' 40C B 4 4.83 -9.39 -1.97
H5 40C B 4 4.96 -6.14 -5.17
H6 40C B 4 4.79 -8.46 -4.46
H 40C B 4 6.24 -12.41 -2.87
HA 40C B 4 3.90 -14.00 -1.92
H13' 40C B 4 3.71 -12.46 -0.08
H23' 40C B 4 5.06 -11.51 -0.65
HN4 40C B 4 5.27 -3.93 -4.42
HN4A 40C B 4 5.31 -3.50 -2.69
H15' 40C B 4 2.06 -13.03 -2.02
H25' 40C B 4 1.61 -11.67 -3.01
H18' 40C B 4 5.55 -9.98 -2.53
H28' 40C B 4 5.10 -9.46 -0.91
H2M 40C B 4 5.29 -14.37 0.03
H2MA 40C B 4 6.10 -14.92 -1.45
H2MB 40C B 4 6.60 -13.39 -0.68
C 40A B 5 -3.26 -8.10 1.27
N1 40A B 5 1.69 -2.13 -0.58
C2 40A B 5 1.33 -2.91 0.43
N3 40A B 5 1.17 -4.22 0.44
C4 40A B 5 1.41 -4.77 -0.79
C5 40A B 5 1.75 -4.11 -1.93
C6 40A B 5 1.90 -2.72 -1.75
N6 40A B 5 2.23 -1.87 -2.69
N7 40A B 5 1.84 -4.98 -3.02
C8 40A B 5 1.57 -6.14 -2.49
N9 40A B 5 1.34 -6.11 -1.13
N 40A B 5 1.03 -10.80 -0.10
O 40A B 5 -4.39 -8.47 1.48
CA 40A B 5 0.07 -10.77 0.96
C2M 40A B 5 0.68 -11.54 2.08
C3' 40A B 5 -0.21 -9.34 1.38
N4' 40A B 5 -0.95 -8.59 0.36
C5' 40A B 5 -2.40 -8.92 0.32
C7' 40A B 5 -0.47 -7.59 -0.37
O7' 40A B 5 -1.18 -6.92 -1.11
C8' 40A B 5 0.98 -7.24 -0.24
H3 40A B 5 1.17 -2.41 1.37
H8 40A B 5 1.54 -7.06 -3.05
H 40A B 5 1.92 -10.36 0.06
HA 40A B 5 -0.89 -11.23 0.73
H13' 40A B 5 0.72 -8.87 1.66
H23' 40A B 5 -0.81 -9.39 2.30
H15' 40A B 5 -2.79 -8.75 -0.68
H25' 40A B 5 -2.58 -9.97 0.56
HN6 40A B 5 2.43 -2.22 -3.62
HN6A 40A B 5 2.36 -0.90 -2.44
H18' 40A B 5 1.57 -8.11 -0.49
H28' 40A B 5 1.16 -6.95 0.80
H2M 40A B 5 0.86 -12.57 1.77
H2MA 40A B 5 0.00 -11.55 2.92
H2MB 40A B 5 1.62 -11.08 2.38
C 40T B 6 -6.58 -3.82 2.75
N1 40T B 6 -1.96 -2.87 -0.39
C2 40T B 6 -1.85 -1.48 -0.25
O2 40T B 6 -2.07 -0.87 0.79
N3 40T B 6 -1.47 -0.78 -1.35
C4 40T B 6 -1.26 -1.30 -2.58
O4 40T B 6 -0.95 -0.51 -3.46
C5 40T B 6 -1.43 -2.75 -2.68
C6 40T B 6 -1.76 -3.49 -1.60
C7 40T B 6 -1.22 -3.46 -4.01
N 40T B 6 -2.70 -7.08 1.88
O 40T B 6 -7.78 -3.94 2.62
CA 40T B 6 -3.23 -6.60 3.12
C2M 40T B 6 -2.26 -6.99 4.21
C3' 40T B 6 -3.41 -5.07 3.14
N4' 40T B 6 -4.26 -4.57 2.05
C5' 40T B 6 -5.69 -4.90 2.18
C7' 40T B 6 -3.81 -3.89 0.98
O7' 40T B 6 -4.58 -3.42 0.14
C8' 40T B 6 -2.31 -3.69 0.80
HN3 40T B 6 -1.38 0.22 -1.24
H6 40T B 6 -1.88 -4.55 -1.69
H 40T B 6 -1.73 -6.86 1.69
HA 40T B 6 -4.19 -7.05 3.36
H13' 40T B 6 -2.42 -4.61 3.14
H23' 40T B 6 -3.87 -4.81 4.10
H15' 40T B 6 -6.10 -5.17 1.21
H25' 40T B 6 -5.84 -5.77 2.82
H7 40T B 6 -0.29 -3.09 -4.48
H7A 40T B 6 -1.13 -4.54 -3.87
H7B 40T B 6 -2.04 -3.25 -4.68
HXT' 40T B 6 -1.85 -4.68 0.71
H28' 40T B 6 -1.92 -3.21 1.70
H2M 40T B 6 -1.28 -6.55 4.02
H2MA 40T B 6 -2.16 -8.09 4.22
H2MB 40T B 6 -2.63 -6.66 5.18
C 40G B 7 -9.88 0.55 2.28
N1 40G B 7 -4.11 3.67 -2.04
C2 40G B 7 -4.52 3.69 -0.78
N2 40G B 7 -4.63 4.85 -0.25
N3 40G B 7 -4.88 2.64 -0.06
C4 40G B 7 -4.80 1.49 -0.78
C5 40G B 7 -4.40 1.34 -2.08
C6 40G B 7 -3.98 2.52 -2.76
O6 40G B 7 -3.57 2.67 -3.91
N7 40G B 7 -4.53 0.02 -2.50
C8 40G B 7 -4.98 -0.59 -1.43
N9 40G B 7 -5.10 0.24 -0.35
N 40G B 7 -6.03 -2.78 3.37
O 40G B 7 -11.09 0.47 2.45
CA 40G B 7 -6.82 -1.90 4.19
C2M 40G B 7 -6.10 -1.79 5.52
C3' 40G B 7 -6.93 -0.51 3.57
N4' 40G B 7 -7.63 -0.53 2.29
C5' 40G B 7 -9.08 -0.72 2.37
C7' 40G B 7 -7.05 -0.35 1.08
O7' 40G B 7 -7.72 -0.34 0.05
C8' 40G B 7 -5.54 -0.13 1.01
HN1 40G B 7 -3.85 4.54 -2.48
H8 40G B 7 -5.22 -1.64 -1.41
H 40G B 7 -5.03 -2.74 3.45
HA 40G B 7 -7.80 -2.30 4.38
HN2 40G B 7 -4.94 4.90 0.70
HN2A 40G B 7 -4.40 5.69 -0.78
H13' 40G B 7 -7.50 0.12 4.27
H23' 40G B 7 -5.94 -0.06 3.51
H15' 40G B 7 -9.34 -1.21 3.31
H25' 40G B 7 -9.40 -1.38 1.57
H18' 40G B 7 -5.26 0.68 1.69
H28' 40G B 7 -5.03 -1.03 1.33
H2M 40G B 7 -6.01 -2.77 5.97
H2MA 40G B 7 -5.09 -1.36 5.38
H2MB 40G B 7 -6.66 -1.14 6.19
C 40C B 8 -11.97 5.47 -0.57
N1 40C B 8 -7.65 3.09 -2.40
C2 40C B 8 -7.38 4.33 -2.99
O2 40C B 8 -7.63 5.37 -2.41
N3 40C B 8 -6.83 4.42 -4.20
C4 40C B 8 -6.62 3.30 -4.83
N4 40C B 8 -6.06 3.43 -5.98
C5 40C B 8 -6.95 2.04 -4.35
C6 40C B 8 -7.48 1.96 -3.12
N 40C B 8 -9.28 1.71 2.10
O 40C B 8 -13.10 5.92 -0.54
CA 40C B 8 -9.94 2.95 2.39
C2M 40C B 8 -9.39 3.41 3.71
C3' 40C B 8 -9.64 4.01 1.34
N4' 40C B 8 -10.30 3.73 0.07
C5' 40C B 8 -11.72 4.11 0.03
C7' 40C B 8 -9.70 3.23 -1.01
O7' 40C B 8 -10.34 3.00 -2.03
C8' 40C B 8 -8.21 3.01 -1.02
H5 40C B 8 -6.79 1.14 -4.93
H6 40C B 8 -7.75 0.99 -2.70
H 40C B 8 -8.27 1.73 1.99
HA 40C B 8 -11.01 2.83 2.48
H13' 40C B 8 -10.03 4.96 1.73
H23' 40C B 8 -8.57 4.14 1.26
HN4 40C B 8 -5.84 2.59 -6.49
HN4A 40C B 8 -5.78 4.35 -6.26
H15' 40C B 8 -12.15 4.12 1.03
H25' 40C B 8 -12.29 3.40 -0.56
H18' 40C B 8 -8.01 2.04 -0.57
H28' 40C B 8 -7.72 3.78 -0.43
H2M 40C B 8 -8.32 3.57 3.65
H2MA 40C B 8 -9.88 4.34 4.00
H2MB 40C B 8 -9.60 2.65 4.47
C 40C B 9 -13.06 9.05 -4.97
N1 40C B 9 -9.90 5.10 -5.54
C2 40C B 9 -9.33 6.13 -6.30
O2 40C B 9 -9.42 7.29 -5.97
N3 40C B 9 -8.69 5.88 -7.43
C4 40C B 9 -8.62 4.65 -7.79
N4 40C B 9 -7.99 4.44 -8.88
C5 40C B 9 -9.19 3.57 -7.11
C6 40C B 9 -9.83 3.83 -5.97
N 40C B 9 -10.97 6.16 -1.05
O 40C B 9 -13.86 9.81 -5.18
CA 40C B 9 -11.05 7.55 -1.30
C2M 40C B 9 -10.02 8.19 -0.41
C3' 40C B 9 -10.75 7.89 -2.74
N4' 40C B 9 -11.79 7.42 -3.65
C5' 40C B 9 -12.95 8.29 -3.71
C7' 40C B 9 -11.74 6.31 -4.37
O7' 40C B 9 -12.63 6.00 -5.14
C8' 40C B 9 -10.57 5.38 -4.24
H5 40C B 9 -9.12 2.55 -7.48
H6 40C B 9 -10.28 3.03 -5.40
H 40C B 9 -10.04 5.76 -1.02
HA 40C B 9 -12.02 7.97 -1.03
H13' 40C B 9 -10.71 8.99 -2.82
H23' 40C B 9 -9.75 7.57 -3.02
HN4 40C B 9 -7.88 3.51 -9.22
HN4A 40C B 9 -7.55 5.24 -9.30
H15' 40C B 9 -12.95 9.02 -2.90
H25' 40C B 9 -13.85 7.69 -3.61
H18' 40C B 9 -11.00 4.46 -3.84
H28' 40C B 9 -9.84 5.70 -3.52
H2M 40C B 9 -9.02 7.82 -0.67
H2MA 40C B 9 -10.05 9.27 -0.54
H2MB 40C B 9 -10.24 7.95 0.63
N NME B 10 -12.34 8.97 -5.93
C NME B 10 -12.55 9.73 -7.14
H2 NME B 10 -11.82 9.43 -7.89
HN2 NME B 10 -11.54 8.35 -5.88
H1 NME B 10 -12.42 10.79 -6.96
H3 NME B 10 -13.55 9.54 -7.56
C ACE A 1 -6.44 15.90 -14.02
O ACE A 1 -7.26 15.75 -14.86
CH3 ACE A 1 -5.24 16.65 -14.37
H1 ACE A 1 -5.07 17.48 -13.70
H2 ACE A 1 -4.38 15.99 -14.41
H3 ACE A 1 -5.36 17.07 -15.37
C 40G A 2 -3.06 15.02 -8.85
N1 40G A 2 -7.45 7.97 -8.77
C2 40G A 2 -7.61 9.23 -8.44
N2 40G A 2 -8.27 9.42 -7.36
N3 40G A 2 -7.16 10.28 -9.08
C4 40G A 2 -6.47 9.92 -10.19
C5 40G A 2 -6.23 8.65 -10.63
C6 40G A 2 -6.76 7.58 -9.87
O6 40G A 2 -6.70 6.38 -10.08
N7 40G A 2 -5.50 8.68 -11.82
C8 40G A 2 -5.33 9.95 -12.04
N9 40G A 2 -5.91 10.76 -11.10
N 40G A 2 -6.65 15.41 -12.86
O 40G A 2 -2.07 15.55 -8.39
CA 40G A 2 -5.84 15.41 -11.74
C2M 40G A 2 -5.65 16.80 -11.22
C3' 40G A 2 -4.59 14.62 -12.03
N4' 40G A 2 -4.16 13.95 -10.83
C5' 40G A 2 -2.94 14.48 -10.25
C7' 40G A 2 -4.67 12.78 -10.43
O7' 40G A 2 -4.14 12.18 -9.51
C8' 40G A 2 -5.93 12.22 -11.07
HN1 40G A 2 -7.88 7.24 -8.24
H8 40G A 2 -4.79 10.34 -12.89
H 40G A 2 -7.54 14.95 -12.75
HA 40G A 2 -6.41 14.88 -10.98
HN2 40G A 2 -8.39 10.37 -7.06
HN2A 40G A 2 -8.64 8.63 -6.85
H13' 40G A 2 -3.82 15.30 -12.41
H23' 40G A 2 -4.76 13.90 -12.84
H15' 40G A 2 -2.53 15.28 -10.87
H25' 40G A 2 -2.19 13.69 -10.24
H18' 40G A 2 -6.80 12.55 -10.50
H28' 40G A 2 -6.05 12.55 -12.10
H2M 40G A 2 -5.56 16.75 -10.14
H2MA 40G A 2 -4.73 17.25 -11.59
H2MB 40G A 2 -6.50 17.43 -11.46
C 40G A 3 -2.23 14.17 -3.48
N1 40G A 3 -5.99 6.84 -5.16
C2 40G A 3 -6.25 7.98 -4.53
N2 40G A 3 -6.91 7.85 -3.43
N3 40G A 3 -5.86 9.17 -4.87
C4 40G A 3 -5.10 9.15 -5.99
C5 40G A 3 -4.75 8.06 -6.73
C6 40G A 3 -5.25 6.79 -6.30
O6 40G A 3 -5.09 5.69 -6.79
N7 40G A 3 -3.91 8.42 -7.79
C8 40G A 3 -3.82 9.71 -7.66
N9 40G A 3 -4.56 10.23 -6.64
N 40G A 3 -4.18 14.93 -8.17
O 40G A 3 -1.35 14.76 -2.91
CA 40G A 3 -4.36 15.57 -6.90
C2M 40G A 3 -5.57 16.46 -7.02
C3' 40G A 3 -4.61 14.55 -5.80
N4' 40G A 3 -3.48 13.64 -5.59
C5' 40G A 3 -2.29 14.26 -5.00
C7' 40G A 3 -3.50 12.31 -5.77
O7' 40G A 3 -2.53 11.60 -5.48
C8' 40G A 3 -4.77 11.65 -6.29
HN1 40G A 3 -6.31 5.97 -4.79
H8 40G A 3 -3.22 10.33 -8.31
H 40G A 3 -4.98 14.47 -8.57
HA 40G A 3 -3.51 16.20 -6.63
HN2 40G A 3 -7.08 8.68 -2.90
HN2A 40G A 3 -7.15 6.93 -3.09
H13' 40G A 3 -4.79 15.10 -4.86
H23' 40G A 3 -5.53 14.01 -6.02
H15' 40G A 3 -2.24 15.32 -5.25
H25' 40G A 3 -1.39 13.80 -5.40
H18' 40G A 3 -5.55 11.74 -5.54
H28' 40G A 3 -5.11 12.17 -7.18
H2M 40G A 3 -6.45 15.89 -7.29
H2MA 40G A 3 -5.74 16.96 -6.06
H2MB 40G A 3 -5.38 17.23 -7.77
C 40C A 4 -0.57 11.47 1.07
N1 40C A 4 -2.89 8.45 -3.06
C2 40C A 4 -3.42 7.24 -2.57
O2 40C A 4 -4.05 7.20 -1.52
N3 40C A 4 -3.24 6.08 -3.20
C4 40C A 4 -2.51 6.10 -4.28
N4 40C A 4 -2.38 4.99 -4.89
C5 40C A 4 -1.90 7.25 -4.80
C6 40C A 4 -2.09 8.42 -4.15
N 40C A 4 -3.16 13.48 -2.85
O 40C A 4 0.41 11.89 1.66
CA 40C A 4 -3.35 13.59 -1.43
C2M 40C A 4 -4.69 14.23 -1.22
C3' 40C A 4 -3.33 12.22 -0.76
N4' 40C A 4 -2.09 11.47 -0.95
C5' 40C A 4 -0.91 12.04 -0.28
C7' 40C A 4 -1.99 10.30 -1.61
O7' 40C A 4 -0.95 9.64 -1.60
C8' 40C A 4 -3.18 9.76 -2.37
H5 40C A 4 -1.28 7.22 -5.69
H6 40C A 4 -1.64 9.33 -4.52
H 40C A 4 -3.87 13.00 -3.37
HA 40C A 4 -2.59 14.22 -0.97
H13' 40C A 4 -3.48 12.38 0.31
H23' 40C A 4 -4.20 11.66 -1.09
HN4 40C A 4 -1.84 4.95 -5.73
HN4A 40C A 4 -2.85 4.19 -4.49
H15' 40C A 4 -1.01 13.12 -0.14
H25' 40C A 4 -0.03 11.90 -0.90
H18' 40C A 4 -3.47 10.50 -3.11
H28' 40C A 4 -4.00 9.64 -1.67
H2M 40C A 4 -5.48 13.62 -1.66
H2MA 40C A 4 -4.87 14.34 -0.16
H2MB 40C A 4 -4.69 15.22 -1.69
C 40A A 5 1.42 7.33 4.62
N1 40A A 5 -1.10 2.14 -0.93
C2 40A A 5 -1.46 2.66 0.23
N3 40A A 5 -1.40 3.94 0.58
C4 40A A 5 -0.91 4.73 -0.40
C5 40A A 5 -0.48 4.33 -1.63
C6 40A A 5 -0.62 2.96 -1.86
N6 40A A 5 -0.28 2.35 -2.96
N7 40A A 5 0.03 5.42 -2.36
C8 40A A 5 -0.13 6.42 -1.54
N9 40A A 5 -0.73 6.10 -0.36
N 40A A 5 -1.38 10.55 1.59
O 40A A 5 2.21 7.57 5.52
CA 40A A 5 -1.34 10.20 2.98
C2M 40A A 5 -2.62 10.71 3.59
C3' 40A A 5 -1.23 8.69 3.17
N4' 40A A 5 0.02 8.12 2.67
C5' 40A A 5 1.18 8.37 3.55
C7' 40A A 5 0.16 7.31 1.60
O7' 40A A 5 1.21 6.78 1.31
C8' 40A A 5 -1.06 7.01 0.78
H3 40A A 5 -1.84 1.98 0.96
H8 40A A 5 0.18 7.43 -1.79
H 40A A 5 -2.18 10.25 1.06
HA 40A A 5 -0.50 10.68 3.49
H13' 40A A 5 -2.10 8.23 2.71
H23' 40A A 5 -1.31 8.49 4.25
H15' 40A A 5 2.10 8.43 2.96
H25' 40A A 5 1.09 9.33 4.07
HN6 40A A 5 0.08 2.89 -3.74
HN6A 40A A 5 -0.48 1.36 -3.05
H18' 40A A 5 -1.46 7.95 0.41
H28' 40A A 5 -1.78 6.52 1.43
H2M 40A A 5 -2.62 10.48 4.66
H2MA 40A A 5 -3.48 10.23 3.11
H2MB 40A A 5 -2.68 11.78 3.46
C 40T A 6 3.65 2.69 6.85
N1 40T A 6 1.70 2.60 1.50
C2 40T A 6 1.63 1.23 1.25
O2 40T A 6 1.25 0.40 2.06
N3 40T A 6 2.01 0.80 0.02
C4 40T A 6 2.51 1.58 -0.96
O4 40T A 6 2.82 1.04 -2.01
C5 40T A 6 2.63 3.01 -0.64
C6 40T A 6 2.21 3.47 0.57
C7 40T A 6 3.18 3.99 -1.65
N 40T A 6 0.70 6.22 4.59
O 40T A 6 4.70 2.77 7.44
CA 40T A 6 0.47 5.46 5.79
C2M 40T A 6 -0.98 5.68 6.16
C3' 40T A 6 0.72 3.97 5.59
N4' 40T A 6 2.08 3.66 5.10
C5' 40T A 6 3.16 3.88 6.07
C7' 40T A 6 2.36 3.22 3.85
O7' 40T A 6 3.51 2.90 3.52
C8' 40T A 6 1.24 3.13 2.82
HN3 40T A 6 1.92 -0.18 -0.17
H6 40T A 6 2.29 4.52 0.80
H 40T A 6 0.04 6.10 3.85
HA 40T A 6 1.08 5.82 6.62
H13' 40T A 6 -0.05 3.57 4.94
H23' 40T A 6 0.59 3.49 6.56
H15' 40T A 6 4.03 4.30 5.55
H25' 40T A 6 2.87 4.63 6.81
H7 40T A 6 2.65 3.90 -2.59
H7A 40T A 6 3.10 5.02 -1.30
H7B 40T A 6 4.24 3.76 -1.83
HXT' 40T A 6 0.82 4.12 2.68
H28' 40T A 6 0.46 2.48 3.21
H2M 40T A 6 -1.16 6.73 6.34
H2MA 40T A 6 -1.20 5.12 7.08
H2MB 40T A 6 -1.63 5.32 5.37
C 40G A 7 6.81 -1.78 7.68
N1 40G A 7 4.81 -3.46 0.12
C2 40G A 7 4.41 -3.79 1.34
N2 40G A 7 4.27 -5.06 1.55
N3 40G A 7 4.22 -2.97 2.35
C4 40G A 7 4.50 -1.69 2.00
C5 40G A 7 4.93 -1.23 0.79
C6 40G A 7 5.06 -2.18 -0.26
O6 40G A 7 5.38 -2.03 -1.43
N7 40G A 7 5.22 0.14 0.85
C8 40G A 7 4.95 0.44 2.09
N9 40G A 7 4.45 -0.60 2.82
N 40G A 7 2.90 1.59 6.87
O 40G A 7 7.69 -1.81 8.51
CA 40G A 7 3.12 0.54 7.82
C2M 40G A 7 1.80 0.25 8.48
C3' 40G A 7 3.64 -0.74 7.14
N4' 40G A 7 4.95 -0.55 6.52
C5' 40G A 7 6.07 -0.47 7.45
C7' 40G A 7 5.19 -0.51 5.19
O7' 40G A 7 6.34 -0.45 4.75
C8' 40G A 7 4.01 -0.58 4.23
HN1 40G A 7 4.92 -4.19 -0.57
H8 40G A 7 5.08 1.44 2.49
H 40G A 7 2.04 1.58 6.35
HA 40G A 7 3.82 0.84 8.60
HN2 40G A 7 3.97 -5.34 2.46
HN2A 40G A 7 4.45 -5.72 0.81
H13' 40G A 7 3.72 -1.51 7.92
H23' 40G A 7 2.89 -1.09 6.44
H15' 40G A 7 5.73 -0.13 8.43
H25' 40G A 7 6.79 0.27 7.09
H18' 40G A 7 3.44 -1.49 4.42
H28' 40G A 7 3.36 0.28 4.39
H2M 40G A 7 1.43 1.15 8.97
H2MA 40G A 7 1.07 -0.09 7.75
H2MB 40G A 7 1.93 -0.53 9.24
C 40C A 8 10.32 -6.27 5.92
N1 40C A 8 7.76 -3.40 2.17
C2 40C A 8 7.94 -4.38 1.19
O2 40C A 8 7.83 -5.58 1.43
N3 40C A 8 8.25 -4.06 -0.08
C4 40C A 8 8.41 -2.80 -0.33
N4 40C A 8 8.65 -2.51 -1.55
C5 40C A 8 8.34 -1.77 0.62
C6 40C A 8 8.02 -2.11 1.88
N 40C A 8 6.45 -2.85 6.99
O 40C A 8 11.27 -6.69 6.53
CA 40C A 8 6.83 -4.17 7.41
C2M 40C A 8 5.62 -4.78 8.07
C3' 40C A 8 7.23 -5.04 6.23
N4' 40C A 8 8.49 -4.61 5.62
C5' 40C A 8 9.68 -5.00 6.37
C7' 40C A 8 8.62 -4.01 4.42
O7' 40C A 8 9.71 -3.66 4.00
C8' 40C A 8 7.40 -3.78 3.57
H5 40C A 8 8.52 -0.73 0.37
H6 40C A 8 7.94 -1.35 2.65
H 40C A 8 5.71 -2.78 6.31
HA 40C A 8 7.64 -4.15 8.13
H13' 40C A 8 7.35 -6.06 6.59
H23' 40C A 8 6.41 -5.07 5.52
HN4 40C A 8 8.73 -1.55 -1.82
HN4A 40C A 8 8.62 -3.27 -2.22
H15' 40C A 8 9.45 -5.13 7.43
H25' 40C A 8 10.44 -4.21 6.32
H18' 40C A 8 6.80 -3.01 4.03
H28' 40C A 8 6.82 -4.70 3.54
H2M 40C A 8 5.86 -5.78 8.43
H2MA 40C A 8 5.33 -4.17 8.93
H2MB 40C A 8 4.78 -4.83 7.38
C 40C A 9 13.78 -9.34 2.59
N1 40C A 9 11.44 -5.19 0.72
C2 40C A 9 11.57 -5.81 -0.52
O2 40C A 9 11.51 -7.03 -0.65
N3 40C A 9 11.76 -5.11 -1.64
C4 40C A 9 11.84 -3.83 -1.49
N4 40C A 9 12.00 -3.19 -2.58
C5 40C A 9 11.79 -3.14 -0.28
C6 40C A 9 11.58 -3.85 0.84
N 40C A 9 9.80 -6.91 4.89
O 40C A 9 13.38 -9.59 1.51
CA 40C A 9 10.12 -8.27 4.64
C2M 40C A 9 8.82 -9.00 4.78
C3' 40C A 9 10.64 -8.50 3.25
N4' 40C A 9 11.94 -7.90 3.08
C5' 40C A 9 13.01 -8.68 3.64
C7' 40C A 9 12.22 -6.78 2.41
O7' 40C A 9 13.36 -6.38 2.26
C8' 40C A 9 11.08 -5.98 1.92
H5 40C A 9 11.90 -2.07 -0.22
H6 40C A 9 11.52 -3.38 1.81
H 40C A 9 9.00 -6.52 4.43
HA 40C A 9 10.80 -8.68 5.37
H13' 40C A 9 10.75 -9.58 3.10
H23' 40C A 9 9.90 -8.20 2.52
HN4 40C A 9 12.06 -2.19 -2.56
HN4A 40C A 9 11.94 -3.73 -3.44
H15' 40C A 9 12.66 -9.44 4.32
H25' 40C A 9 13.68 -8.01 4.20
H18' 40C A 9 10.76 -5.35 2.73
H28' 40C A 9 10.26 -6.60 1.62
H2M 40C A 9 8.98 -10.06 4.63
H2MA 40C A 9 8.42 -8.84 5.78
H2MB 40C A 9 8.10 -8.64 4.04
N NME A 10 14.93 -9.72 2.87
C NME A 10 15.73 -10.40 1.90
H2 NME A 10 15.28 -11.35 1.63
HN2 NME A 10 15.30 -9.54 3.79
H1 NME A 10 16.71 -10.60 2.33
H3 NME A 10 15.87 -9.79 1.01
C ACE B 1 12.60 -10.11 -11.93
O ACE B 1 13.14 -9.04 -11.97
CH3 ACE B 1 11.50 -10.40 -12.85
H1 ACE B 1 11.71 -11.30 -13.42
H2 ACE B 1 10.57 -10.51 -12.29
H3 ACE B 1 11.37 -9.57 -13.54
C 40G B 2 8.78 -12.82 -8.48
N1 40G B 2 11.74 -6.62 -4.08
C2 40G B 2 11.85 -7.93 -4.14
N2 40G B 2 11.86 -8.53 -3.02
N3 40G B 2 11.93 -8.65 -5.23
C4 40G B 2 11.89 -7.88 -6.34
C5 40G B 2 11.80 -6.52 -6.40
C6 40G B 2 11.71 -5.82 -5.18
O6 40G B 2 11.66 -4.62 -4.96
N7 40G B 2 11.80 -6.08 -7.73
C8 40G B 2 11.90 -7.18 -8.41
N9 40G B 2 11.99 -8.31 -7.63
N 40G B 2 12.98 -10.97 -11.06
O 40G B 2 7.65 -13.19 -8.74
CA 40G B 2 12.38 -12.21 -10.85
C2M 40G B 2 13.41 -13.20 -11.21
C3' 40G B 2 12.00 -12.32 -9.41
N4' 40G B 2 10.82 -11.52 -9.10
C5' 40G B 2 9.57 -12.11 -9.56
C7' 40G B 2 10.81 -10.33 -8.49
O7' 40G B 2 9.77 -9.76 -8.23
C8' 40G B 2 12.15 -9.70 -8.08
HN1 40G B 2 11.73 -6.17 -3.18
H8 40G B 2 11.93 -7.21 -9.49
H 40G B 2 13.79 -10.74 -10.50
HA 40G B 2 11.51 -12.39 -11.47
HN2 40G B 2 11.94 -9.53 -3.02
HN2A 40G B 2 11.76 -8.00 -2.16
H13' 40G B 2 11.77 -13.37 -9.19
H23' 40G B 2 12.85 -12.06 -8.77
H15' 40G B 2 9.75 -12.84 -10.34
H25' 40G B 2 8.93 -11.33 -9.98
H18' 40G B 2 12.59 -10.29 -7.28
H28' 40G B 2 12.83 -9.70 -8.93
H2M 40G B 2 13.03 -14.21 -11.00
H2MA 40G B 2 13.63 -13.13 -12.27
H2MB 40G B 2 14.33 -13.04 -10.64
C 40G B 3 4.95 -13.19 -4.55
N1 40G B 3 8.36 -6.15 -2.05
C2 40G B 3 8.34 -7.42 -1.70
N2 40G B 3 8.20 -7.64 -0.44
N3 40G B 3 8.35 -8.45 -2.52
C4 40G B 3 8.38 -8.07 -3.80
C5 40G B 3 8.38 -6.79 -4.29
C6 40G B 3 8.40 -5.73 -3.33
O6 40G B 3 8.43 -4.52 -3.51
N7 40G B 3 8.33 -6.79 -5.69
C8 40G B 3 8.31 -8.05 -5.98
N9 40G B 3 8.43 -8.88 -4.91
N 40G B 3 9.33 -13.05 -7.30
O 40G B 3 3.94 -13.86 -4.72
CA 40G B 3 8.77 -13.97 -6.36
C2M 40G B 3 9.87 -14.91 -5.96
C3' 40G B 3 8.25 -13.26 -5.11
N4' 40G B 3 7.14 -12.33 -5.40
C5' 40G B 3 5.88 -12.99 -5.73
C7' 40G B 3 7.19 -11.00 -5.27
O7' 40G B 3 6.18 -10.31 -5.39
C8' 40G B 3 8.53 -10.34 -4.92
HN1 40G B 3 8.31 -5.44 -1.34
H8 40G B 3 8.25 -8.41 -7.00
H 40G B 3 10.27 -12.73 -7.12
HA 40G B 3 7.98 -14.56 -6.81
HN2 40G B 3 8.14 -8.60 -0.15
HN2A 40G B 3 8.08 -6.87 0.20
H13' 40G B 3 7.89 -14.03 -4.42
H23' 40G B 3 9.09 -12.77 -4.62
H15' 40G B 3 6.05 -13.96 -6.19
H25' 40G B 3 5.34 -12.38 -6.47
H18' 40G B 3 8.85 -10.69 -3.94
H28' 40G B 3 9.28 -10.64 -5.66
H2M 40G B 3 10.25 -15.42 -6.84
H2MA 40G B 3 10.69 -14.36 -5.48
H2MB 40G B 3 9.49 -15.64 -5.26
C 40C B 4 0.79 -11.48 -1.28
N1 40C B 4 4.81 -7.77 -2.57
C2 40C B 4 4.85 -6.76 -1.61
O2 40C B 4 4.74 -7.01 -0.42
N3 40C B 4 4.97 -5.47 -1.94
C4 40C B 4 5.01 -5.20 -3.21
N4 40C B 4 5.16 -3.96 -3.50
C5 40C B 4 4.91 -6.14 -4.23
C6 40C B 4 4.80 -7.44 -3.89
N 40C B 4 5.29 -12.73 -3.36
O 40C B 4 -0.30 -12.00 -1.43
CA 40C B 4 4.63 -13.17 -2.17
C2M 40C B 4 5.66 -13.94 -1.38
C3' 40C B 4 4.14 -11.98 -1.34
N4' 40C B 4 3.18 -11.13 -2.04
C5' 40C B 4 1.86 -11.76 -2.30
C7' 40C B 4 3.38 -9.84 -2.37
O7' 40C B 4 2.48 -9.14 -2.82
C8' 40C B 4 4.76 -9.23 -2.18
H5 40C B 4 4.92 -5.86 -5.28
H6 40C B 4 4.72 -8.21 -4.64
H 40C B 4 6.14 -12.20 -3.26
HA 40C B 4 3.80 -13.83 -2.37
H13' 40C B 4 3.65 -12.39 -0.44
H23' 40C B 4 5.00 -11.43 -0.99
HN4 40C B 4 5.22 -3.68 -4.47
HN4A 40C B 4 5.27 -3.31 -2.73
H15' 40C B 4 1.95 -12.85 -2.38
H25' 40C B 4 1.48 -11.41 -3.27
H18' 40C B 4 5.47 -9.80 -2.76
H28' 40C B 4 5.02 -9.33 -1.13
H2M 40C B 4 5.21 -14.31 -0.46
H2MA 40C B 4 6.00 -14.80 -1.97
H2MB 40C B 4 6.51 -13.32 -1.13
C 40A B 5 -3.18 -8.07 1.23
N1 40A B 5 1.71 -1.97 -0.59
C2 40A B 5 1.37 -2.75 0.42
N3 40A B 5 1.20 -4.07 0.41
C4 40A B 5 1.40 -4.60 -0.82
C5 40A B 5 1.73 -3.92 -1.97
C6 40A B 5 1.90 -2.54 -1.78
N6 40A B 5 2.23 -1.69 -2.71
N7 40A B 5 1.79 -4.78 -3.07
C8 40A B 5 1.52 -5.95 -2.54
N9 40A B 5 1.33 -5.92 -1.18
N 40A B 5 1.08 -10.72 -0.24
O 40A B 5 -4.32 -8.46 1.41
CA 40A B 5 0.23 -10.67 0.92
C2M 40A B 5 0.98 -11.36 2.04
C3' 40A B 5 -0.08 -9.24 1.34
N4' 40A B 5 -0.87 -8.50 0.33
C5' 40A B 5 -2.30 -8.87 0.29
C7' 40A B 5 -0.42 -7.47 -0.42
O7' 40A B 5 -1.16 -6.84 -1.16
C8' 40A B 5 1.02 -7.07 -0.30
H3 40A B 5 1.22 -2.27 1.37
H8 40A B 5 1.47 -6.85 -3.13
H 40A B 5 2.00 -10.35 -0.15
HA 40A B 5 -0.71 -11.21 0.77
H13' 40A B 5 0.86 -8.74 1.57
H23' 40A B 5 -0.64 -9.28 2.26
H15' 40A B 5 -2.70 -8.73 -0.71
H25' 40A B 5 -2.44 -9.92 0.55
HN6 40A B 5 2.41 -2.02 -3.64
HN6A 40A B 5 2.39 -0.72 -2.45
H18' 40A B 5 1.62 -7.93 -0.56
H28' 40A B 5 1.19 -6.78 0.73
H2M 40A B 5 1.20 -12.40 1.76
H2MA 40A B 5 0.37 -11.38 2.94
H2MB 40A B 5 1.92 -10.84 2.25
C 40T B 6 -6.63 -3.91 2.72
N1 40T B 6 -1.98 -2.78 -0.30
C2 40T B 6 -1.86 -1.39 -0.15
O2 40T B 6 -2.08 -0.79 0.90
N3 40T B 6 -1.48 -0.68 -1.23
C4 40T B 6 -1.29 -1.20 -2.47
O4 40T B 6 -0.98 -0.41 -3.35
C5 40T B 6 -1.47 -2.64 -2.60
C6 40T B 6 -1.81 -3.38 -1.51
C7 40T B 6 -1.30 -3.34 -3.94
N 40T B 6 -2.65 -7.05 1.88
O 40T B 6 -7.82 -4.05 2.52
CA 40T B 6 -3.22 -6.61 3.13
C2M 40T B 6 -2.27 -7.02 4.22
C3' 40T B 6 -3.42 -5.09 3.18
N4' 40T B 6 -4.27 -4.58 2.09
C5' 40T B 6 -5.69 -4.96 2.19
C7' 40T B 6 -3.83 -3.87 1.03
O7' 40T B 6 -4.60 -3.43 0.18
C8' 40T B 6 -2.33 -3.61 0.89
HN3 40T B 6 -1.37 0.31 -1.12
H6 40T B 6 -1.94 -4.46 -1.61
H 40T B 6 -1.69 -6.82 1.72
HA 40T B 6 -4.17 -7.09 3.33
H13' 40T B 6 -2.44 -4.62 3.18
H23' 40T B 6 -3.89 -4.85 4.12
H15' 40T B 6 -6.06 -5.25 1.21
H25' 40T B 6 -5.82 -5.82 2.84
H7 40T B 6 -0.30 -3.13 -4.33
H7A 40T B 6 -1.43 -4.42 -3.84
H7B 40T B 6 -2.03 -2.96 -4.65
HXT' 40T B 6 -1.83 -4.58 0.82
H28' 40T B 6 -1.98 -3.12 1.80
H2M 40T B 6 -1.29 -6.56 4.07
H2MA 40T B 6 -2.15 -8.10 4.22
H2MB 40T B 6 -2.67 -6.71 5.19
C 40G B 7 -10.05 0.42 2.23
N1 40G B 7 -4.11 3.64 -1.93
C2 40G B 7 -4.55 3.66 -0.68
N2 40G B 7 -4.65 4.82 -0.15
N3 40G B 7 -4.92 2.61 0.02
C4 40G B 7 -4.84 1.46 -0.70
C5 40G B 7 -4.42 1.32 -1.99
C6 40G B 7 -3.98 2.50 -2.67
O6 40G B 7 -3.54 2.65 -3.79
N7 40G B 7 -4.55 -0.01 -2.42
C8 40G B 7 -5.05 -0.61 -1.37
N9 40G B 7 -5.18 0.20 -0.28
N 40G B 7 -6.15 -2.88 3.40
O 40G B 7 -11.27 0.32 2.30
CA 40G B 7 -6.99 -2.03 4.19
C2M 40G B 7 -6.35 -1.92 5.55
C3' 40G B 7 -7.11 -0.63 3.58
N4' 40G B 7 -7.77 -0.64 2.27
C5' 40G B 7 -9.22 -0.84 2.32
C7' 40G B 7 -7.17 -0.42 1.09
O7' 40G B 7 -7.81 -0.38 0.04
C8' 40G B 7 -5.66 -0.17 1.06
HN1 40G B 7 -3.86 4.51 -2.37
H8 40G B 7 -5.30 -1.66 -1.36
H 40G B 7 -5.15 -2.82 3.54
HA 40G B 7 -7.99 -2.46 4.32
HN2 40G B 7 -4.98 4.87 0.80
HN2A 40G B 7 -4.41 5.66 -0.68
H13' 40G B 7 -7.71 -0.02 4.26
H23' 40G B 7 -6.12 -0.19 3.55
H15' 40G B 7 -9.50 -1.35 3.23
H25' 40G B 7 -9.52 -1.50 1.49
H18' 40G B 7 -5.41 0.63 1.76
H28' 40G B 7 -5.14 -1.07 1.40
H2M 40G B 7 -6.27 -2.91 5.99
H2MA 40G B 7 -5.36 -1.47 5.47
H2MB 40G B 7 -6.98 -1.30 6.19
C 40C B 8 -12.03 5.45 -0.60
N1 40C B 8 -7.66 3.05 -2.30
C2 40C B 8 -7.38 4.25 -2.95
O2 40C B 8 -7.62 5.32 -2.41
N3 40C B 8 -6.84 4.28 -4.17
C4 40C B 8 -6.64 3.15 -4.75
N4 40C B 8 -6.08 3.21 -5.89
C5 40C B 8 -6.98 1.90 -4.20
C6 40C B 8 -7.50 1.88 -2.97
N 40C B 8 -9.45 1.60 2.13
O 40C B 8 -13.15 5.91 -0.62
CA 40C B 8 -10.16 2.82 2.41
C2M 40C B 8 -9.73 3.25 3.80
C3' 40C B 8 -9.81 3.92 1.42
N4' 40C B 8 -10.40 3.68 0.10
C5' 40C B 8 -11.80 4.08 -0.01
C7' 40C B 8 -9.75 3.23 -0.98
O7' 40C B 8 -10.34 3.01 -2.03
C8' 40C B 8 -8.25 3.03 -0.93
H5 40C B 8 -6.82 0.98 -4.73
H6 40C B 8 -7.77 0.94 -2.50
H 40C B 8 -8.45 1.65 2.09
HA 40C B 8 -11.23 2.68 2.42
H13' 40C B 8 -10.20 4.86 1.80
H23' 40C B 8 -8.73 4.04 1.39
HN4 40C B 8 -5.85 2.35 -6.37
HN4A 40C B 8 -5.79 4.12 -6.21
H15' 40C B 8 -12.29 4.09 0.98
H25' 40C B 8 -12.35 3.37 -0.61
H18' 40C B 8 -8.04 2.10 -0.41
H28' 40C B 8 -7.80 3.85 -0.36
H2M 40C B 8 -8.65 3.45 3.82
H2MA 40C B 8 -10.25 4.17 4.07
H2MB 40C B 8 -9.98 2.49 4.52
C 40C B 9 -13.00 9.03 -5.07
N1 40C B 9 -9.88 5.03 -5.52
C2 40C B 9 -9.30 6.02 -6.33
O2 40C B 9 -9.36 7.21 -6.04
N3 40C B 9 -8.64 5.73 -7.45
C4 40C B 9 -8.59 4.47 -7.76
N4 40C B 9 -7.95 4.22 -8.84
C5 40C B 9 -9.15 3.43 -7.04
C6 40C B 9 -9.81 3.74 -5.91
N 40C B 9 -10.99 6.12 -1.05
O 40C B 9 -14.02 9.63 -5.33
CA 40C B 9 -11.08 7.52 -1.32
C2M 40C B 9 -10.05 8.15 -0.43
C3' 40C B 9 -10.75 7.86 -2.76
N4' 40C B 9 -11.77 7.39 -3.68
C5' 40C B 9 -12.92 8.26 -3.80
C7' 40C B 9 -11.71 6.28 -4.40
O7' 40C B 9 -12.57 5.98 -5.21
C8' 40C B 9 -10.56 5.35 -4.24
H5 40C B 9 -9.09 2.39 -7.36
H6 40C B 9 -10.27 2.96 -5.31
H 40C B 9 -10.08 5.72 -0.98
HA 40C B 9 -12.05 7.94 -1.06
H13' 40C B 9 -10.70 8.94 -2.83
H23' 40C B 9 -9.75 7.52 -3.02
HN4 40C B 9 -7.87 3.27 -9.15
HN4A 40C B 9 -7.52 5.00 -9.30
H15' 40C B 9 -12.94 8.99 -2.99
H25' 40C B 9 -13.83 7.67 -3.71
H18' 40C B 9 -11.00 4.45 -3.83
H28' 40C B 9 -9.83 5.69 -3.53
H2M 40C B 9 -10.03 9.22 -0.60
H2MA 40C B 9 -10.32 7.97 0.62
H2MB 40C B 9 -9.06 7.73 -0.63
N NME B 10 -12.00 9.02 -5.91
C NME B 10 -12.01 9.72 -7.17
H2 NME B 10 -12.55 9.13 -7.91
HN2 NME B 10 -11.17 8.50 -5.64
H1 NME B 10 -10.99 9.87 -7.52
H3 NME B 10 -12.49 10.69 -7.07
C ACE A 1 -8.10 15.84 -10.36
O ACE A 1 -9.08 15.19 -10.32
CH3 ACE A 1 -8.01 17.02 -9.51
H1 ACE A 1 -8.04 17.93 -10.13
H2 ACE A 1 -8.86 17.04 -8.83
H3 ACE A 1 -7.11 17.00 -8.93
C 40G A 2 -3.52 15.49 -8.42
N1 40G A 2 -7.37 8.15 -8.75
C2 40G A 2 -7.62 9.40 -8.41
N2 40G A 2 -8.35 9.52 -7.35
N3 40G A 2 -7.22 10.48 -9.01
C4 40G A 2 -6.45 10.18 -10.08
C5 40G A 2 -6.08 8.95 -10.51
C6 40G A 2 -6.60 7.83 -9.79
O6 40G A 2 -6.45 6.64 -10.01
N7 40G A 2 -5.27 9.03 -11.64
C8 40G A 2 -5.17 10.31 -11.84
N9 40G A 2 -5.88 11.07 -10.95
N 40G A 2 -7.16 15.49 -11.16
O 40G A 2 -2.67 16.24 -7.98
CA 40G A 2 -5.96 16.14 -11.26
C2M 40G A 2 -6.17 17.10 -12.37
C3' 40G A 2 -4.93 15.15 -11.65
N4' 40G A 2 -4.49 14.41 -10.49
C5' 40G A 2 -3.33 15.01 -9.83
C7' 40G A 2 -4.89 13.18 -10.17
O7' 40G A 2 -4.35 12.59 -9.25
C8' 40G A 2 -6.03 12.52 -10.93
HN1 40G A 2 -7.80 7.40 -8.24
H8 40G A 2 -4.60 10.74 -12.67
H 40G A 2 -7.36 14.73 -11.78
HA 40G A 2 -5.64 16.67 -10.36
HN2 40G A 2 -8.54 10.45 -7.03
HN2A 40G A 2 -8.67 8.69 -6.86
H13' 40G A 2 -4.08 15.70 -12.08
H23' 40G A 2 -5.28 14.53 -12.48
H15' 40G A 2 -2.95 15.85 -10.41
H25' 40G A 2 -2.53 14.26 -9.81
H18' 40G A 2 -6.96 12.79 -10.47
H28' 40G A 2 -6.06 12.84 -11.98
H2M 40G A 2 -6.44 16.59 -13.29
H2MA 40G A 2 -6.95 17.83 -12.13
H2MB 40G A 2 -5.24 17.66 -12.54
C 40G A 3 -2.49 14.29 -3.15
N1 40G A 3 -5.98 6.90 -5.19
C2 40G A 3 -6.29 7.99 -4.51
N2 40G A 3 -6.92 7.78 -3.41
N3 40G A 3 -5.93 9.22 -4.78
C4 40G A 3 -5.16 9.27 -5.89
C5 40G A 3 -4.74 8.23 -6.67
C6 40G A 3 -5.21 6.93 -6.30
O6 40G A 3 -4.99 5.85 -6.84
N7 40G A 3 -3.91 8.67 -7.68
C8 40G A 3 -3.88 9.97 -7.52
N9 40G A 3 -4.66 10.39 -6.48
N 40G A 3 -4.58 15.16 -7.71
O 40G A 3 -1.65 14.95 -2.55
CA 40G A 3 -4.82 15.71 -6.41
C2M 40G A 3 -6.12 16.46 -6.49
C3' 40G A 3 -4.95 14.62 -5.36
N4' 40G A 3 -3.74 13.79 -5.25
C5' 40G A 3 -2.59 14.45 -4.65
C7' 40G A 3 -3.69 12.47 -5.51
O7' 40G A 3 -2.68 11.80 -5.28
C8' 40G A 3 -4.93 11.78 -6.08
HN1 40G A 3 -6.28 6.00 -4.85
H8 40G A 3 -3.32 10.63 -8.15
H 40G A 3 -5.25 14.53 -8.09
HA 40G A 3 -4.05 16.41 -6.10
HN2 40G A 3 -7.12 8.58 -2.84
HN2A 40G A 3 -7.15 6.84 -3.12
H13' 40G A 3 -5.12 15.10 -4.39
H23' 40G A 3 -5.84 14.04 -5.57
H15' 40G A 3 -2.60 15.53 -4.86
H25' 40G A 3 -1.67 14.06 -5.10
H18' 40G A 3 -5.71 11.80 -5.31
H28' 40G A 3 -5.30 12.33 -6.94
H2M 40G A 3 -6.40 16.82 -5.49
H2MA 40G A 3 -5.99 17.34 -7.12
H2MB 40G A 3 -6.93 15.83 -6.87
C 40C A 4 -0.71 11.40 1.30
N1 40C A 4 -2.98 8.44 -2.93
C2 40C A 4 -3.49 7.22 -2.46
O2 40C A 4 -4.13 7.16 -1.42
N3 40C A 4 -3.30 6.07 -3.12
C4 40C A 4 -2.57 6.13 -4.20
N4 40C A 4 -2.42 5.02 -4.82
C5 40C A 4 -1.98 7.30 -4.70
C6 40C A 4 -2.19 8.45 -4.03
N 40C A 4 -3.34 13.49 -2.53
O 40C A 4 0.22 11.87 1.94
CA 40C A 4 -3.53 13.53 -1.11
C2M 40C A 4 -4.90 14.12 -0.88
C3' 40C A 4 -3.47 12.12 -0.50
N4' 40C A 4 -2.20 11.42 -0.74
C5' 40C A 4 -1.02 12.00 -0.05
C7' 40C A 4 -2.07 10.27 -1.44
O7' 40C A 4 -1.03 9.63 -1.44
C8' 40C A 4 -3.26 9.74 -2.22
H5 40C A 4 -1.36 7.29 -5.59
H6 40C A 4 -1.75 9.38 -4.39
H 40C A 4 -4.01 12.97 -3.06
HA 40C A 4 -2.80 14.16 -0.63
H13' 40C A 4 -3.60 12.24 0.58
H23' 40C A 4 -4.32 11.56 -0.86
HN4 40C A 4 -1.89 5.00 -5.67
HN4A 40C A 4 -2.89 4.21 -4.44
H15' 40C A 4 -1.13 13.07 0.10
H25' 40C A 4 -0.13 11.85 -0.66
H18' 40C A 4 -3.56 10.50 -2.94
H28' 40C A 4 -4.09 9.60 -1.52
H2M 40C A 4 -4.94 15.12 -1.31
H2MA 40C A 4 -5.68 13.50 -1.33
H2MB 40C A 4 -5.08 14.20 0.20
C 40A A 5 1.29 7.16 4.75
N1 40A A 5 -1.18 2.08 -0.93
C2 40A A 5 -1.55 2.58 0.22
N3 40A A 5 -1.50 3.84 0.62
C4 40A A 5 -1.00 4.65 -0.34
C5 40A A 5 -0.55 4.29 -1.58
C6 40A A 5 -0.68 2.92 -1.84
N6 40A A 5 -0.34 2.33 -2.95
N7 40A A 5 -0.04 5.40 -2.28
C8 40A A 5 -0.21 6.38 -1.43
N9 40A A 5 -0.83 6.03 -0.26
N 40A A 5 -1.49 10.44 1.77
O 40A A 5 2.08 7.39 5.65
CA 40A A 5 -1.47 10.05 3.16
C2M 40A A 5 -2.77 10.53 3.76
C3' 40A A 5 -1.36 8.54 3.31
N4' 40A A 5 -0.08 7.98 2.80
C5' 40A A 5 1.07 8.23 3.69
C7' 40A A 5 0.04 7.20 1.71
O7' 40A A 5 1.12 6.68 1.42
C8' 40A A 5 -1.16 6.91 0.89
H3 40A A 5 -1.95 1.87 0.94
H8 40A A 5 0.09 7.39 -1.65
H 40A A 5 -2.27 10.13 1.22
HA 40A A 5 -0.65 10.53 3.70
H13' 40A A 5 -2.22 8.08 2.83
H23' 40A A 5 -1.43 8.31 4.37
H15' 40A A 5 2.00 8.28 3.11
H25' 40A A 5 0.97 9.17 4.22
HN6 40A A 5 0.03 2.88 -3.70
HN6A 40A A 5 -0.52 1.34 -3.05
H18' 40A A 5 -1.57 7.85 0.55
H28' 40A A 5 -1.88 6.39 1.53
H2M 40A A 5 -2.80 10.27 4.82
H2MA 40A A 5 -3.62 10.06 3.25
H2MB 40A A 5 -2.86 11.61 3.67
C 40T A 6 3.52 2.54 6.91
N1 40T A 6 1.58 2.48 1.59
C2 40T A 6 1.51 1.10 1.35
O2 40T A 6 1.12 0.28 2.15
N3 40T A 6 1.90 0.68 0.13
C4 40T A 6 2.41 1.46 -0.85
O4 40T A 6 2.73 0.90 -1.90
C5 40T A 6 2.52 2.88 -0.54
C6 40T A 6 2.09 3.35 0.66
C7 40T A 6 3.08 3.87 -1.55
N 40T A 6 0.55 6.07 4.69
O 40T A 6 4.59 2.63 7.48
CA 40T A 6 0.29 5.30 5.88
C2M 40T A 6 -1.16 5.50 6.22
C3' 40T A 6 0.57 3.80 5.68
N4' 40T A 6 1.93 3.51 5.19
C5' 40T A 6 3.00 3.76 6.18
C7' 40T A 6 2.23 3.10 3.94
O7' 40T A 6 3.38 2.82 3.62
C8' 40T A 6 1.12 3.00 2.90
HN3 40T A 6 1.82 -0.31 -0.05
H6 40T A 6 2.17 4.40 0.89
H 40T A 6 -0.10 5.97 3.94
HA 40T A 6 0.89 5.65 6.72
H13' 40T A 6 -0.20 3.40 5.02
H23' 40T A 6 0.42 3.32 6.64
H15' 40T A 6 3.84 4.23 5.69
H25' 40T A 6 2.67 4.45 6.95
H7 40T A 6 2.52 3.82 -2.47
H7A 40T A 6 3.05 4.89 -1.17
H7B 40T A 6 4.12 3.61 -1.77
HXT' 40T A 6 0.69 3.99 2.77
H28' 40T A 6 0.34 2.35 3.30
H2M 40T A 6 -1.40 4.94 7.13
H2MA 40T A 6 -1.79 5.15 5.40
H2MB 40T A 6 -1.35 6.56 6.40
C 40G A 7 6.86 -1.85 7.44
N1 40G A 7 4.81 -3.54 0.11
C2 40G A 7 4.42 -3.85 1.34
N2 40G A 7 4.31 -5.11 1.59
N3 40G A 7 4.22 -3.00 2.33
C4 40G A 7 4.47 -1.72 1.95
C5 40G A 7 4.88 -1.28 0.72
C6 40G A 7 5.03 -2.27 -0.29
O6 40G A 7 5.35 -2.14 -1.48
N7 40G A 7 5.13 0.10 0.75
C8 40G A 7 4.85 0.43 1.98
N9 40G A 7 4.38 -0.61 2.73
N 40G A 7 2.81 1.42 6.89
O 40G A 7 7.74 -1.91 8.27
CA 40G A 7 3.10 0.34 7.79
C2M 40G A 7 1.80 -0.03 8.46
C3' 40G A 7 3.64 -0.88 7.05
N4' 40G A 7 4.93 -0.63 6.42
C5' 40G A 7 6.06 -0.57 7.34
C7' 40G A 7 5.14 -0.48 5.09
O7' 40G A 7 6.27 -0.30 4.64
C8' 40G A 7 3.95 -0.57 4.15
HN1 40G A 7 4.93 -4.29 -0.55
H8 40G A 7 4.95 1.44 2.35
H 40G A 7 1.94 1.42 6.41
HA 40G A 7 3.80 0.64 8.57
HN2 40G A 7 4.01 -5.36 2.52
HN2A 40G A 7 4.50 -5.79 0.87
H13' 40G A 7 3.77 -1.69 7.78
H23' 40G A 7 2.88 -1.23 6.34
H15' 40G A 7 5.73 -0.32 8.34
H25' 40G A 7 6.75 0.22 7.03
H18' 40G A 7 3.40 -1.48 4.36
H28' 40G A 7 3.29 0.28 4.31
H2M 40G A 7 1.40 0.83 8.99
H2MA 40G A 7 1.07 -0.36 7.72
H2MB 40G A 7 1.97 -0.84 9.17
C 40C A 8 10.61 -6.04 5.16
N1 40C A 8 7.90 -3.03 1.90
C2 40C A 8 8.16 -4.09 1.03
O2 40C A 8 8.19 -5.25 1.42
N3 40C A 8 8.41 -3.90 -0.28
C4 40C A 8 8.44 -2.67 -0.68
N4 40C A 8 8.62 -2.51 -1.93
C5 40C A 8 8.31 -1.55 0.14
C6 40C A 8 8.05 -1.76 1.45
N 40C A 8 6.55 -2.88 6.67
O 40C A 8 11.59 -6.55 5.68
CA 40C A 8 7.04 -4.20 6.99
C2M 40C A 8 5.87 -4.92 7.59
C3' 40C A 8 7.50 -4.95 5.75
N4' 40C A 8 8.72 -4.39 5.20
C5' 40C A 8 9.95 -4.87 5.86
C7' 40C A 8 8.80 -3.57 4.14
O7' 40C A 8 9.86 -3.08 3.79
C8' 40C A 8 7.56 -3.27 3.33
H5 40C A 8 8.40 -0.54 -0.23
H6 40C A 8 7.91 -0.92 2.13
H 40C A 8 5.81 -2.81 6.00
HA 40C A 8 7.85 -4.18 7.71
H13' 40C A 8 7.69 -5.98 6.05
H23' 40C A 8 6.68 -5.00 5.04
HN4 40C A 8 8.62 -1.58 -2.31
HN4A 40C A 8 8.65 -3.33 -2.52
H15' 40C A 8 9.75 -5.18 6.87
H25' 40C A 8 10.68 -4.07 5.91
H18' 40C A 8 7.06 -2.42 3.77
H28' 40C A 8 6.89 -4.12 3.34
H2M 40C A 8 5.56 -4.43 8.51
H2MA 40C A 8 5.04 -4.97 6.90
H2MB 40C A 8 6.18 -5.94 7.85
C 40C A 9 14.34 -8.43 1.34
N1 40C A 9 11.76 -4.17 0.33
C2 40C A 9 11.80 -4.98 -0.82
O2 40C A 9 11.81 -6.20 -0.73
N3 40C A 9 11.85 -4.48 -2.05
C4 40C A 9 11.85 -3.20 -2.15
N4 40C A 9 11.89 -2.76 -3.36
C5 40C A 9 11.84 -2.31 -1.08
C6 40C A 9 11.79 -2.82 0.16
N 40C A 9 10.10 -6.49 4.05
O 40C A 9 15.27 -9.16 1.55
CA 40C A 9 10.45 -7.77 3.50
C2M 40C A 9 9.15 -8.52 3.38
C3' 40C A 9 11.10 -7.64 2.13
N4' 40C A 9 12.44 -7.05 2.20
C5' 40C A 9 13.49 -8.03 2.51
C7' 40C A 9 12.75 -5.76 1.98
O7' 40C A 9 13.91 -5.36 1.99
C8' 40C A 9 11.67 -4.74 1.71
H5 40C A 9 11.87 -1.23 -1.22
H6 40C A 9 11.77 -2.17 1.03
H 40C A 9 9.28 -6.05 3.67
HA 40C A 9 11.10 -8.34 4.16
H13' 40C A 9 11.18 -8.63 1.69
H23' 40C A 9 10.45 -7.08 1.46
HN4 40C A 9 11.89 -1.77 -3.52
HN4A 40C A 9 11.83 -3.45 -4.09
H15' 40C A 9 13.06 -8.95 2.91
H25' 40C A 9 14.15 -7.62 3.26
H18' 40C A 9 11.83 -3.94 2.44
H28' 40C A 9 10.69 -5.13 1.87
H2M 40C A 9 8.69 -8.62 4.37
H2MA 40C A 9 8.45 -8.00 2.72
H2MB 40C A 9 9.34 -9.52 2.98
N NME A 10 14.10 -8.01 0.13
C NME A 10 14.90 -8.31 -1.04
H2 NME A 10 15.03 -7.40 -1.64
HN2 NME A 10 13.28 -7.43 0.00
H1 NME A 10 14.39 -9.06 -1.66
H3 NME A 10 15.89 -8.69 -0.77
C ACE B 1 12.77 -10.91 -11.30
O ACE B 1 13.24 -9.83 -11.43
CH3 ACE B 1 11.73 -11.37 -12.22
H1 ACE B 1 11.40 -10.51 -12.82
H2 ACE B 1 12.15 -12.14 -12.88
H3 ACE B 1 10.86 -11.73 -11.66
C 40G B 2 9.00 -13.57 -7.76
N1 40G B 2 11.74 -6.48 -4.12
C2 40G B 2 11.87 -7.78 -3.94
N2 40G B 2 11.87 -8.16 -2.72
N3 40G B 2 11.95 -8.69 -4.87
C4 40G B 2 11.88 -8.16 -6.11
C5 40G B 2 11.75 -6.83 -6.43
C6 40G B 2 11.68 -5.91 -5.35
O6 40G B 2 11.59 -4.69 -5.38
N7 40G B 2 11.71 -6.65 -7.80
C8 40G B 2 11.84 -7.86 -8.27
N9 40G B 2 11.96 -8.82 -7.30
N 40G B 2 13.18 -11.66 -10.35
O 40G B 2 7.92 -14.06 -8.04
CA 40G B 2 12.67 -12.92 -10.05
C2M 40G B 2 13.79 -13.85 -10.29
C3' 40G B 2 12.22 -12.96 -8.62
N4' 40G B 2 11.00 -12.21 -8.44
C5' 40G B 2 9.80 -12.92 -8.87
C7' 40G B 2 10.91 -10.98 -7.91
O7' 40G B 2 9.81 -10.44 -7.76
C8' 40G B 2 12.18 -10.26 -7.48
HN1 40G B 2 11.75 -5.85 -3.33
H8 40G B 2 11.86 -8.10 -9.32
H 40G B 2 13.96 -11.34 -9.79
HA 40G B 2 11.86 -13.26 -10.69
HN2 40G B 2 11.94 -9.14 -2.54
HN2A 40G B 2 11.80 -7.47 -1.98
H13' 40G B 2 12.05 -14.00 -8.34
H23' 40G B 2 13.03 -12.62 -7.96
H15' 40G B 2 10.06 -13.71 -9.58
H25' 40G B 2 9.13 -12.22 -9.39
H18' 40G B 2 12.52 -10.70 -6.54
H28' 40G B 2 12.96 -10.39 -8.21
H2M 40G B 2 14.65 -13.61 -9.65
H2MA 40G B 2 13.48 -14.88 -10.07
H2MB 40G B 2 14.10 -13.80 -11.34
C 40G B 3 5.01 -13.54 -4.07
N1 40G B 3 8.48 -6.19 -2.03
C2 40G B 3 8.47 -7.43 -1.56
N2 40G B 3 8.38 -7.52 -0.28
N3 40G B 3 8.44 -8.53 -2.27
C4 40G B 3 8.43 -8.28 -3.60
C5 40G B 3 8.42 -7.06 -4.20
C6 40G B 3 8.48 -5.91 -3.36
O6 40G B 3 8.51 -4.73 -3.65
N7 40G B 3 8.32 -7.19 -5.59
C8 40G B 3 8.31 -8.49 -5.76
N9 40G B 3 8.44 -9.20 -4.60
N 40G B 3 9.49 -13.61 -6.54
O 40G B 3 4.00 -14.20 -4.25
CA 40G B 3 8.90 -14.43 -5.51
C2M 40G B 3 10.00 -15.29 -4.96
C3' 40G B 3 8.32 -13.59 -4.39
N4' 40G B 3 7.23 -12.72 -4.83
C5' 40G B 3 6.00 -13.42 -5.19
C7' 40G B 3 7.26 -11.38 -4.82
O7' 40G B 3 6.25 -10.71 -5.05
C8' 40G B 3 8.56 -10.66 -4.45
HN1 40G B 3 8.47 -5.42 -1.39
H8 40G B 3 8.23 -8.95 -6.73
H 40G B 3 10.40 -13.20 -6.35
HA 40G B 3 8.14 -15.09 -5.91
HN2 40G B 3 8.30 -8.45 0.09
HN2A 40G B 3 8.31 -6.69 0.28
H13' 40G B 3 7.93 -14.27 -3.63
H23' 40G B 3 9.13 -13.03 -3.91
H15' 40G B 3 6.21 -14.43 -5.55
H25' 40G B 3 5.50 -12.89 -6.02
H18' 40G B 3 8.83 -10.90 -3.42
H28' 40G B 3 9.36 -11.02 -5.11
H2M 40G B 3 10.79 -14.67 -4.52
H2MA 40G B 3 9.60 -15.94 -4.19
H2MB 40G B 3 10.42 -15.90 -5.76
C 40C B 4 0.71 -11.64 -1.15
N1 40C B 4 4.82 -7.97 -2.39
C2 40C B 4 4.87 -6.93 -1.46
O2 40C B 4 4.79 -7.14 -0.26
N3 40C B 4 5.02 -5.65 -1.83
C4 40C B 4 5.05 -5.41 -3.11
N4 40C B 4 5.20 -4.18 -3.44
C5 40C B 4 4.94 -6.39 -4.10
C6 40C B 4 4.82 -7.67 -3.72
N 40C B 4 5.28 -12.99 -2.90
O 40C B 4 -0.37 -12.15 -1.36
CA 40C B 4 4.57 -13.35 -1.72
C2M 40C B 4 5.56 -14.08 -0.84
C3' 40C B 4 4.03 -12.13 -0.98
N4' 40C B 4 3.13 -11.30 -1.80
C5' 40C B 4 1.84 -11.94 -2.12
C7' 40C B 4 3.37 -10.02 -2.17
O7' 40C B 4 2.49 -9.32 -2.67
C8' 40C B 4 4.74 -9.41 -1.95
H5 40C B 4 4.96 -6.15 -5.16
H6 40C B 4 4.74 -8.48 -4.45
H 40C B 4 6.12 -12.46 -2.79
HA 40C B 4 3.75 -14.03 -1.92
H13' 40C B 4 3.50 -12.47 -0.11
H23' 40C B 4 4.89 -11.55 -0.62
HN4 40C B 4 5.25 -3.95 -4.41
HN4A 40C B 4 5.29 -3.51 -2.69
H15' 40C B 4 1.93 -13.02 -2.17
H25' 40C B 4 1.51 -11.62 -3.11
H18' 40C B 4 5.46 -10.01 -2.49
H28' 40C B 4 4.96 -9.48 -0.88
H2M 40C B 4 5.07 -14.39 0.09
H2MA 40C B 4 5.92 -14.97 -1.36
H2MB 40C B 4 6.41 -13.43 -0.60
C 40A B 5 -3.30 -8.16 1.28
N1 40A B 5 1.64 -2.11 -0.47
C2 40A B 5 1.29 -2.89 0.54
N3 40A B 5 1.14 -4.21 0.54
C4 40A B 5 1.38 -4.74 -0.69
C5 40A B 5 1.71 -4.08 -1.83
C6 40A B 5 1.85 -2.70 -1.65
N6 40A B 5 2.18 -1.84 -2.57
N7 40A B 5 1.81 -4.95 -2.93
C8 40A B 5 1.54 -6.11 -2.39
N9 40A B 5 1.31 -6.08 -1.04
N 40A B 5 0.96 -10.87 -0.11
O 40A B 5 -4.43 -8.57 1.51
CA 40A B 5 0.07 -10.82 1.01
C2M 40A B 5 0.75 -11.53 2.15
C3' 40A B 5 -0.24 -9.37 1.43
N4' 40A B 5 -0.99 -8.61 0.41
C5' 40A B 5 -2.43 -8.95 0.34
C7' 40A B 5 -0.50 -7.59 -0.32
O7' 40A B 5 -1.21 -6.91 -1.05
C8' 40A B 5 0.94 -7.22 -0.16
H3 40A B 5 1.12 -2.40 1.49
H8 40A B 5 1.51 -7.03 -2.97
H 40A B 5 1.88 -10.49 0.01
HA 40A B 5 -0.88 -11.33 0.81
H13' 40A B 5 0.70 -8.90 1.70
H23' 40A B 5 -0.84 -9.41 2.34
H15' 40A B 5 -2.81 -8.78 -0.66
H25' 40A B 5 -2.59 -10.01 0.56
HN6 40A B 5 2.38 -2.17 -3.50
HN6A 40A B 5 2.31 -0.86 -2.32
H18' 40A B 5 1.54 -8.09 -0.40
H28' 40A B 5 1.10 -6.94 0.88
H2M 40A B 5 0.96 -12.56 1.87
H2MA 40A B 5 0.10 -11.54 3.02
H2MB 40A B 5 1.69 -11.04 2.40
C 40T B 6 -6.75 -4.00 2.59
N1 40T B 6 -2.02 -2.85 -0.31
C2 40T B 6 -1.90 -1.46 -0.16
O2 40T B 6 -2.14 -0.86 0.88
N3 40T B 6 -1.52 -0.74 -1.23
C4 40T B 6 -1.29 -1.25 -2.46
O4 40T B 6 -0.94 -0.46 -3.34
C5 40T B 6 -1.45 -2.69 -2.60
C6 40T B 6 -1.80 -3.45 -1.52
C7 40T B 6 -1.23 -3.40 -3.93
N 40T B 6 -2.76 -7.13 1.91
O 40T B 6 -7.94 -4.17 2.37
CA 40T B 6 -3.32 -6.65 3.15
C2M 40T B 6 -2.34 -7.02 4.23
C3' 40T B 6 -3.54 -5.13 3.15
N4' 40T B 6 -4.36 -4.65 2.03
C5' 40T B 6 -5.78 -5.04 2.09
C7' 40T B 6 -3.88 -3.94 0.98
O7' 40T B 6 -4.64 -3.51 0.12
C8' 40T B 6 -2.39 -3.69 0.87
HN3 40T B 6 -1.42 0.24 -1.11
H6 40T B 6 -1.93 -4.52 -1.62
H 40T B 6 -1.82 -6.87 1.71
HA 40T B 6 -4.26 -7.13 3.38
H13' 40T B 6 -2.56 -4.64 3.18
H23' 40T B 6 -4.04 -4.87 4.09
H15' 40T B 6 -6.12 -5.34 1.09
H25' 40T B 6 -5.92 -5.91 2.73
H7 40T B 6 -1.92 -3.00 -4.67
H7A 40T B 6 -0.21 -3.19 -4.28
H7B 40T B 6 -1.36 -4.47 -3.85
HXT' 40T B 6 -1.89 -4.65 0.81
H28' 40T B 6 -2.06 -3.19 1.78
H2M 40T B 6 -2.72 -6.67 5.20
H2MA 40T B 6 -1.37 -6.56 4.05
H2MB 40T B 6 -2.23 -8.10 4.27
C 40G B 7 -10.12 0.38 2.03
N1 40G B 7 -4.18 3.60 -1.93
C2 40G B 7 -4.63 3.58 -0.69
N2 40G B 7 -4.75 4.74 -0.13
N3 40G B 7 -5.00 2.52 -0.01
C4 40G B 7 -4.88 1.39 -0.74
C5 40G B 7 -4.44 1.27 -2.03
C6 40G B 7 -4.02 2.48 -2.68
O6 40G B 7 -3.57 2.64 -3.81
N7 40G B 7 -4.54 -0.05 -2.48
C8 40G B 7 -5.03 -0.67 -1.45
N9 40G B 7 -5.20 0.12 -0.35
N 40G B 7 -6.29 -2.97 3.26
O 40G B 7 -11.34 0.30 2.12
CA 40G B 7 -7.15 -2.11 4.03
C2M 40G B 7 -6.55 -2.03 5.41
C3' 40G B 7 -7.26 -0.71 3.44
N4' 40G B 7 -7.87 -0.70 2.11
C5' 40G B 7 -9.31 -0.89 2.12
C7' 40G B 7 -7.22 -0.51 0.96
O7' 40G B 7 -7.83 -0.50 -0.12
C8' 40G B 7 -5.72 -0.28 0.98
HN1 40G B 7 -3.92 4.48 -2.35
H8 40G B 7 -5.27 -1.74 -1.45
H 40G B 7 -5.30 -2.89 3.41
HA 40G B 7 -8.15 -2.54 4.13
HN2 40G B 7 -5.08 4.75 0.82
HN2A 40G B 7 -4.51 5.58 -0.63
H13' 40G B 7 -7.86 -0.10 4.12
H23' 40G B 7 -6.25 -0.26 3.44
H15' 40G B 7 -9.63 -1.40 3.03
H25' 40G B 7 -9.60 -1.54 1.28
H18' 40G B 7 -5.48 0.52 1.68
H28' 40G B 7 -5.21 -1.18 1.30
H2M 40G B 7 -7.18 -1.41 6.05
H2MA 40G B 7 -6.48 -3.02 5.85
H2MB 40G B 7 -5.55 -1.59 5.38
C 40C B 8 -11.96 5.43 -0.92
N1 40C B 8 -7.66 2.93 -2.54
C2 40C B 8 -7.40 4.18 -3.10
O2 40C B 8 -7.69 5.22 -2.53
N3 40C B 8 -6.80 4.30 -4.29
C4 40C B 8 -6.55 3.19 -4.93
N4 40C B 8 -5.97 3.33 -6.05
C5 40C B 8 -6.88 1.92 -4.47
C6 40C B 8 -7.45 1.81 -3.26
N 40C B 8 -9.51 1.54 1.89
O 40C B 8 -13.08 5.93 -0.97
CA 40C B 8 -10.19 2.77 2.14
C2M 40C B 8 -9.75 3.22 3.52
C3' 40C B 8 -9.83 3.85 1.13
N4' 40C B 8 -10.42 3.59 -0.19
C5' 40C B 8 -11.80 4.05 -0.31
C7' 40C B 8 -9.78 3.07 -1.24
O7' 40C B 8 -10.36 2.83 -2.29
C8' 40C B 8 -8.29 2.84 -1.18
H5 40C B 8 -6.68 1.03 -5.05
H6 40C B 8 -7.72 0.84 -2.84
H 40C B 8 -8.50 1.57 1.82
HA 40C B 8 -11.27 2.65 2.15
H13' 40C B 8 -10.21 4.80 1.50
H23' 40C B 8 -8.74 3.95 1.11
HN4 40C B 8 -5.70 2.52 -6.57
HN4A 40C B 8 -5.69 4.26 -6.32
H15' 40C B 8 -12.30 4.07 0.66
H25' 40C B 8 -12.37 3.36 -0.93
H18' 40C B 8 -8.12 1.86 -0.74
H28' 40C B 8 -7.81 3.59 -0.56
H2M 40C B 8 -8.67 3.38 3.54
H2MA 40C B 8 -10.25 4.15 3.78
H2MB 40C B 8 -10.02 2.46 4.25
C 40C B 9 -12.75 9.13 -5.36
N1 40C B 9 -9.84 4.98 -5.77
C2 40C B 9 -9.25 6.01 -6.48
O2 40C B 9 -9.34 7.18 -6.13
N3 40C B 9 -8.55 5.79 -7.59
C4 40C B 9 -8.46 4.57 -7.99
N4 40C B 9 -7.80 4.40 -9.05
C5 40C B 9 -9.06 3.47 -7.36
C6 40C B 9 -9.74 3.70 -6.24
N 40C B 9 -10.89 6.07 -1.32
O 40C B 9 -13.70 9.84 -5.60
CA 40C B 9 -10.89 7.47 -1.59
C2M 40C B 9 -9.82 8.05 -0.71
C3' 40C B 9 -10.56 7.79 -3.05
N4' 40C B 9 -11.63 7.39 -3.94
C5' 40C B 9 -12.72 8.36 -4.06
C7' 40C B 9 -11.68 6.24 -4.63
O7' 40C B 9 -12.59 5.99 -5.41
C8' 40C B 9 -10.59 5.21 -4.49
H5 40C B 9 -8.97 2.46 -7.74
H6 40C B 9 -10.22 2.89 -5.69
H 40C B 9 -9.99 5.63 -1.24
HA 40C B 9 -11.84 7.95 -1.32
H13' 40C B 9 -10.42 8.87 -3.13
H23' 40C B 9 -9.61 7.35 -3.33
HN4 40C B 9 -7.68 3.47 -9.42
HN4A 40C B 9 -7.33 5.21 -9.43
H15' 40C B 9 -12.67 9.10 -3.26
H25' 40C B 9 -13.68 7.86 -3.96
H18' 40C B 9 -11.10 4.30 -4.19
H28' 40C B 9 -9.90 5.45 -3.70
H2M 40C B 9 -8.85 7.62 -0.95
H2MA 40C B 9 -9.77 9.13 -0.84
H2MB 40C B 9 -10.06 7.85 0.34
N NME B 10 -11.76 9.01 -6.21
C NME B 10 -11.73 9.64 -7.51
H2 NME B 10 -12.13 8.95 -8.26
HN2 NME B 10 -10.98 8.41 -5.95
H1 NME B 10 -10.72 9.91 -7.80
H3 NME B 10 -12.34 10.55 -7.52
C ACE A 1 -9.99 16.37 -12.65
O ACE A 1 -10.85 15.90 -13.33
CH3 ACE A 1 -9.35 17.64 -13.09
H1 ACE A 1 -9.70 17.88 -14.10
H2 ACE A 1 -9.64 18.45 -12.43
H3 ACE A 1 -8.28 17.54 -13.13
C 40G A 2 -5.45 16.21 -8.24
N1 40G A 2 -7.93 8.54 -8.60
C2 40G A 2 -8.27 9.75 -8.20
N2 40G A 2 -8.82 9.81 -7.05
N3 40G A 2 -8.09 10.87 -8.87
C4 40G A 2 -7.47 10.65 -10.05
C5 40G A 2 -7.06 9.46 -10.56
C6 40G A 2 -7.30 8.30 -9.78
O6 40G A 2 -7.04 7.13 -10.02
N7 40G A 2 -6.48 9.63 -11.82
C8 40G A 2 -6.57 10.91 -12.02
N9 40G A 2 -7.17 11.59 -10.99
N 40G A 2 -9.65 15.75 -11.56
O 40G A 2 -4.62 16.96 -7.73
CA 40G A 2 -8.65 16.05 -10.61
C2M 40G A 2 -8.92 17.36 -9.94
C3' 40G A 2 -7.27 15.90 -11.23
N4' 40G A 2 -6.39 15.17 -10.32
C5' 40G A 2 -5.33 15.96 -9.72
C7' 40G A 2 -6.38 13.82 -10.22
O7' 40G A 2 -5.53 13.25 -9.54
C8' 40G A 2 -7.46 13.02 -10.94
HN1 40G A 2 -8.20 7.73 -8.05
H8 40G A 2 -6.21 11.40 -12.93
H 40G A 2 -10.19 14.92 -11.37
HA 40G A 2 -8.77 15.29 -9.84
HN2 40G A 2 -9.10 10.72 -6.72
HN2A 40G A 2 -8.99 8.96 -6.53
H13' 40G A 2 -6.87 16.90 -11.44
H23' 40G A 2 -7.33 15.40 -12.19
H15' 40G A 2 -5.26 16.94 -10.20
H25' 40G A 2 -4.38 15.46 -9.89
H18' 40G A 2 -8.42 13.16 -10.43
H28' 40G A 2 -7.57 13.37 -11.97
H2M 40G A 2 -8.59 18.20 -10.53
H2MA 40G A 2 -9.99 17.46 -9.72
H2MB 40G A 2 -8.37 17.38 -8.99
C 40G A 3 -3.20 14.63 -3.74
N1 40G A 3 -5.97 7.26 -5.15
C2 40G A 3 -6.30 8.33 -4.46
N2 40G A 3 -6.80 8.12 -3.30
N3 40G A 3 -6.11 9.58 -4.82
C4 40G A 3 -5.51 9.66 -6.04
C5 40G A 3 -5.09 8.63 -6.83
C6 40G A 3 -5.35 7.31 -6.36
O6 40G A 3 -5.08 6.24 -6.87
N7 40G A 3 -4.49 9.12 -7.99
C8 40G A 3 -4.62 10.41 -7.87
N9 40G A 3 -5.28 10.80 -6.74
N 40G A 3 -6.41 15.65 -7.52
O 40G A 3 -3.57 14.97 -2.63
CA 40G A 3 -6.61 15.98 -6.13
C2M 40G A 3 -8.07 16.36 -5.96
C3' 40G A 3 -6.30 14.78 -5.24
N4' 40G A 3 -4.95 14.27 -5.44
C5' 40G A 3 -3.89 15.16 -4.97
C7' 40G A 3 -4.64 13.11 -6.04
O7' 40G A 3 -3.47 12.80 -6.28
C8' 40G A 3 -5.76 12.14 -6.38
HN1 40G A 3 -6.18 6.35 -4.77
H8 40G A 3 -4.26 11.12 -8.63
H 40G A 3 -7.06 15.04 -7.96
HA 40G A 3 -6.01 16.82 -5.82
HN2 40G A 3 -7.01 8.92 -2.74
HN2A 40G A 3 -6.95 7.17 -2.97
H13' 40G A 3 -6.41 15.10 -4.19
H23' 40G A 3 -7.06 14.01 -5.40
H15' 40G A 3 -4.28 16.15 -4.72
H25' 40G A 3 -3.14 15.31 -5.76
H18' 40G A 3 -6.42 12.05 -5.53
H28' 40G A 3 -6.34 12.55 -7.21
H2M 40G A 3 -8.26 16.59 -4.91
H2MA 40G A 3 -8.27 17.25 -6.55
H2MB 40G A 3 -8.72 15.55 -6.28
C 40C A 4 -0.35 11.10 0.94
N1 40C A 4 -2.61 8.53 -3.48
C2 40C A 4 -3.20 7.39 -2.93
O2 40C A 4 -3.79 7.43 -1.86
N3 40C A 4 -3.13 6.18 -3.54
C4 40C A 4 -2.45 6.14 -4.64
N4 40C A 4 -2.40 5.00 -5.21
C5 40C A 4 -1.77 7.22 -5.22
C6 40C A 4 -1.86 8.41 -4.60
N 40C A 4 -2.20 13.80 -3.92
O 40C A 4 0.48 11.43 1.76
CA 40C A 4 -1.32 13.30 -2.92
C2M 40C A 4 -0.46 14.43 -2.43
C3' 40C A 4 -2.05 12.55 -1.80
N4' 40C A 4 -1.30 11.36 -1.40
C5' 40C A 4 -0.20 11.63 -0.47
C7' 40C A 4 -1.54 10.13 -1.86
O7' 40C A 4 -0.85 9.18 -1.52
C8' 40C A 4 -2.70 9.87 -2.81
H5 40C A 4 -1.18 7.12 -6.12
H6 40C A 4 -1.35 9.28 -5.01
H 40C A 4 -1.99 13.53 -4.87
HA 40C A 4 -0.67 12.59 -3.41
H13' 40C A 4 -2.20 13.22 -0.95
H23' 40C A 4 -3.05 12.29 -2.14
HN4 40C A 4 -1.88 4.90 -6.06
HN4A 40C A 4 -2.88 4.22 -4.77
H15' 40C A 4 -0.04 12.71 -0.34
H25' 40C A 4 0.72 11.21 -0.87
H18' 40C A 4 -2.71 10.65 -3.57
H28' 40C A 4 -3.62 9.95 -2.24
H2M 40C A 4 -1.03 15.10 -1.77
H2MA 40C A 4 0.41 14.04 -1.91
H2MB 40C A 4 -0.09 15.01 -3.28
C 40A A 5 1.13 7.25 4.40
N1 40A A 5 -0.98 1.76 -1.18
C2 40A A 5 -1.35 2.27 -0.02
N3 40A A 5 -1.35 3.54 0.34
C4 40A A 5 -0.88 4.35 -0.65
C5 40A A 5 -0.42 3.97 -1.88
C6 40A A 5 -0.52 2.58 -2.10
N6 40A A 5 -0.16 1.97 -3.21
N7 40A A 5 0.06 5.06 -2.60
C8 40A A 5 -0.16 6.06 -1.79
N9 40A A 5 -0.77 5.72 -0.61
N 40A A 5 -1.38 10.33 1.24
O 40A A 5 1.84 7.60 5.34
CA 40A A 5 -1.66 9.93 2.58
C2M 40A A 5 -3.08 10.35 2.89
C3' 40A A 5 -1.53 8.42 2.76
N4' 40A A 5 -0.22 7.88 2.36
C5' 40A A 5 0.90 8.24 3.27
C7' 40A A 5 -0.01 7.05 1.32
O7' 40A A 5 1.09 6.59 1.08
C8' 40A A 5 -1.18 6.62 0.50
H3 40A A 5 -1.72 1.57 0.71
H8 40A A 5 0.11 7.08 -2.03
H 40A A 5 -2.06 10.12 0.53
HA 40A A 5 -1.01 10.43 3.30
H13' 40A A 5 -2.35 7.94 2.23
H23' 40A A 5 -1.69 8.20 3.82
H15' 40A A 5 1.83 8.31 2.72
H25' 40A A 5 0.74 9.22 3.73
HN6 40A A 5 0.19 2.51 -3.97
HN6A 40A A 5 -0.35 0.98 -3.28
H18' 40A A 5 -1.67 7.50 0.11
H28' 40A A 5 -1.85 6.08 1.16
H2M 40A A 5 -3.33 10.07 3.92
H2MA 40A A 5 -3.78 9.87 2.20
H2MB 40A A 5 -3.17 11.44 2.78
C 40T A 6 3.59 2.77 6.78
N1 40T A 6 1.72 2.45 1.44
C2 40T A 6 1.64 1.07 1.21
O2 40T A 6 1.23 0.26 2.03
N3 40T A 6 2.04 0.61 0.00
C4 40T A 6 2.57 1.36 -0.99
O4 40T A 6 2.89 0.79 -2.02
C5 40T A 6 2.67 2.80 -0.70
C6 40T A 6 2.25 3.29 0.49
C7 40T A 6 3.24 3.76 -1.72
N 40T A 6 0.49 6.10 4.38
O 40T A 6 4.66 2.93 7.35
CA 40T A 6 0.26 5.36 5.59
C2M 40T A 6 -1.20 5.51 5.92
C3' 40T A 6 0.61 3.87 5.46
N4' 40T A 6 1.99 3.62 5.00
C5' 40T A 6 3.03 3.94 5.99
C7' 40T A 6 2.33 3.18 3.77
O7' 40T A 6 3.49 2.93 3.48
C8' 40T A 6 1.23 3.01 2.72
HN3 40T A 6 1.94 -0.37 -0.17
H6 40T A 6 2.32 4.35 0.69
H 40T A 6 -0.11 5.89 3.60
HA 40T A 6 0.83 5.77 6.43
H13' 40T A 6 -0.13 3.41 4.80
H23' 40T A 6 0.47 3.42 6.44
H15' 40T A 6 3.87 4.42 5.50
H25' 40T A 6 2.66 4.64 6.74
H7 40T A 6 3.21 4.79 -1.36
H7A 40T A 6 4.29 3.50 -1.93
H7B 40T A 6 2.68 3.69 -2.66
HXT' 40T A 6 0.78 3.99 2.54
H28' 40T A 6 0.47 2.36 3.13
H2M 40T A 6 -1.82 5.15 5.09
H2MA 40T A 6 -1.43 6.56 6.12
H2MB 40T A 6 -1.44 4.92 6.81
C 40G A 7 6.82 -1.85 7.57
N1 40G A 7 4.75 -3.63 0.28
C2 40G A 7 4.34 -3.88 1.51
N2 40G A 7 4.19 -5.12 1.80
N3 40G A 7 4.15 -2.99 2.47
C4 40G A 7 4.46 -1.73 2.05
C5 40G A 7 4.91 -1.35 0.82
C6 40G A 7 5.04 -2.38 -0.16
O6 40G A 7 5.40 -2.30 -1.33
N7 40G A 7 5.22 0.02 0.80
C8 40G A 7 4.94 0.40 2.02
N9 40G A 7 4.42 -0.60 2.81
N 40G A 7 2.92 1.64 6.84
O 40G A 7 7.70 -1.94 8.40
CA 40G A 7 3.22 0.63 7.81
C2M 40G A 7 1.94 0.36 8.57
C3' 40G A 7 3.69 -0.67 7.15
N4' 40G A 7 4.99 -0.52 6.49
C5' 40G A 7 6.14 -0.51 7.41
C7' 40G A 7 5.20 -0.48 5.16
O7' 40G A 7 6.34 -0.44 4.70
C8' 40G A 7 4.00 -0.50 4.22
HN1 40G A 7 4.89 -4.40 -0.35
H8 40G A 7 5.08 1.42 2.36
H 40G A 7 2.04 1.57 6.34
HA 40G A 7 3.97 0.96 8.53
HN2 40G A 7 3.88 -5.34 2.73
HN2A 40G A 7 4.39 -5.84 1.11
H13' 40G A 7 3.77 -1.42 7.94
H23' 40G A 7 2.91 -1.01 6.47
H15' 40G A 7 5.82 -0.18 8.40
H25' 40G A 7 6.88 0.20 7.05
H18' 40G A 7 3.38 -1.36 4.46
H28' 40G A 7 3.40 0.40 4.37
H2M 40G A 7 1.59 1.28 9.04
H2MA 40G A 7 1.17 -0.01 7.89
H2MB 40G A 7 2.12 -0.38 9.34
C 40C A 8 10.41 -6.16 5.70
N1 40C A 8 7.82 -3.42 2.02
C2 40C A 8 8.01 -4.49 1.13
O2 40C A 8 7.94 -5.66 1.52
N3 40C A 8 8.30 -4.30 -0.16
C4 40C A 8 8.44 -3.07 -0.54
N4 40C A 8 8.70 -2.90 -1.78
C5 40C A 8 8.37 -1.95 0.30
C6 40C A 8 8.05 -2.16 1.59
N 40C A 8 6.41 -2.90 6.87
O 40C A 8 11.38 -6.57 6.30
CA 40C A 8 6.77 -4.23 7.23
C2M 40C A 8 5.54 -4.86 7.83
C3' 40C A 8 7.23 -5.05 6.03
N4' 40C A 8 8.49 -4.56 5.47
C5' 40C A 8 9.69 -4.95 6.24
C7' 40C A 8 8.64 -3.88 4.32
O7' 40C A 8 9.72 -3.47 3.96
C8' 40C A 8 7.43 -3.66 3.45
H5 40C A 8 8.53 -0.95 -0.06
H6 40C A 8 7.97 -1.33 2.28
H 40C A 8 5.67 -2.79 6.20
HA 40C A 8 7.56 -4.25 7.99
H13' 40C A 8 7.37 -6.08 6.37
H23' 40C A 8 6.42 -5.07 5.31
HN4 40C A 8 8.79 -1.98 -2.14
HN4A 40C A 8 8.72 -3.73 -2.37
H15' 40C A 8 9.43 -5.16 7.27
H25' 40C A 8 10.41 -4.13 6.25
H18' 40C A 8 6.86 -2.83 3.84
H28' 40C A 8 6.79 -4.55 3.47
H2M 40C A 8 4.74 -4.88 7.10
H2MA 40C A 8 5.77 -5.88 8.14
H2MB 40C A 8 5.22 -4.29 8.70
C 40C A 9 14.06 -9.01 2.30
N1 40C A 9 11.59 -4.78 0.72
C2 40C A 9 11.70 -5.48 -0.48
O2 40C A 9 11.66 -6.70 -0.51
N3 40C A 9 11.87 -4.86 -1.64
C4 40C A 9 11.93 -3.57 -1.61
N4 40C A 9 12.07 -3.01 -2.74
C5 40C A 9 11.86 -2.79 -0.46
C6 40C A 9 11.69 -3.43 0.72
N 40C A 9 9.92 -6.77 4.65
O 40C A 9 14.34 -10.05 2.23
CA 40C A 9 10.31 -8.09 4.31
C2M 40C A 9 9.04 -8.89 4.36
C3' 40C A 9 10.90 -8.20 2.92
N4' 40C A 9 12.21 -7.57 2.85
C5' 40C A 9 13.28 -8.40 3.34
C7' 40C A 9 12.48 -6.37 2.39
O7' 40C A 9 13.62 -5.96 2.27
C8' 40C A 9 11.36 -5.46 2.01
H5 40C A 9 11.93 -1.71 -0.47
H6 40C A 9 11.62 -2.87 1.65
H 40C A 9 9.09 -6.40 4.21
HA 40C A 9 11.00 -8.52 5.04
H13' 40C A 9 11.02 -9.25 2.70
H23' 40C A 9 10.20 -7.83 2.18
HN4 40C A 9 12.12 -2.01 -2.80
HN4A 40C A 9 12.05 -3.60 -3.55
H15' 40C A 9 12.90 -9.20 3.98
H25' 40C A 9 13.95 -7.81 3.95
H18' 40C A 9 11.32 -4.75 2.82
H28' 40C A 9 10.40 -5.96 1.97
H2M 40C A 9 8.61 -8.83 5.35
H2MA 40C A 9 8.32 -8.51 3.63
H2MB 40C A 9 9.26 -9.94 4.14
N NME A 10 14.52 -8.61 1.32
C NME A 10 15.35 -9.36 0.38
H2 NME A 10 14.80 -10.17 -0.09
HN2 NME A 10 14.39 -7.62 1.14
H1 NME A 10 16.25 -9.75 0.86
H3 NME A 10 15.69 -8.69 -0.41
C ACE B 1 10.07 -6.86 -10.41
O ACE B 1 10.49 -6.07 -11.23
CH3 ACE B 1 9.30 -6.32 -9.25
H1 ACE B 1 9.96 -5.69 -8.66
H2 ACE B 1 8.49 -5.69 -9.64
H3 ACE B 1 8.84 -7.06 -8.61
C 40G B 2 9.15 -12.61 -7.68
N1 40G B 2 11.93 -6.54 -3.94
C2 40G B 2 12.05 -7.86 -3.88
N2 40G B 2 11.93 -8.37 -2.72
N3 40G B 2 12.26 -8.67 -4.89
C4 40G B 2 12.34 -7.99 -6.06
C5 40G B 2 12.22 -6.65 -6.24
C6 40G B 2 12.00 -5.85 -5.09
O6 40G B 2 11.90 -4.63 -5.00
N7 40G B 2 12.40 -6.32 -7.58
C8 40G B 2 12.63 -7.46 -8.14
N9 40G B 2 12.59 -8.53 -7.29
N 40G B 2 10.26 -8.14 -10.58
O 40G B 2 8.13 -11.95 -7.65
CA 40G B 2 9.89 -9.18 -9.68
C2M 40G B 2 8.57 -9.70 -10.15
C3' 40G B 2 10.97 -10.24 -9.74
N4' 40G B 2 10.94 -11.05 -8.54
C5' 40G B 2 10.24 -12.33 -8.70
C7' 40G B 2 11.74 -10.86 -7.47
O7' 40G B 2 11.57 -11.49 -6.44
C8' 40G B 2 12.93 -9.93 -7.56
HN1 40G B 2 11.84 -6.02 -3.08
H8 40G B 2 12.86 -7.57 -9.20
H 40G B 2 10.73 -8.43 -11.43
HA 40G B 2 9.84 -8.81 -8.65
HN2 40G B 2 12.02 -9.38 -2.65
HN2A 40G B 2 11.80 -7.78 -1.91
H13' 40G B 2 10.81 -10.84 -10.64
H23' 40G B 2 11.93 -9.76 -9.88
H15' 40G B 2 10.98 -13.13 -8.65
H25' 40G B 2 9.78 -12.40 -9.67
H18' 40G B 2 13.67 -10.24 -6.82
H28' 40G B 2 13.42 -10.01 -8.53
H2M 40G B 2 7.84 -8.88 -10.15
H2MA 40G B 2 8.65 -10.10 -11.15
H2MB 40G B 2 8.19 -10.46 -9.48
C 40G B 3 4.77 -13.49 -3.92
N1 40G B 3 8.49 -6.58 -1.94
C2 40G B 3 8.42 -7.80 -1.47
N2 40G B 3 8.19 -7.89 -0.20
N3 40G B 3 8.46 -8.91 -2.17
C4 40G B 3 8.60 -8.65 -3.50
C5 40G B 3 8.68 -7.43 -4.10
C6 40G B 3 8.63 -6.28 -3.25
O6 40G B 3 8.69 -5.10 -3.55
N7 40G B 3 8.77 -7.57 -5.49
C8 40G B 3 8.76 -8.87 -5.66
N9 40G B 3 8.69 -9.57 -4.50
N 40G B 3 9.34 -13.65 -6.91
O 40G B 3 3.72 -14.08 -4.01
CA 40G B 3 8.28 -14.37 -6.30
C2M 40G B 3 8.80 -15.77 -6.16
C3' 40G B 3 7.96 -13.86 -4.90
N4' 40G B 3 6.95 -12.80 -4.94
C5' 40G B 3 5.59 -13.29 -5.18
C7' 40G B 3 7.17 -11.51 -4.69
O7' 40G B 3 6.24 -10.70 -4.64
C8' 40G B 3 8.59 -11.04 -4.38
HN1 40G B 3 8.41 -5.79 -1.31
H8 40G B 3 8.80 -9.34 -6.63
H 40G B 3 10.24 -14.11 -6.95
HA 40G B 3 7.40 -14.38 -6.94
HN2 40G B 3 8.10 -8.82 0.17
HN2A 40G B 3 8.09 -7.07 0.36
H13' 40G B 3 7.57 -14.68 -4.30
H23' 40G B 3 8.88 -13.55 -4.40
H15' 40G B 3 5.61 -14.25 -5.71
H25' 40G B 3 5.06 -12.58 -5.82
H18' 40G B 3 8.87 -11.35 -3.37
H28' 40G B 3 9.29 -11.49 -5.09
H2M 40G B 3 8.02 -16.41 -5.74
H2MA 40G B 3 9.06 -16.17 -7.14
H2MB 40G B 3 9.67 -15.81 -5.51
C 40C B 4 0.80 -11.69 -0.68
N1 40C B 4 4.91 -8.12 -2.08
C2 40C B 4 4.93 -7.04 -1.18
O2 40C B 4 4.77 -7.21 0.02
N3 40C B 4 5.09 -5.77 -1.60
C4 40C B 4 5.18 -5.58 -2.88
N4 40C B 4 5.36 -4.37 -3.24
C5 40C B 4 5.08 -6.59 -3.84
C6 40C B 4 4.93 -7.86 -3.41
N 40C B 4 5.25 -13.06 -2.76
O 40C B 4 -0.30 -12.19 -0.84
CA 40C B 4 4.68 -13.46 -1.52
C2M 40C B 4 5.76 -14.18 -0.75
C3' 40C B 4 4.19 -12.26 -0.70
N4' 40C B 4 3.21 -11.42 -1.41
C5' 40C B 4 1.90 -12.04 -1.67
C7' 40C B 4 3.43 -10.14 -1.78
O7' 40C B 4 2.54 -9.45 -2.26
C8' 40C B 4 4.82 -9.53 -1.59
H5 40C B 4 5.12 -6.38 -4.90
H6 40C B 4 4.85 -8.68 -4.12
H 40C B 4 6.13 -12.57 -2.74
HA 40C B 4 3.85 -14.16 -1.65
H13' 40C B 4 3.71 -12.65 0.20
H23' 40C B 4 5.06 -11.69 -0.37
HN4 40C B 4 5.46 -4.17 -4.22
HN4A 40C B 4 5.44 -3.67 -2.53
H15' 40C B 4 1.98 -13.13 -1.67
H25' 40C B 4 1.54 -11.75 -2.65
H18' 40C B 4 5.54 -10.14 -2.14
H28' 40C B 4 5.06 -9.58 -0.53
H2M 40C B 4 5.37 -14.51 0.21
H2MA 40C B 4 6.09 -15.04 -1.32
H2MB 40C B 4 6.62 -13.51 -0.58
C 40A B 5 -3.21 -8.21 1.42
N1 40A B 5 1.69 -2.15 -0.58
C2 40A B 5 1.30 -2.88 0.45
N3 40A B 5 1.15 -4.19 0.52
C4 40A B 5 1.42 -4.79 -0.68
C5 40A B 5 1.80 -4.18 -1.84
C6 40A B 5 1.94 -2.78 -1.72
N6 40A B 5 2.31 -1.98 -2.67
N7 40A B 5 1.92 -5.10 -2.88
C8 40A B 5 1.64 -6.24 -2.30
N9 40A B 5 1.39 -6.14 -0.96
N 40A B 5 1.09 -10.90 0.35
O 40A B 5 -4.35 -8.62 1.62
CA 40A B 5 0.22 -10.76 1.46
C2M 40A B 5 0.93 -11.34 2.66
C3' 40A B 5 -0.12 -9.29 1.74
N4' 40A B 5 -0.86 -8.64 0.64
C5' 40A B 5 -2.28 -9.04 0.56
C7' 40A B 5 -0.38 -7.68 -0.17
O7' 40A B 5 -1.08 -7.10 -0.98
C8' 40A B 5 1.04 -7.24 0.00
H3 40A B 5 1.11 -2.34 1.38
H8 40A B 5 1.62 -7.19 -2.82
H 40A B 5 2.03 -10.55 0.44
HA 40A B 5 -0.71 -11.31 1.32
H13' 40A B 5 0.81 -8.76 1.97
H23' 40A B 5 -0.73 -9.25 2.64
H15' 40A B 5 -2.65 -8.95 -0.46
H25' 40A B 5 -2.43 -10.08 0.86
HN6 40A B 5 2.54 -2.35 -3.58
HN6A 40A B 5 2.44 -0.99 -2.45
H18' 40A B 5 1.68 -8.09 -0.18
H28' 40A B 5 1.16 -6.88 1.02
H2M 40A B 5 1.86 -10.80 2.85
H2MA 40A B 5 1.16 -12.40 2.47
H2MB 40A B 5 0.29 -11.27 3.53
C 40T B 6 -6.53 -3.60 2.88
N1 40T B 6 -1.96 -3.10 -0.49
C2 40T B 6 -1.85 -1.70 -0.37
O2 40T B 6 -2.05 -1.08 0.66
N3 40T B 6 -1.47 -1.02 -1.48
C4 40T B 6 -1.24 -1.56 -2.70
O4 40T B 6 -0.90 -0.80 -3.59
C5 40T B 6 -1.40 -3.01 -2.78
C6 40T B 6 -1.75 -3.73 -1.68
C7 40T B 6 -1.16 -3.75 -4.08
N 40T B 6 -2.75 -7.11 1.99
O 40T B 6 -7.74 -3.65 2.87
CA 40T B 6 -3.34 -6.59 3.17
C2M 40T B 6 -2.47 -7.00 4.34
C3' 40T B 6 -3.47 -5.06 3.16
N4' 40T B 6 -4.30 -4.54 2.07
C5' 40T B 6 -5.75 -4.74 2.27
C7' 40T B 6 -3.84 -3.93 0.96
O7' 40T B 6 -4.60 -3.42 0.14
C8' 40T B 6 -2.34 -3.89 0.72
HN3 40T B 6 -1.36 -0.03 -1.38
H6 40T B 6 -1.87 -4.80 -1.75
H 40T B 6 -1.79 -6.85 1.81
HA 40T B 6 -4.33 -7.00 3.34
H13' 40T B 6 -2.46 -4.63 3.14
H23' 40T B 6 -3.91 -4.76 4.11
H15' 40T B 6 -6.22 -4.97 1.31
H25' 40T B 6 -5.94 -5.61 2.91
H7 40T B 6 -0.12 -3.65 -4.38
H7A 40T B 6 -1.40 -4.81 -3.99
H7B 40T B 6 -1.79 -3.32 -4.86
HXT' 40T B 6 -1.98 -4.90 0.61
H28' 40T B 6 -1.85 -3.44 1.59
H2M 40T B 6 -2.29 -8.07 4.31
H2MA 40T B 6 -2.97 -6.76 5.28
H2MB 40T B 6 -1.51 -6.47 4.29
C 40G B 7 -9.65 0.82 2.50
N1 40G B 7 -3.92 3.74 -2.21
C2 40G B 7 -4.32 3.81 -0.94
N2 40G B 7 -4.38 5.01 -0.47
N3 40G B 7 -4.69 2.80 -0.18
C4 40G B 7 -4.65 1.63 -0.86
C5 40G B 7 -4.29 1.42 -2.16
C6 40G B 7 -3.85 2.57 -2.90
O6 40G B 7 -3.45 2.65 -4.05
N7 40G B 7 -4.47 0.09 -2.52
C8 40G B 7 -4.91 -0.46 -1.43
N9 40G B 7 -4.98 0.39 -0.37
N 40G B 7 -5.87 -2.59 3.44
O 40G B 7 -10.86 0.75 2.71
CA 40G B 7 -6.53 -1.64 4.30
C2M 40G B 7 -5.68 -1.51 5.54
C3' 40G B 7 -6.64 -0.25 3.65
N4' 40G B 7 -7.41 -0.28 2.40
C5' 40G B 7 -8.85 -0.46 2.57
C7' 40G B 7 -6.88 -0.14 1.17
O7' 40G B 7 -7.59 -0.17 0.16
C8' 40G B 7 -5.37 0.08 1.02
HN1 40G B 7 -3.67 4.58 -2.69
H8 40G B 7 -5.17 -1.52 -1.36
H 40G B 7 -4.86 -2.60 3.43
HA 40G B 7 -7.52 -1.99 4.60
HN2 40G B 7 -4.68 5.11 0.48
HN2A 40G B 7 -4.15 5.81 -1.04
H13' 40G B 7 -7.15 0.41 4.36
H23' 40G B 7 -5.64 0.15 3.52
H15' 40G B 7 -9.07 -0.92 3.53
H25' 40G B 7 -9.23 -1.13 1.79
H18' 40G B 7 -5.06 0.90 1.66
H28' 40G B 7 -4.85 -0.83 1.34
H2M 40G B 7 -4.69 -1.16 5.31
H2MA 40G B 7 -6.16 -0.82 6.24
H2MB 40G B 7 -5.61 -2.49 6.03
C 40C B 8 -11.61 5.86 -0.47
N1 40C B 8 -7.52 3.27 -2.38
C2 40C B 8 -7.25 4.52 -2.94
O2 40C B 8 -7.49 5.55 -2.34
N3 40C B 8 -6.71 4.65 -4.17
C4 40C B 8 -6.51 3.55 -4.83
N4 40C B 8 -5.95 3.69 -5.97
C5 40C B 8 -6.86 2.28 -4.38
C6 40C B 8 -7.37 2.16 -3.14
N 40C B 8 -9.04 1.97 2.27
O 40C B 8 -12.72 6.38 -0.43
CA 40C B 8 -9.69 3.23 2.53
C2M 40C B 8 -9.19 3.72 3.87
C3' 40C B 8 -9.35 4.26 1.46
N4' 40C B 8 -10.05 4.00 0.19
C5' 40C B 8 -11.43 4.50 0.17
C7' 40C B 8 -9.52 3.43 -0.90
O7' 40C B 8 -10.19 3.17 -1.88
C8' 40C B 8 -8.02 3.16 -0.98
H5 40C B 8 -6.71 1.40 -4.99
H6 40C B 8 -7.64 1.19 -2.73
H 40C B 8 -8.06 1.99 2.11
HA 40C B 8 -10.77 3.13 2.58
H13' 40C B 8 -9.67 5.24 1.82
H23' 40C B 8 -8.27 4.33 1.35
HN4 40C B 8 -5.74 2.88 -6.52
HN4A 40C B 8 -5.68 4.63 -6.25
H15' 40C B 8 -11.85 4.57 1.17
H25' 40C B 8 -12.08 3.80 -0.38
H18' 40C B 8 -7.85 2.17 -0.57
H28' 40C B 8 -7.48 3.88 -0.38
H2M 40C B 8 -8.11 3.86 3.84
H2MA 40C B 8 -9.67 4.66 4.12
H2MB 40C B 8 -9.43 2.98 4.64
C 40C B 9 -12.93 9.17 -5.02
N1 40C B 9 -9.88 5.16 -5.46
C2 40C B 9 -9.38 6.23 -6.21
O2 40C B 9 -9.52 7.39 -5.85
N3 40C B 9 -8.74 6.07 -7.36
C4 40C B 9 -8.59 4.85 -7.76
N4 40C B 9 -7.97 4.74 -8.88
C5 40C B 9 -9.09 3.71 -7.12
C6 40C B 9 -9.73 3.90 -5.94
N 40C B 9 -10.57 6.47 -0.99
O 40C B 9 -13.94 9.81 -5.17
CA 40C B 9 -10.57 7.86 -1.36
C2M 40C B 9 -9.38 8.48 -0.64
C3' 40C B 9 -10.42 8.05 -2.86
N4' 40C B 9 -11.59 7.56 -3.61
C5' 40C B 9 -12.69 8.52 -3.66
C7' 40C B 9 -11.69 6.36 -4.22
O7' 40C B 9 -12.68 6.04 -4.86
C8' 40C B 9 -10.57 5.35 -4.15
H5 40C B 9 -8.96 2.72 -7.52
H6 40C B 9 -10.13 3.05 -5.39
H 40C B 9 -9.68 6.01 -0.97
HA 40C B 9 -11.46 8.37 -1.02
H13' 40C B 9 -10.30 9.12 -3.06
H23' 40C B 9 -9.49 7.58 -3.21
HN4 40C B 9 -7.82 3.83 -9.27
HN4A 40C B 9 -7.62 5.59 -9.28
H15' 40C B 9 -12.55 9.33 -2.95
H25' 40C B 9 -13.62 8.01 -3.38
H18' 40C B 9 -11.04 4.42 -3.84
H28' 40C B 9 -9.85 5.62 -3.38
H2M 40C B 9 -9.32 9.54 -0.88
H2MA 40C B 9 -9.51 8.37 0.44
H2MB 40C B 9 -8.46 7.99 -0.94
N NME B 10 -12.04 9.02 -5.98
C NME B 10 -12.19 9.54 -7.33
H2 NME B 10 -11.45 9.10 -7.98
HN2 NME B 10 -11.21 8.48 -5.77
H1 NME B 10 -12.05 10.63 -7.32
H3 NME B 10 -13.18 9.32 -7.72
C ACE A 1 -6.09 15.54 -14.34
O ACE A 1 -6.85 15.37 -15.24
CH3 ACE A 1 -4.88 16.33 -14.60
H1 ACE A 1 -3.98 15.71 -14.50
H2 ACE A 1 -4.91 16.67 -15.63
H3 ACE A 1 -4.84 17.21 -13.98
C 40G A 2 -2.90 14.87 -9.03
N1 40G A 2 -7.43 7.98 -8.71
C2 40G A 2 -7.55 9.27 -8.46
N2 40G A 2 -8.20 9.56 -7.40
N3 40G A 2 -7.04 10.25 -9.17
C4 40G A 2 -6.37 9.79 -10.24
C5 40G A 2 -6.18 8.49 -10.61
C6 40G A 2 -6.76 7.50 -9.78
O6 40G A 2 -6.76 6.28 -9.91
N7 40G A 2 -5.43 8.40 -11.79
C8 40G A 2 -5.22 9.65 -12.09
N9 40G A 2 -5.75 10.54 -11.20
N 40G A 2 -6.37 15.07 -13.18
O 40G A 2 -1.92 15.42 -8.58
CA 40G A 2 -5.63 15.11 -12.02
C2M 40G A 2 -5.48 16.48 -11.46
C3' 40G A 2 -4.36 14.35 -12.23
N4' 40G A 2 -3.97 13.73 -11.01
C5' 40G A 2 -2.76 14.26 -10.41
C7' 40G A 2 -4.51 12.59 -10.58
O7' 40G A 2 -4.02 12.03 -9.61
C8' 40G A 2 -5.73 12.00 -11.28
HN1 40G A 2 -7.92 7.31 -8.12
H8 40G A 2 -4.65 9.96 -12.96
H 40G A 2 -7.25 14.58 -13.13
HA 40G A 2 -6.25 14.57 -11.29
HN2 40G A 2 -8.31 10.52 -7.16
HN2A 40G A 2 -8.60 8.82 -6.83
H13' 40G A 2 -3.60 15.04 -12.56
H23' 40G A 2 -4.46 13.60 -13.02
H15' 40G A 2 -2.31 15.01 -11.03
H25' 40G A 2 -2.03 13.45 -10.33
H18' 40G A 2 -6.63 12.39 -10.81
H28' 40G A 2 -5.76 12.26 -12.33
H2M 40G A 2 -5.33 16.41 -10.38
H2MA 40G A 2 -4.61 17.00 -11.87
H2MB 40G A 2 -6.39 17.06 -11.63
C 40G A 3 -1.87 14.12 -3.77
N1 40G A 3 -5.98 6.92 -5.12
C2 40G A 3 -6.20 8.07 -4.51
N2 40G A 3 -6.83 7.99 -3.39
N3 40G A 3 -5.77 9.25 -4.89
C4 40G A 3 -5.03 9.17 -6.02
C5 40G A 3 -4.71 8.04 -6.73
C6 40G A 3 -5.25 6.80 -6.26
O6 40G A 3 -5.14 5.68 -6.72
N7 40G A 3 -3.89 8.34 -7.81
C8 40G A 3 -3.75 9.63 -7.73
N9 40G A 3 -4.46 10.21 -6.71
N 40G A 3 -4.03 14.81 -8.35
O 40G A 3 -0.89 14.63 -3.26
CA 40G A 3 -4.21 15.51 -7.12
C2M 40G A 3 -5.46 16.35 -7.27
C3' 40G A 3 -4.40 14.53 -5.95
N4' 40G A 3 -3.27 13.62 -5.78
C5' 40G A 3 -2.05 14.24 -5.27
C7' 40G A 3 -3.31 12.29 -5.95
O7' 40G A 3 -2.33 11.57 -5.71
C8' 40G A 3 -4.62 11.63 -6.41
HN1 40G A 3 -6.33 6.07 -4.71
H8 40G A 3 -3.15 10.21 -8.42
H 40G A 3 -4.82 14.32 -8.75
HA 40G A 3 -3.38 16.18 -6.90
HN2 40G A 3 -6.96 8.84 -2.88
HN2A 40G A 3 -7.10 7.08 -3.02
H13' 40G A 3 -4.53 15.13 -5.05
H23' 40G A 3 -5.35 14.00 -6.10
H15' 40G A 3 -2.03 15.30 -5.50
H25' 40G A 3 -1.18 13.79 -5.75
H18' 40G A 3 -5.36 11.76 -5.62
H28' 40G A 3 -4.98 12.14 -7.30
H2M 40G A 3 -5.65 16.89 -6.34
H2MA 40G A 3 -5.31 17.08 -8.06
H2MB 40G A 3 -6.32 15.72 -7.51
C 40C A 4 -0.30 11.41 0.98
N1 40C A 4 -2.67 8.53 -3.22
C2 40C A 4 -3.24 7.36 -2.70
O2 40C A 4 -3.87 7.37 -1.65
N3 40C A 4 -3.11 6.17 -3.32
C4 40C A 4 -2.37 6.15 -4.38
N4 40C A 4 -2.30 5.01 -4.97
C5 40C A 4 -1.70 7.25 -4.92
C6 40C A 4 -1.86 8.44 -4.32
N 40C A 4 -2.79 13.49 -3.05
O 40C A 4 0.65 11.81 1.64
CA 40C A 4 -2.88 13.65 -1.64
C2M 40C A 4 -4.15 14.42 -1.38
C3' 40C A 4 -2.93 12.31 -0.91
N4' 40C A 4 -1.72 11.50 -1.09
C5' 40C A 4 -0.54 12.00 -0.39
C7' 40C A 4 -1.67 10.34 -1.77
O7' 40C A 4 -0.67 9.64 -1.75
C8' 40C A 4 -2.87 9.86 -2.57
H5 40C A 4 -1.09 7.18 -5.80
H6 40C A 4 -1.37 9.33 -4.69
H 40C A 4 -3.58 13.08 -3.52
HA 40C A 4 -2.05 14.24 -1.24
H13' 40C A 4 -3.05 12.52 0.16
H23' 40C A 4 -3.83 11.79 -1.22
HN4 40C A 4 -1.77 4.93 -5.82
HN4A 40C A 4 -2.82 4.24 -4.57
H15' 40C A 4 -0.57 13.08 -0.26
H25' 40C A 4 0.36 11.79 -0.98
H18' 40C A 4 -3.10 10.62 -3.32
H28' 40C A 4 -3.73 9.81 -1.88
H2M 40C A 4 -5.02 13.86 -1.74
H2MA 40C A 4 -4.26 14.60 -0.32
H2MB 40C A 4 -4.11 15.38 -1.89
C 40A A 5 1.20 7.10 4.67
N1 40A A 5 -1.12 2.15 -1.14
C2 40A A 5 -1.48 2.66 0.02
N3 40A A 5 -1.40 3.92 0.41
C4 40A A 5 -0.87 4.72 -0.54
C5 40A A 5 -0.42 4.33 -1.77
C6 40A A 5 -0.59 2.97 -2.05
N6 40A A 5 -0.25 2.36 -3.15
N7 40A A 5 0.14 5.41 -2.46
C8 40A A 5 -0.02 6.41 -1.63
N9 40A A 5 -0.68 6.08 -0.48
N 40A A 5 -1.16 10.53 1.45
O 40A A 5 1.90 7.31 5.64
CA 40A A 5 -1.23 10.17 2.84
C2M 40A A 5 -2.51 10.76 3.38
C3' 40A A 5 -1.24 8.65 3.03
N4' 40A A 5 0.01 7.99 2.62
C5' 40A A 5 1.12 8.16 3.58
C7' 40A A 5 0.15 7.18 1.56
O7' 40A A 5 1.17 6.55 1.36
C8' 40A A 5 -1.03 6.97 0.66
H3 40A A 5 -1.90 1.96 0.74
H8 40A A 5 0.33 7.41 -1.84
H 40A A 5 -1.94 10.25 0.86
HA 40A A 5 -0.39 10.58 3.40
H13' 40A A 5 -2.11 8.24 2.52
H23' 40A A 5 -1.39 8.46 4.10
H15' 40A A 5 2.09 8.14 3.06
H25' 40A A 5 1.07 9.13 4.09
HN6 40A A 5 0.14 2.90 -3.90
HN6A 40A A 5 -0.47 1.38 -3.25
H18' 40A A 5 -1.34 7.94 0.29
H28' 40A A 5 -1.82 6.51 1.25
H2M 40A A 5 -3.24 10.95 2.58
H2MA 40A A 5 -2.27 11.71 3.88
H2MB 40A A 5 -2.96 10.09 4.12
C 40T A 6 3.30 2.61 6.89
N1 40T A 6 1.46 2.23 1.56
C2 40T A 6 1.39 0.84 1.32
O2 40T A 6 1.03 0.01 2.14
N3 40T A 6 1.78 0.41 0.10
C4 40T A 6 2.33 1.18 -0.86
O4 40T A 6 2.66 0.64 -1.91
C5 40T A 6 2.47 2.61 -0.54
C6 40T A 6 2.01 3.08 0.64
C7 40T A 6 3.09 3.58 -1.53
N 40T A 6 0.42 6.03 4.56
O 40T A 6 4.34 2.77 7.49
CA 40T A 6 0.05 5.27 5.72
C2M 40T A 6 -1.42 5.48 5.94
C3' 40T A 6 0.33 3.77 5.55
N4' 40T A 6 1.71 3.47 5.11
C5' 40T A 6 2.75 3.78 6.11
C7' 40T A 6 2.04 2.98 3.90
O7' 40T A 6 3.20 2.72 3.61
C8' 40T A 6 0.95 2.78 2.85
HN3 40T A 6 1.72 -0.58 -0.07
H6 40T A 6 2.10 4.14 0.88
H 40T A 6 -0.15 5.93 3.74
HA 40T A 6 0.57 5.62 6.61
H13' 40T A 6 -0.41 3.36 4.88
H23' 40T A 6 0.16 3.30 6.52
H15' 40T A 6 3.60 4.27 5.61
H25' 40T A 6 2.39 4.49 6.85
H7 40T A 6 3.04 4.60 -1.16
H7A 40T A 6 4.12 3.30 -1.71
H7B 40T A 6 2.55 3.52 -2.48
HXT' 40T A 6 0.47 3.73 2.66
H28' 40T A 6 0.20 2.10 3.27
H2M 40T A 6 -1.75 4.93 6.81
H2MA 40T A 6 -1.99 5.14 5.07
H2MB 40T A 6 -1.62 6.55 6.10
C 40G A 7 6.79 -1.61 7.68
N1 40G A 7 4.80 -3.52 0.14
C2 40G A 7 4.43 -3.86 1.36
N2 40G A 7 4.33 -5.11 1.58
N3 40G A 7 4.21 -3.03 2.36
C4 40G A 7 4.43 -1.74 2.00
C5 40G A 7 4.83 -1.27 0.78
C6 40G A 7 4.99 -2.23 -0.26
O6 40G A 7 5.29 -2.08 -1.44
N7 40G A 7 5.06 0.11 0.83
C8 40G A 7 4.78 0.41 2.06
N9 40G A 7 4.33 -0.64 2.81
N 40G A 7 2.65 1.46 6.89
O 40G A 7 7.68 -1.55 8.51
CA 40G A 7 2.96 0.41 7.83
C2M 40G A 7 1.67 0.01 8.49
C3' 40G A 7 3.56 -0.81 7.14
N4' 40G A 7 4.85 -0.53 6.50
C5' 40G A 7 5.96 -0.36 7.44
C7' 40G A 7 5.07 -0.50 5.18
O7' 40G A 7 6.22 -0.38 4.72
C8' 40G A 7 3.89 -0.63 4.22
HN1 40G A 7 4.94 -4.25 -0.56
H8 40G A 7 4.88 1.42 2.46
H 40G A 7 1.79 1.40 6.38
HA 40G A 7 3.63 0.77 8.61
HN2 40G A 7 4.05 -5.40 2.50
HN2A 40G A 7 4.57 -5.78 0.86
H13' 40G A 7 3.70 -1.58 7.90
H23' 40G A 7 2.83 -1.21 6.44
H15' 40G A 7 5.61 -0.01 8.41
H25' 40G A 7 6.64 0.41 7.06
H18' 40G A 7 3.37 -1.56 4.42
H28' 40G A 7 3.20 0.20 4.38
H2M 40G A 7 1.24 0.88 9.00
H2MA 40G A 7 0.95 -0.35 7.75
H2MB 40G A 7 1.85 -0.76 9.23
C 40C A 8 10.75 -5.66 6.17
N1 40C A 8 7.79 -3.30 2.19
C2 40C A 8 7.97 -4.25 1.19
O2 40C A 8 7.92 -5.46 1.44
N3 40C A 8 8.21 -3.93 -0.08
C4 40C A 8 8.34 -2.65 -0.33
N4 40C A 8 8.54 -2.37 -1.57
C5 40C A 8 8.27 -1.64 0.61
C6 40C A 8 8.00 -2.00 1.89
N 40C A 8 6.49 -2.73 7.03
O 40C A 8 11.78 -5.83 6.81
CA 40C A 8 6.96 -4.00 7.48
C2M 40C A 8 5.78 -4.70 8.12
C3' 40C A 8 7.50 -4.85 6.32
N4' 40C A 8 8.69 -4.30 5.69
C5' 40C A 8 9.93 -4.44 6.49
C7' 40C A 8 8.76 -3.77 4.45
O7' 40C A 8 9.81 -3.38 3.98
C8' 40C A 8 7.50 -3.69 3.60
H5 40C A 8 8.42 -0.60 0.36
H6 40C A 8 7.93 -1.25 2.67
H 40C A 8 5.74 -2.72 6.36
HA 40C A 8 7.75 -3.90 8.23
H13' 40C A 8 7.74 -5.84 6.72
H23' 40C A 8 6.68 -5.00 5.61
HN4 40C A 8 8.57 -1.41 -1.84
HN4A 40C A 8 8.48 -3.14 -2.23
H15' 40C A 8 9.70 -4.48 7.55
H25' 40C A 8 10.57 -3.56 6.34
H18' 40C A 8 6.83 -2.97 4.07
H28' 40C A 8 7.02 -4.66 3.62
H2M 40C A 8 6.11 -5.67 8.51
H2MA 40C A 8 5.43 -4.11 8.97
H2MB 40C A 8 4.98 -4.84 7.41
C 40C A 9 14.45 -8.81 2.91
N1 40C A 9 11.47 -5.08 0.71
C2 40C A 9 11.69 -5.68 -0.54
O2 40C A 9 11.78 -6.89 -0.67
N3 40C A 9 11.79 -4.95 -1.65
C4 40C A 9 11.75 -3.66 -1.51
N4 40C A 9 11.83 -3.00 -2.59
C5 40C A 9 11.64 -2.99 -0.28
C6 40C A 9 11.51 -3.74 0.83
N 40C A 9 10.31 -6.51 5.27
O 40C A 9 14.01 -9.18 1.84
CA 40C A 9 10.82 -7.85 5.19
C2M 40C A 9 9.69 -8.75 5.62
C3' 40C A 9 11.23 -8.21 3.78
N4' 40C A 9 12.44 -7.50 3.38
C5' 40C A 9 13.66 -8.07 3.93
C7' 40C A 9 12.52 -6.47 2.52
O7' 40C A 9 13.58 -5.94 2.22
C8' 40C A 9 11.24 -5.93 1.92
H5 40C A 9 11.65 -1.92 -0.22
H6 40C A 9 11.41 -3.27 1.81
H 40C A 9 9.46 -6.31 4.79
HA 40C A 9 11.65 -8.01 5.87
H13' 40C A 9 11.43 -9.28 3.74
H23' 40C A 9 10.40 -8.03 3.11
HN4 40C A 9 11.76 -2.00 -2.55
HN4A 40C A 9 11.79 -3.53 -3.45
H15' 40C A 9 13.45 -8.78 4.74
H25' 40C A 9 14.28 -7.28 4.34
H18' 40C A 9 10.72 -5.38 2.69
H28' 40C A 9 10.62 -6.77 1.61
H2M 40C A 9 8.83 -8.64 4.95
H2MA 40C A 9 10.03 -9.79 5.60
H2MB 40C A 9 9.38 -8.50 6.63
N NME A 10 15.68 -9.04 3.27
C NME A 10 16.60 -9.72 2.41
H2 NME A 10 16.31 -10.77 2.30
HN2 NME A 10 15.99 -8.72 4.17
H1 NME A 10 17.60 -9.67 2.84
H3 NME A 10 16.62 -9.25 1.42
C ACE B 1 12.42 -10.13 -11.99
O ACE B 1 12.79 -9.00 -12.18
CH3 ACE B 1 11.30 -10.70 -12.79
H1 ACE B 1 11.65 -11.61 -13.28
H2 ACE B 1 10.46 -10.94 -12.15
H3 ACE B 1 10.98 -10.00 -13.56
C 40G B 2 9.21 -12.94 -8.08
N1 40G B 2 11.77 -6.45 -4.10
C2 40G B 2 11.99 -7.75 -4.19
N2 40G B 2 12.11 -8.34 -3.07
N3 40G B 2 12.09 -8.46 -5.29
C4 40G B 2 11.93 -7.69 -6.38
C5 40G B 2 11.70 -6.34 -6.43
C6 40G B 2 11.63 -5.66 -5.19
O6 40G B 2 11.47 -4.46 -4.97
N7 40G B 2 11.61 -5.90 -7.75
C8 40G B 2 11.79 -6.98 -8.44
N9 40G B 2 12.00 -8.10 -7.69
N 40G B 2 13.00 -10.85 -11.08
O 40G B 2 8.11 -13.44 -8.24
CA 40G B 2 12.62 -12.16 -10.72
C2M 40G B 2 13.78 -13.05 -11.04
C3' 40G B 2 12.31 -12.19 -9.25
N4' 40G B 2 11.06 -11.49 -8.95
C5' 40G B 2 9.85 -12.24 -9.26
C7' 40G B 2 10.97 -10.25 -8.42
O7' 40G B 2 9.88 -9.74 -8.17
C8' 40G B 2 12.26 -9.47 -8.15
HN1 40G B 2 11.78 -6.00 -3.20
H8 40G B 2 11.78 -7.00 -9.53
H 40G B 2 13.81 -10.46 -10.63
HA 40G B 2 11.75 -12.54 -11.27
HN2 40G B 2 12.28 -9.34 -3.08
HN2A 40G B 2 12.00 -7.83 -2.20
H13' 40G B 2 12.20 -13.24 -8.95
H23' 40G B 2 13.16 -11.80 -8.69
H15' 40G B 2 10.06 -13.00 -10.00
H25' 40G B 2 9.11 -11.56 -9.68
H18' 40G B 2 12.84 -10.00 -7.38
H28' 40G B 2 12.86 -9.42 -9.04
H2M 40G B 2 13.53 -14.07 -10.78
H2MA 40G B 2 13.98 -13.01 -12.11
H2MB 40G B 2 14.67 -12.75 -10.49
C 40G B 3 5.74 -13.37 -3.73
N1 40G B 3 8.43 -6.04 -2.01
C2 40G B 3 8.57 -7.30 -1.63
N2 40G B 3 8.53 -7.51 -0.36
N3 40G B 3 8.66 -8.34 -2.44
C4 40G B 3 8.56 -7.97 -3.74
C5 40G B 3 8.39 -6.71 -4.24
C6 40G B 3 8.36 -5.65 -3.30
O6 40G B 3 8.27 -4.45 -3.49
N7 40G B 3 8.27 -6.76 -5.63
C8 40G B 3 8.37 -8.03 -5.90
N9 40G B 3 8.63 -8.81 -4.82
N 40G B 3 9.86 -13.04 -6.93
O 40G B 3 4.78 -14.12 -3.70
CA 40G B 3 9.45 -13.94 -5.89
C2M 40G B 3 10.66 -14.75 -5.52
C3' 40G B 3 8.96 -13.18 -4.66
N4' 40G B 3 7.73 -12.42 -4.91
C5' 40G B 3 6.52 -13.24 -5.02
C7' 40G B 3 7.64 -11.08 -4.96
O7' 40G B 3 6.55 -10.52 -5.09
C8' 40G B 3 8.91 -10.25 -4.80
HN1 40G B 3 8.35 -5.33 -1.30
H8 40G B 3 8.31 -8.41 -6.92
H 40G B 3 10.76 -12.60 -6.84
HA 40G B 3 8.68 -14.62 -6.24
HN2 40G B 3 8.60 -8.47 -0.06
HN2A 40G B 3 8.33 -6.75 0.27
H13' 40G B 3 8.77 -13.92 -3.88
H23' 40G B 3 9.78 -12.56 -4.29
H15' 40G B 3 6.76 -14.24 -5.35
H25' 40G B 3 5.86 -12.82 -5.78
H18' 40G B 3 9.39 -10.50 -3.86
H28' 40G B 3 9.60 -10.50 -5.60
H2M 40G B 3 11.02 -15.30 -6.38
H2MA 40G B 3 11.46 -14.11 -5.14
H2MB 40G B 3 10.40 -15.47 -4.74
C 40C B 4 1.72 -11.40 -0.28
N1 40C B 4 5.04 -7.83 -2.46
C2 40C B 4 5.04 -6.79 -1.54
O2 40C B 4 5.05 -7.01 -0.34
N3 40C B 4 5.02 -5.51 -1.91
C4 40C B 4 4.92 -5.28 -3.19
N4 40C B 4 4.94 -4.04 -3.51
C5 40C B 4 4.79 -6.27 -4.17
C6 40C B 4 4.84 -7.56 -3.78
N 40C B 4 6.14 -12.70 -2.67
O 40C B 4 1.92 -11.24 0.91
CA 40C B 4 5.69 -13.04 -1.35
C2M 40C B 4 6.86 -13.63 -0.62
C3' 40C B 4 5.17 -11.82 -0.61
N4' 40C B 4 4.00 -11.22 -1.25
C5' 40C B 4 2.77 -12.01 -1.16
C7' 40C B 4 3.98 -10.03 -1.88
O7' 40C B 4 2.95 -9.57 -2.36
C8' 40C B 4 5.27 -9.25 -2.01
H5 40C B 4 4.67 -6.03 -5.22
H6 40C B 4 4.77 -8.36 -4.49
H 40C B 4 6.95 -12.10 -2.72
HA 40C B 4 4.89 -13.79 -1.37
H13' 40C B 4 4.89 -12.12 0.40
H23' 40C B 4 6.00 -11.11 -0.49
HN4 40C B 4 4.91 -3.79 -4.48
HN4A 40C B 4 5.09 -3.37 -2.76
H15' 40C B 4 2.97 -13.00 -0.75
H25' 40C B 4 2.37 -12.17 -2.16
H18' 40C B 4 5.91 -9.76 -2.72
H28' 40C B 4 5.76 -9.22 -1.05
H2M 40C B 4 6.55 -13.93 0.38
H2MA 40C B 4 7.21 -14.52 -1.16
H2MB 40C B 4 7.68 -12.91 -0.55
C 40A B 5 -3.49 -7.84 1.24
N1 40A B 5 1.62 -2.41 -0.50
C2 40A B 5 1.27 -3.23 0.48
N3 40A B 5 1.09 -4.54 0.42
C4 40A B 5 1.32 -5.04 -0.83
C5 40A B 5 1.66 -4.32 -1.94
C6 40A B 5 1.82 -2.95 -1.69
N6 40A B 5 2.15 -2.06 -2.60
N7 40A B 5 1.75 -5.14 -3.07
C8 40A B 5 1.48 -6.33 -2.59
N9 40A B 5 1.21 -6.35 -1.25
N 40A B 5 0.57 -11.11 -0.87
O 40A B 5 -4.64 -8.07 1.58
CA 40A B 5 -0.68 -10.95 -0.19
C2M 40A B 5 -1.04 -12.21 0.54
C3' 40A B 5 -0.77 -9.72 0.72
N4' 40A B 5 -1.42 -8.61 0.04
C5' 40A B 5 -2.89 -8.66 0.12
C7' 40A B 5 -0.79 -7.57 -0.55
O7' 40A B 5 -1.42 -6.67 -1.09
C8' 40A B 5 0.70 -7.51 -0.47
H3 40A B 5 1.12 -2.77 1.44
H8 40A B 5 1.45 -7.22 -3.20
H 40A B 5 0.52 -11.21 -1.87
HA 40A B 5 -1.45 -10.83 -0.97
H13' 40A B 5 0.22 -9.46 1.10
H23' 40A B 5 -1.37 -9.99 1.59
H15' 40A B 5 -3.34 -8.29 -0.81
H25' 40A B 5 -3.25 -9.68 0.25
HN6 40A B 5 2.34 -2.39 -3.55
HN6A 40A B 5 2.30 -1.11 -2.33
H18' 40A B 5 1.10 -8.43 -0.87
H28' 40A B 5 0.96 -7.41 0.57
H2M 40A B 5 -0.95 -13.08 -0.11
H2MA 40A B 5 -2.06 -12.15 0.91
H2MB 40A B 5 -0.38 -12.34 1.40
C 40T B 6 -6.38 -3.61 3.03
N1 40T B 6 -1.92 -2.73 -0.39
C2 40T B 6 -1.80 -1.33 -0.28
O2 40T B 6 -2.00 -0.71 0.75
N3 40T B 6 -1.43 -0.66 -1.38
C4 40T B 6 -1.25 -1.19 -2.61
O4 40T B 6 -0.95 -0.43 -3.52
C5 40T B 6 -1.44 -2.64 -2.70
C6 40T B 6 -1.77 -3.36 -1.59
C7 40T B 6 -1.26 -3.38 -4.02
N 40T B 6 -2.72 -6.96 1.86
O 40T B 6 -7.59 -3.77 3.01
CA 40T B 6 -3.04 -6.47 3.15
C2M 40T B 6 -1.91 -6.88 4.06
C3' 40T B 6 -3.18 -4.94 3.20
N4' 40T B 6 -4.10 -4.40 2.18
C5' 40T B 6 -5.53 -4.72 2.42
C7' 40T B 6 -3.72 -3.72 1.09
O7' 40T B 6 -4.53 -3.26 0.30
C8' 40T B 6 -2.22 -3.53 0.82
HN3 40T B 6 -1.35 0.33 -1.30
H6 40T B 6 -1.92 -4.42 -1.67
H 40T B 6 -1.77 -6.85 1.54
HA 40T B 6 -3.96 -6.91 3.54
H13' 40T B 6 -2.19 -4.50 3.13
H23' 40T B 6 -3.56 -4.67 4.19
H15' 40T B 6 -6.00 -4.97 1.47
H25' 40T B 6 -5.63 -5.58 3.07
H7 40T B 6 -0.26 -3.19 -4.41
H7A 40T B 6 -1.40 -4.46 -3.89
H7B 40T B 6 -1.99 -3.01 -4.75
HXT' 40T B 6 -1.77 -4.52 0.73
H28' 40T B 6 -1.78 -3.05 1.70
H2M 40T B 6 -2.12 -6.54 5.09
H2MA 40T B 6 -0.97 -6.45 3.73
H2MB 40T B 6 -1.84 -7.97 4.07
C 40G B 7 -9.78 0.61 2.63
N1 40G B 7 -4.11 3.79 -2.04
C2 40G B 7 -4.51 3.84 -0.77
N2 40G B 7 -4.62 5.01 -0.28
N3 40G B 7 -4.84 2.81 -0.03
C4 40G B 7 -4.77 1.64 -0.71
C5 40G B 7 -4.42 1.45 -2.02
C6 40G B 7 -4.01 2.62 -2.74
O6 40G B 7 -3.62 2.73 -3.90
N7 40G B 7 -4.57 0.12 -2.39
C8 40G B 7 -4.98 -0.45 -1.30
N9 40G B 7 -5.07 0.39 -0.23
N 40G B 7 -5.79 -2.56 3.58
O 40G B 7 -10.98 0.47 2.84
CA 40G B 7 -6.50 -1.66 4.44
C2M 40G B 7 -5.67 -1.49 5.70
C3' 40G B 7 -6.70 -0.29 3.80
N4' 40G B 7 -7.46 -0.36 2.53
C5' 40G B 7 -8.89 -0.62 2.70
C7' 40G B 7 -6.95 -0.18 1.30
O7' 40G B 7 -7.67 -0.21 0.30
C8' 40G B 7 -5.44 0.06 1.16
HN1 40G B 7 -3.85 4.64 -2.50
H8 40G B 7 -5.23 -1.51 -1.25
H 40G B 7 -4.78 -2.52 3.57
HA 40G B 7 -7.46 -2.07 4.73
HN2 40G B 7 -4.91 5.09 0.67
HN2A 40G B 7 -4.37 5.83 -0.83
H13' 40G B 7 -7.26 0.33 4.50
H23' 40G B 7 -5.73 0.18 3.66
H15' 40G B 7 -9.09 -1.11 3.65
H25' 40G B 7 -9.23 -1.30 1.91
H18' 40G B 7 -5.15 0.89 1.80
H28' 40G B 7 -4.90 -0.83 1.47
H2M 40G B 7 -5.53 -2.46 6.17
H2MA 40G B 7 -4.70 -1.06 5.46
H2MB 40G B 7 -6.19 -0.84 6.40
C 40C B 8 -12.06 5.55 -0.20
N1 40C B 8 -7.70 3.21 -2.16
C2 40C B 8 -7.40 4.40 -2.83
O2 40C B 8 -7.56 5.49 -2.30
N3 40C B 8 -6.91 4.41 -4.07
C4 40C B 8 -6.79 3.25 -4.65
N4 40C B 8 -6.30 3.28 -5.84
C5 40C B 8 -7.15 2.03 -4.09
C6 40C B 8 -7.61 2.03 -2.82
N 40C B 8 -9.24 1.81 2.42
O 40C B 8 -13.21 5.95 -0.18
CA 40C B 8 -9.96 3.02 2.71
C2M 40C B 8 -9.46 3.50 4.05
C3' 40C B 8 -9.67 4.10 1.67
N4' 40C B 8 -10.33 3.84 0.38
C5' 40C B 8 -11.76 4.19 0.36
C7' 40C B 8 -9.72 3.40 -0.73
O7' 40C B 8 -10.36 3.18 -1.76
C8' 40C B 8 -8.23 3.23 -0.75
H5 40C B 8 -7.06 1.10 -4.62
H6 40C B 8 -7.90 1.10 -2.33
H 40C B 8 -8.24 1.87 2.26
HA 40C B 8 -11.03 2.86 2.77
H13' 40C B 8 -10.06 5.05 2.06
H23' 40C B 8 -8.60 4.24 1.58
HN4 40C B 8 -6.14 2.42 -6.32
HN4A 40C B 8 -5.97 4.18 -6.17
H15' 40C B 8 -12.19 4.15 1.36
H25' 40C B 8 -12.31 3.47 -0.25
H18' 40C B 8 -7.98 2.31 -0.23
H28' 40C B 8 -7.76 4.06 -0.23
H2M 40C B 8 -9.99 4.41 4.34
H2MA 40C B 8 -9.65 2.74 4.81
H2MB 40C B 8 -8.39 3.72 4.02
C 40C B 9 -13.21 9.22 -4.43
N1 40C B 9 -9.98 5.39 -5.23
C2 40C B 9 -9.38 6.30 -6.10
O2 40C B 9 -9.33 7.50 -5.84
N3 40C B 9 -8.83 5.94 -7.26
C4 40C B 9 -8.89 4.67 -7.53
N4 40C B 9 -8.34 4.34 -8.63
C5 40C B 9 -9.51 3.70 -6.75
C6 40C B 9 -10.06 4.08 -5.58
N 40C B 9 -11.07 6.30 -0.66
O 40C B 9 -12.38 9.82 -4.93
CA 40C B 9 -11.21 7.69 -0.82
C2M 40C B 9 -10.21 8.30 0.12
C3' 40C B 9 -10.92 8.16 -2.23
N4' 40C B 9 -11.89 7.66 -3.16
C5' 40C B 9 -13.12 8.42 -3.20
C7' 40C B 9 -11.73 6.62 -4.00
O7' 40C B 9 -12.59 6.29 -4.79
C8' 40C B 9 -10.48 5.80 -3.90
H5 40C B 9 -9.55 2.66 -7.04
H6 40C B 9 -10.54 3.36 -4.92
H 40C B 9 -10.14 5.92 -0.63
HA 40C B 9 -12.20 8.05 -0.52
H13' 40C B 9 -10.97 9.25 -2.23
H23' 40C B 9 -9.89 7.94 -2.49
HN4 40C B 9 -8.33 3.37 -8.92
HN4A 40C B 9 -7.83 5.07 -9.12
H15' 40C B 9 -13.21 9.11 -2.36
H25' 40C B 9 -13.98 7.76 -3.16
H18' 40C B 9 -10.73 4.94 -3.30
H28' 40C B 9 -9.67 6.32 -3.41
H2M 40C B 9 -9.20 7.98 -0.15
H2MA 40C B 9 -10.27 9.38 0.07
H2MB 40C B 9 -10.42 7.99 1.14
N NME B 10 -14.20 9.38 -5.05
C NME B 10 -14.26 10.20 -6.23
H2 NME B 10 -13.61 9.79 -7.02
HN2 NME B 10 -15.05 8.92 -4.72
H1 NME B 10 -13.98 11.24 -6.02
H3 NME B 10 -15.28 10.21 -6.62
C ACE A 1 -10.69 17.13 -12.07
O ACE A 1 -11.45 16.73 -12.91
CH3 ACE A 1 -10.11 18.48 -12.24
H1 ACE A 1 -10.71 19.20 -11.66
H2 ACE A 1 -9.07 18.53 -11.94
H3 ACE A 1 -10.16 18.75 -13.29
C 40G A 2 -6.56 16.80 -7.31
N1 40G A 2 -8.24 8.95 -8.52
C2 40G A 2 -8.71 10.09 -8.03
N2 40G A 2 -9.30 9.99 -6.90
N3 40G A 2 -8.61 11.28 -8.58
C4 40G A 2 -7.92 11.24 -9.74
C5 40G A 2 -7.37 10.14 -10.33
C6 40G A 2 -7.53 8.89 -9.67
O6 40G A 2 -7.15 7.78 -10.01
N7 40G A 2 -6.74 10.48 -11.53
C8 40G A 2 -6.94 11.77 -11.62
N9 40G A 2 -7.65 12.28 -10.58
N 40G A 2 -10.42 16.35 -11.05
O 40G A 2 -5.86 17.57 -6.68
CA 40G A 2 -9.55 16.56 -9.97
C2M 40G A 2 -10.00 17.72 -9.13
C3' 40G A 2 -8.11 16.60 -10.46
N4' 40G A 2 -7.24 15.86 -9.54
C5' 40G A 2 -6.32 16.69 -8.79
C7' 40G A 2 -7.12 14.52 -9.55
O7' 40G A 2 -6.26 13.95 -8.87
C8' 40G A 2 -8.08 13.68 -10.40
HN1 40G A 2 -8.42 8.09 -8.06
H8 40G A 2 -6.59 12.36 -12.45
H 40G A 2 -10.91 15.47 -11.05
HA 40G A 2 -9.67 15.68 -9.34
HN2 40G A 2 -9.67 10.82 -6.49
HN2A 40G A 2 -9.38 9.08 -6.46
H13' 40G A 2 -7.79 17.63 -10.53
H23' 40G A 2 -8.03 16.18 -11.47
H15' 40G A 2 -6.29 17.70 -9.18
H25' 40G A 2 -5.31 16.29 -8.92
H18' 40G A 2 -9.07 13.68 -9.95
H28' 40G A 2 -8.17 14.12 -11.40
H2M 40G A 2 -9.41 17.74 -8.21
H2MA 40G A 2 -9.85 18.67 -9.63
H2MB 40G A 2 -11.05 17.60 -8.87
C 40G A 3 -4.25 15.01 -2.95
N1 40G A 3 -6.21 7.55 -5.00
C2 40G A 3 -6.67 8.53 -4.23
N2 40G A 3 -7.12 8.16 -3.09
N3 40G A 3 -6.63 9.82 -4.51
C4 40G A 3 -6.05 10.06 -5.70
C5 40G A 3 -5.50 9.15 -6.56
C6 40G A 3 -5.61 7.77 -6.19
O6 40G A 3 -5.23 6.77 -6.79
N7 40G A 3 -4.96 9.78 -7.68
C8 40G A 3 -5.22 11.04 -7.47
N9 40G A 3 -5.94 11.27 -6.32
N 40G A 3 -7.51 16.09 -6.71
O 40G A 3 -3.60 15.76 -2.27
CA 40G A 3 -7.84 16.24 -5.31
C2M 40G A 3 -9.33 16.48 -5.21
C3' 40G A 3 -7.46 14.98 -4.53
N4' 40G A 3 -6.04 14.63 -4.69
C5' 40G A 3 -5.13 15.58 -4.05
C7' 40G A 3 -5.58 13.59 -5.41
O7' 40G A 3 -4.39 13.44 -5.64
C8' 40G A 3 -6.57 12.52 -5.89
HN1 40G A 3 -6.32 6.60 -4.68
H8 40G A 3 -4.95 11.82 -8.17
H 40G A 3 -8.07 15.46 -7.25
HA 40G A 3 -7.33 17.10 -4.88
HN2 40G A 3 -7.43 8.88 -2.47
HN2A 40G A 3 -7.15 7.19 -2.84
H13' 40G A 3 -7.67 15.16 -3.47
H23' 40G A 3 -8.12 14.17 -4.84
H15' 40G A 3 -5.67 16.42 -3.63
H25' 40G A 3 -4.46 15.98 -4.82
H18' 40G A 3 -7.25 12.29 -5.07
H28' 40G A 3 -7.16 12.93 -6.71
H2M 40G A 3 -9.57 17.40 -5.74
H2MA 40G A 3 -9.88 15.65 -5.63
H2MB 40G A 3 -9.60 16.60 -4.16
C 40C A 4 -0.34 11.30 0.15
N1 40C A 4 -2.93 8.26 -3.81
C2 40C A 4 -3.41 7.08 -3.23
O2 40C A 4 -3.98 7.07 -2.15
N3 40C A 4 -3.26 5.88 -3.84
C4 40C A 4 -2.61 5.88 -4.97
N4 40C A 4 -2.51 4.74 -5.52
C5 40C A 4 -2.04 7.01 -5.58
C6 40C A 4 -2.22 8.20 -4.97
N 40C A 4 -4.22 13.74 -2.72
O 40C A 4 0.46 11.88 0.85
CA 40C A 4 -3.33 13.08 -1.82
C2M 40C A 4 -4.20 12.15 -1.02
C3' 40C A 4 -2.26 12.41 -2.70
N4' 40C A 4 -1.57 11.27 -2.09
C5' 40C A 4 -0.36 11.65 -1.33
C7' 40C A 4 -1.86 9.98 -2.34
O7' 40C A 4 -1.14 9.08 -1.92
C8' 40C A 4 -3.10 9.59 -3.13
H5 40C A 4 -1.50 6.95 -6.50
H6 40C A 4 -1.80 9.11 -5.40
H 40C A 4 -4.80 13.13 -3.27
HA 40C A 4 -2.84 13.77 -1.14
H13' 40C A 4 -2.69 12.14 -3.66
H23' 40C A 4 -1.52 13.19 -2.95
HN4 40C A 4 -2.02 4.66 -6.40
HN4A 40C A 4 -2.93 3.95 -5.06
H15' 40C A 4 -0.16 12.71 -1.41
H25' 40C A 4 0.50 11.13 -1.77
H18' 40C A 4 -3.33 10.33 -3.89
H28' 40C A 4 -3.93 9.54 -2.43
H2M 40C A 4 -4.93 12.74 -0.46
H2MA 40C A 4 -4.75 11.46 -1.67
H2MB 40C A 4 -3.60 11.59 -0.31
C 40A A 5 1.39 7.36 3.90
N1 40A A 5 -0.95 1.74 -1.34
C2 40A A 5 -1.29 2.30 -0.19
N3 40A A 5 -1.29 3.58 0.13
C4 40A A 5 -0.87 4.36 -0.90
C5 40A A 5 -0.47 3.95 -2.14
C6 40A A 5 -0.54 2.55 -2.31
N6 40A A 5 -0.23 1.91 -3.41
N7 40A A 5 -0.07 5.03 -2.93
C8 40A A 5 -0.26 6.05 -2.15
N9 40A A 5 -0.80 5.74 -0.92
N 40A A 5 -1.21 10.44 0.65
O 40A A 5 2.15 7.67 4.81
CA 40A A 5 -1.32 10.17 2.06
C2M 40A A 5 -2.67 10.70 2.50
C3' 40A A 5 -1.25 8.66 2.35
N4' 40A A 5 0.01 8.03 1.90
C5' 40A A 5 1.17 8.33 2.76
C7' 40A A 5 0.11 7.12 0.91
O7' 40A A 5 1.18 6.59 0.62
C8' 40A A 5 -1.12 6.65 0.21
H3 40A A 5 -1.60 1.62 0.59
H8 40A A 5 -0.03 7.07 -2.45
H 40A A 5 -1.82 9.96 0.03
HA 40A A 5 -0.55 10.67 2.63
H13' 40A A 5 -2.13 8.18 1.91
H23' 40A A 5 -1.34 8.52 3.43
H15' 40A A 5 2.09 8.33 2.17
H25' 40A A 5 1.09 9.32 3.21
HN6 40A A 5 0.07 2.43 -4.22
HN6A 40A A 5 -0.37 0.90 -3.44
H18' 40A A 5 -1.65 7.53 -0.17
H28' 40A A 5 -1.73 6.14 0.94
H2M 40A A 5 -2.80 10.52 3.57
H2MA 40A A 5 -3.47 10.20 1.96
H2MB 40A A 5 -2.72 11.77 2.32
C 40T A 6 3.73 2.98 6.42
N1 40T A 6 1.82 2.45 1.10
C2 40T A 6 1.79 1.06 0.95
O2 40T A 6 1.43 0.28 1.82
N3 40T A 6 2.17 0.56 -0.24
C4 40T A 6 2.63 1.28 -1.29
O4 40T A 6 2.95 0.67 -2.31
C5 40T A 6 2.67 2.73 -1.08
C6 40T A 6 2.27 3.27 0.10
C7 40T A 6 3.18 3.66 -2.17
N 40T A 6 0.68 6.24 3.93
O 40T A 6 4.79 3.13 7.00
CA 40T A 6 0.44 5.55 5.15
C2M 40T A 6 -1.04 5.69 5.44
C3' 40T A 6 0.78 4.05 5.08
N4' 40T A 6 2.14 3.77 4.61
C5' 40T A 6 3.21 4.11 5.57
C7' 40T A 6 2.45 3.27 3.39
O7' 40T A 6 3.60 2.99 3.08
C8' 40T A 6 1.35 3.07 2.38
HN3 40T A 6 2.11 -0.44 -0.36
H6 40T A 6 2.30 4.34 0.25
H 40T A 6 0.05 6.06 3.17
HA 40T A 6 0.99 5.98 5.98
H13' 40T A 6 0.03 3.56 4.45
H23' 40T A 6 0.66 3.64 6.07
H15' 40T A 6 4.06 4.54 5.04
H25' 40T A 6 2.87 4.88 6.27
H7 40T A 6 4.22 3.39 -2.43
H7A 40T A 6 2.57 3.55 -3.06
H7B 40T A 6 3.15 4.70 -1.86
HXT' 40T A 6 0.88 4.03 2.17
H28' 40T A 6 0.58 2.42 2.81
H2M 40T A 6 -1.28 6.75 5.54
H2MA 40T A 6 -1.28 5.19 6.39
H2MB 40T A 6 -1.64 5.25 4.64
C 40G A 7 6.97 -1.49 7.44
N1 40G A 7 5.01 -3.71 0.22
C2 40G A 7 4.59 -3.93 1.46
N2 40G A 7 4.45 -5.16 1.78
N3 40G A 7 4.38 -3.02 2.38
C4 40G A 7 4.66 -1.77 1.91
C5 40G A 7 5.09 -1.42 0.67
C6 40G A 7 5.25 -2.48 -0.29
O6 40G A 7 5.60 -2.43 -1.46
N7 40G A 7 5.36 -0.05 0.60
C8 40G A 7 5.06 0.37 1.79
N9 40G A 7 4.57 -0.60 2.62
N 40G A 7 3.04 1.86 6.51
O 40G A 7 7.87 -1.50 8.27
CA 40G A 7 3.29 0.89 7.53
C2M 40G A 7 1.99 0.64 8.24
C3' 40G A 7 3.79 -0.44 6.94
N4' 40G A 7 5.10 -0.29 6.29
C5' 40G A 7 6.23 -0.20 7.21
C7' 40G A 7 5.32 -0.30 4.96
O7' 40G A 7 6.46 -0.22 4.51
C8' 40G A 7 4.13 -0.45 4.01
HN1 40G A 7 5.13 -4.50 -0.40
H8 40G A 7 5.17 1.41 2.09
H 40G A 7 2.16 1.79 6.01
HA 40G A 7 4.01 1.25 8.26
HN2 40G A 7 4.13 -5.35 2.72
HN2A 40G A 7 4.64 -5.90 1.12
H13' 40G A 7 3.89 -1.16 7.77
H23' 40G A 7 3.03 -0.84 6.27
H15' 40G A 7 5.90 0.16 8.18
H25' 40G A 7 6.95 0.53 6.83
H18' 40G A 7 3.54 -1.33 4.30
H28' 40G A 7 3.49 0.43 4.10
H2M 40G A 7 2.14 -0.08 9.06
H2MA 40G A 7 1.63 1.56 8.68
H2MB 40G A 7 1.24 0.24 7.56
C 40C A 8 10.61 -5.96 5.70
N1 40C A 8 8.05 -3.20 2.07
C2 40C A 8 8.33 -4.30 1.25
O2 40C A 8 8.32 -5.44 1.69
N3 40C A 8 8.62 -4.15 -0.05
C4 40C A 8 8.68 -2.95 -0.49
N4 40C A 8 8.91 -2.83 -1.75
C5 40C A 8 8.52 -1.80 0.28
C6 40C A 8 8.20 -1.95 1.58
N 40C A 8 6.60 -2.59 6.80
O 40C A 8 11.55 -6.43 6.32
CA 40C A 8 7.01 -3.89 7.24
C2M 40C A 8 5.80 -4.51 7.87
C3' 40C A 8 7.48 -4.77 6.08
N4' 40C A 8 8.74 -4.29 5.51
C5' 40C A 8 9.94 -4.72 6.26
C7' 40C A 8 8.86 -3.59 4.38
O7' 40C A 8 9.94 -3.13 4.02
C8' 40C A 8 7.66 -3.40 3.49
H5 40C A 8 8.62 -0.80 -0.12
H6 40C A 8 8.05 -1.09 2.22
H 40C A 8 5.86 -2.55 6.13
HA 40C A 8 7.80 -3.84 7.99
H13' 40C A 8 7.64 -5.77 6.48
H23' 40C A 8 6.67 -4.84 5.37
HN4 40C A 8 8.92 -1.91 -2.15
HN4A 40C A 8 8.95 -3.68 -2.29
H15' 40C A 8 9.69 -4.93 7.30
H25' 40C A 8 10.68 -3.92 6.27
H18' 40C A 8 7.09 -2.54 3.87
H28' 40C A 8 7.02 -4.28 3.54
H2M 40C A 8 5.47 -3.89 8.71
H2MA 40C A 8 4.99 -4.60 7.14
H2MB 40C A 8 6.05 -5.50 8.25
C 40C A 9 14.34 -8.72 2.08
N1 40C A 9 11.89 -4.49 0.77
C2 40C A 9 12.01 -5.34 -0.34
O2 40C A 9 12.01 -6.55 -0.22
N3 40C A 9 12.14 -4.88 -1.58
C4 40C A 9 12.15 -3.59 -1.70
N4 40C A 9 12.26 -3.18 -2.92
C5 40C A 9 12.07 -2.66 -0.67
C6 40C A 9 11.93 -3.14 0.57
N 40C A 9 10.14 -6.50 4.62
O 40C A 9 15.28 -9.43 2.33
CA 40C A 9 10.50 -7.82 4.19
C2M 40C A 9 9.22 -8.60 4.14
C3' 40C A 9 11.15 -7.84 2.81
N4' 40C A 9 12.48 -7.26 2.84
C5' 40C A 9 13.52 -8.20 3.22
C7' 40C A 9 12.79 -6.00 2.52
O7' 40C A 9 13.94 -5.61 2.50
C8' 40C A 9 11.72 -5.01 2.15
H5 40C A 9 12.10 -1.60 -0.83
H6 40C A 9 11.86 -2.48 1.43
H 40C A 9 9.35 -6.09 4.16
HA 40C A 9 11.17 -8.32 4.90
H13' 40C A 9 11.22 -8.87 2.49
H23' 40C A 9 10.49 -7.35 2.08
HN4 40C A 9 12.25 -2.20 -3.10
HN4A 40C A 9 12.22 -3.89 -3.63
H15' 40C A 9 13.10 -9.07 3.73
H25' 40C A 9 14.21 -7.73 3.92
H18' 40C A 9 11.83 -4.20 2.87
H28' 40C A 9 10.73 -5.41 2.27
H2M 40C A 9 9.39 -9.56 3.65
H2MA 40C A 9 8.87 -8.78 5.15
H2MB 40C A 9 8.46 -8.04 3.58
N NME A 10 14.03 -8.39 0.85
C NME A 10 14.81 -8.79 -0.31
H2 NME A 10 14.53 -8.18 -1.17
HN2 NME A 10 13.23 -7.80 0.71
H1 NME A 10 14.60 -9.84 -0.54
H3 NME A 10 15.87 -8.66 -0.11
C ACE B 1 13.16 -11.32 -10.65
O ACE B 1 13.60 -10.20 -10.75
CH3 ACE B 1 12.13 -11.79 -11.60
H1 ACE B 1 12.47 -12.69 -12.11
H2 ACE B 1 11.20 -11.97 -11.09
H3 ACE B 1 11.96 -11.02 -12.37
C 40G B 2 9.29 -13.93 -7.23
N1 40G B 2 12.05 -6.89 -3.60
C2 40G B 2 12.15 -8.19 -3.40
N2 40G B 2 12.12 -8.53 -2.17
N3 40G B 2 12.23 -9.12 -4.32
C4 40G B 2 12.20 -8.60 -5.56
C5 40G B 2 12.10 -7.28 -5.89
C6 40G B 2 12.02 -6.35 -4.84
O6 40G B 2 11.97 -5.12 -4.88
N7 40G B 2 12.11 -7.13 -7.28
C8 40G B 2 12.23 -8.34 -7.72
N9 40G B 2 12.32 -9.27 -6.73
N 40G B 2 13.57 -12.10 -9.71
O 40G B 2 8.17 -14.33 -7.53
CA 40G B 2 13.07 -13.39 -9.43
C2M 40G B 2 14.21 -14.34 -9.59
C3' 40G B 2 12.57 -13.43 -8.01
N4' 40G B 2 11.34 -12.66 -7.86
C5' 40G B 2 10.15 -13.34 -8.32
C7' 40G B 2 11.25 -11.42 -7.34
O7' 40G B 2 10.17 -10.86 -7.25
C8' 40G B 2 12.51 -10.72 -6.86
HN1 40G B 2 12.06 -6.25 -2.82
H8 40G B 2 12.27 -8.59 -8.77
H 40G B 2 14.33 -11.77 -9.13
HA 40G B 2 12.28 -13.70 -10.11
HN2 40G B 2 12.16 -9.52 -1.97
HN2A 40G B 2 12.05 -7.83 -1.45
H13' 40G B 2 12.36 -14.46 -7.75
H23' 40G B 2 13.36 -13.10 -7.32
H15' 40G B 2 10.41 -14.16 -9.00
H25' 40G B 2 9.53 -12.65 -8.90
H18' 40G B 2 12.81 -11.16 -5.91
H28' 40G B 2 13.33 -10.88 -7.56
H2M 40G B 2 13.87 -15.36 -9.38
H2MA 40G B 2 14.59 -14.31 -10.61
H2MB 40G B 2 15.03 -14.09 -8.90
C 40G B 3 5.22 -13.89 -3.48
N1 40G B 3 8.72 -6.52 -1.70
C2 40G B 3 8.68 -7.73 -1.18
N2 40G B 3 8.58 -7.78 0.10
N3 40G B 3 8.66 -8.86 -1.85
C4 40G B 3 8.67 -8.65 -3.19
C5 40G B 3 8.69 -7.44 -3.83
C6 40G B 3 8.74 -6.28 -3.02
O6 40G B 3 8.80 -5.11 -3.37
N7 40G B 3 8.62 -7.62 -5.21
C8 40G B 3 8.59 -8.91 -5.35
N9 40G B 3 8.70 -9.60 -4.17
N 40G B 3 9.75 -14.03 -6.01
O 40G B 3 4.20 -14.55 -3.62
CA 40G B 3 9.09 -14.83 -5.01
C2M 40G B 3 10.13 -15.75 -4.45
C3' 40G B 3 8.54 -13.98 -3.89
N4' 40G B 3 7.44 -13.10 -4.32
C5' 40G B 3 6.20 -13.80 -4.64
C7' 40G B 3 7.49 -11.77 -4.33
O7' 40G B 3 6.48 -11.10 -4.57
C8' 40G B 3 8.80 -11.05 -3.99
HN1 40G B 3 8.70 -5.72 -1.08
H8 40G B 3 8.51 -9.40 -6.31
H 40G B 3 10.68 -13.71 -5.80
HA 40G B 3 8.31 -15.45 -5.44
HN2 40G B 3 8.50 -8.70 0.51
HN2A 40G B 3 8.50 -6.93 0.64
H13' 40G B 3 8.16 -14.65 -3.11
H23' 40G B 3 9.36 -13.43 -3.43
H15' 40G B 3 6.38 -14.81 -4.96
H25' 40G B 3 5.69 -13.29 -5.45
H18' 40G B 3 9.07 -11.27 -2.95
H28' 40G B 3 9.59 -11.43 -4.63
H2M 40G B 3 9.68 -16.40 -3.71
H2MA 40G B 3 10.55 -16.37 -5.25
H2MB 40G B 3 10.94 -15.18 -3.98
C 40C B 4 0.99 -11.81 -0.56
N1 40C B 4 5.08 -8.26 -2.05
C2 40C B 4 5.11 -7.16 -1.19
O2 40C B 4 5.01 -7.29 0.02
N3 40C B 4 5.26 -5.90 -1.64
C4 40C B 4 5.32 -5.75 -2.92
N4 40C B 4 5.50 -4.55 -3.33
C5 40C B 4 5.21 -6.79 -3.86
C6 40C B 4 5.09 -8.05 -3.39
N 40C B 4 5.52 -13.30 -2.33
O 40C B 4 -0.10 -12.36 -0.69
CA 40C B 4 4.82 -13.59 -1.13
C2M 40C B 4 5.80 -14.30 -0.22
C3' 40C B 4 4.31 -12.33 -0.45
N4' 40C B 4 3.39 -11.53 -1.28
C5' 40C B 4 2.08 -12.17 -1.54
C7' 40C B 4 3.62 -10.28 -1.71
O7' 40C B 4 2.74 -9.61 -2.23
C8' 40C B 4 4.99 -9.66 -1.52
H5 40C B 4 5.24 -6.61 -4.92
H6 40C B 4 5.01 -8.89 -4.08
H 40C B 4 6.37 -12.77 -2.26
HA 40C B 4 3.98 -14.26 -1.30
H13' 40C B 4 3.78 -12.63 0.46
H23' 40C B 4 5.17 -11.75 -0.13
HN4 40C B 4 5.57 -4.37 -4.31
HN4A 40C B 4 5.59 -3.83 -2.62
H15' 40C B 4 2.16 -13.26 -1.53
H25' 40C B 4 1.73 -11.90 -2.53
H18' 40C B 4 5.72 -10.29 -2.03
H28' 40C B 4 5.23 -9.68 -0.45
H2M 40C B 4 6.14 -15.22 -0.71
H2MA 40C B 4 6.66 -13.66 0.00
H2MB 40C B 4 5.31 -14.56 0.71
C 40A B 5 -3.00 -8.18 1.57
N1 40A B 5 1.90 -2.27 -0.65
C2 40A B 5 1.52 -2.96 0.40
N3 40A B 5 1.35 -4.28 0.49
C4 40A B 5 1.62 -4.90 -0.69
C5 40A B 5 1.99 -4.32 -1.86
C6 40A B 5 2.13 -2.92 -1.77
N6 40A B 5 2.48 -2.14 -2.77
N7 40A B 5 2.09 -5.27 -2.88
C8 40A B 5 1.82 -6.39 -2.27
N9 40A B 5 1.57 -6.26 -0.92
N 40A B 5 1.25 -10.97 0.42
O 40A B 5 -4.14 -8.56 1.80
CA 40A B 5 0.37 -10.82 1.54
C2M 40A B 5 1.08 -11.41 2.75
C3' 40A B 5 0.06 -9.34 1.81
N4' 40A B 5 -0.69 -8.69 0.72
C5' 40A B 5 -2.13 -9.05 0.69
C7' 40A B 5 -0.20 -7.76 -0.10
O7' 40A B 5 -0.91 -7.19 -0.93
C8' 40A B 5 1.22 -7.33 0.04
H3 40A B 5 1.34 -2.40 1.30
H8 40A B 5 1.79 -7.35 -2.77
H 40A B 5 2.17 -10.59 0.50
HA 40A B 5 -0.56 -11.35 1.41
H13' 40A B 5 0.99 -8.84 2.04
H23' 40A B 5 -0.54 -9.30 2.73
H15' 40A B 5 -2.52 -8.98 -0.32
H25' 40A B 5 -2.28 -10.08 1.00
HN6 40A B 5 2.69 -2.54 -3.67
HN6A 40A B 5 2.60 -1.15 -2.58
H18' 40A B 5 1.84 -8.20 -0.12
H28' 40A B 5 1.35 -6.95 1.05
H2M 40A B 5 1.29 -12.47 2.55
H2MA 40A B 5 0.44 -11.34 3.61
H2MB 40A B 5 2.01 -10.89 2.93
C 40T B 6 -6.33 -3.73 2.80
N1 40T B 6 -1.75 -3.12 -0.48
C2 40T B 6 -1.66 -1.72 -0.41
O2 40T B 6 -1.87 -1.07 0.60
N3 40T B 6 -1.32 -1.08 -1.54
C4 40T B 6 -1.07 -1.65 -2.74
O4 40T B 6 -0.77 -0.91 -3.67
C5 40T B 6 -1.20 -3.10 -2.78
C6 40T B 6 -1.53 -3.79 -1.65
C7 40T B 6 -0.95 -3.89 -4.05
N 40T B 6 -2.48 -7.10 2.11
O 40T B 6 -7.56 -3.82 2.69
CA 40T B 6 -3.05 -6.55 3.29
C2M 40T B 6 -2.10 -6.87 4.42
C3' 40T B 6 -3.21 -5.03 3.21
N4' 40T B 6 -4.05 -4.59 2.10
C5' 40T B 6 -5.49 -4.86 2.27
C7' 40T B 6 -3.60 -4.00 0.97
O7' 40T B 6 -4.38 -3.56 0.13
C8' 40T B 6 -2.10 -3.87 0.76
HN3 40T B 6 -1.23 -0.08 -1.48
H6 40T B 6 -1.63 -4.87 -1.68
H 40T B 6 -1.52 -6.89 1.91
HA 40T B 6 -4.01 -6.99 3.54
H13' 40T B 6 -2.22 -4.57 3.18
H23' 40T B 6 -3.66 -4.70 4.15
H15' 40T B 6 -5.93 -5.15 1.31
H25' 40T B 6 -5.65 -5.70 2.94
H7 40T B 6 -0.41 -3.29 -4.78
H7A 40T B 6 -0.38 -4.80 -3.84
H7B 40T B 6 -1.91 -4.17 -4.50
HXT' 40T B 6 -1.68 -4.88 0.70
H28' 40T B 6 -1.66 -3.38 1.62
H2M 40T B 6 -1.11 -6.44 4.22
H2MA 40T B 6 -1.99 -7.96 4.51
H2MB 40T B 6 -2.48 -6.48 5.36
C 40G B 7 -9.42 0.85 2.27
N1 40G B 7 -3.98 3.49 -2.40
C2 40G B 7 -4.35 3.55 -1.13
N2 40G B 7 -4.46 4.74 -0.65
N3 40G B 7 -4.67 2.54 -0.37
C4 40G B 7 -4.61 1.36 -1.04
C5 40G B 7 -4.26 1.16 -2.34
C6 40G B 7 -3.88 2.32 -3.09
O6 40G B 7 -3.49 2.41 -4.24
N7 40G B 7 -4.39 -0.18 -2.70
C8 40G B 7 -4.79 -0.75 -1.59
N9 40G B 7 -4.87 0.12 -0.54
N 40G B 7 -5.75 -2.69 3.36
O 40G B 7 -10.60 0.90 2.53
CA 40G B 7 -6.46 -1.74 4.16
C2M 40G B 7 -5.72 -1.61 5.47
C3' 40G B 7 -6.53 -0.37 3.49
N4' 40G B 7 -7.28 -0.41 2.23
C5' 40G B 7 -8.72 -0.48 2.39
C7' 40G B 7 -6.76 -0.32 1.00
O7' 40G B 7 -7.48 -0.33 -0.01
C8' 40G B 7 -5.25 -0.19 0.84
HN1 40G B 7 -3.76 4.35 -2.89
H8 40G B 7 -5.01 -1.80 -1.51
H 40G B 7 -4.74 -2.68 3.41
HA 40G B 7 -7.47 -2.09 4.39
HN2 40G B 7 -4.72 4.82 0.31
HN2A 40G B 7 -4.26 5.55 -1.23
H13' 40G B 7 -7.03 0.32 4.18
H23' 40G B 7 -5.52 0.00 3.36
H15' 40G B 7 -8.98 -0.89 3.36
H25' 40G B 7 -9.14 -1.15 1.64
H18' 40G B 7 -4.89 0.61 1.49
H28' 40G B 7 -4.78 -1.12 1.16
H2M 40G B 7 -5.67 -2.59 5.95
H2MA 40G B 7 -4.71 -1.24 5.30
H2MB 40G B 7 -6.24 -0.92 6.12
C 40C B 8 -11.75 5.44 -0.56
N1 40C B 8 -7.51 3.18 -2.66
C2 40C B 8 -7.28 4.51 -3.05
O2 40C B 8 -7.60 5.45 -2.33
N3 40C B 8 -6.70 4.82 -4.23
C4 40C B 8 -6.42 3.81 -5.00
N4 40C B 8 -5.87 4.11 -6.11
C5 40C B 8 -6.73 2.47 -4.73
C6 40C B 8 -7.28 2.17 -3.54
N 40C B 8 -8.74 1.92 1.91
O 40C B 8 -12.88 5.86 -0.39
CA 40C B 8 -9.25 3.21 2.21
C2M 40C B 8 -8.42 3.70 3.32
C3' 40C B 8 -9.14 4.18 1.06
N4' 40C B 8 -9.95 3.76 -0.07
C5' 40C B 8 -11.36 4.12 0.05
C7' 40C B 8 -9.49 3.17 -1.17
O7' 40C B 8 -10.23 2.88 -2.09
C8' 40C B 8 -8.03 2.85 -1.31
H5 40C B 8 -6.52 1.68 -5.43
H6 40C B 8 -7.52 1.15 -3.27
H 40C B 8 -7.76 1.85 1.69
HA 40C B 8 -10.29 3.19 2.54
H13' 40C B 8 -9.53 5.14 1.41
H23' 40C B 8 -8.10 4.37 0.82
HN4 40C B 8 -5.63 3.37 -6.75
HN4A 40C B 8 -5.66 5.08 -6.29
H15' 40C B 8 -11.67 4.16 1.10
H25' 40C B 8 -11.98 3.36 -0.42
H18' 40C B 8 -7.92 1.78 -1.12
H28' 40C B 8 -7.40 3.35 -0.59
H2M 40C B 8 -8.76 4.69 3.62
H2MA 40C B 8 -8.52 3.03 4.18
H2MB 40C B 8 -7.37 3.77 3.02
C 40C B 9 -13.42 8.50 -5.24
N1 40C B 9 -9.79 5.10 -5.74
C2 40C B 9 -9.39 6.28 -6.38
O2 40C B 9 -9.64 7.39 -5.91
N3 40C B 9 -8.73 6.29 -7.53
C4 40C B 9 -8.48 5.13 -8.04
N4 40C B 9 -7.84 5.18 -9.14
C5 40C B 9 -8.87 3.90 -7.51
C6 40C B 9 -9.54 3.91 -6.34
N 40C B 9 -10.83 6.13 -1.20
O 40C B 9 -14.53 8.90 -5.48
CA 40C B 9 -11.02 7.50 -1.54
C2M 40C B 9 -9.98 8.27 -0.76
C3' 40C B 9 -10.85 7.75 -3.03
N4' 40C B 9 -11.89 7.10 -3.82
C5' 40C B 9 -13.14 7.88 -3.90
C7' 40C B 9 -11.78 5.94 -4.48
O7' 40C B 9 -12.69 5.49 -5.16
C8' 40C B 9 -10.51 5.12 -4.42
H5 40C B 9 -8.67 2.95 -7.99
H6 40C B 9 -9.87 2.99 -5.87
H 40C B 9 -9.90 5.76 -1.27
HA 40C B 9 -12.01 7.88 -1.23
H13' 40C B 9 -10.89 8.83 -3.20
H23' 40C B 9 -9.85 7.44 -3.33
HN4 40C B 9 -7.61 4.33 -9.62
HN4A 40C B 9 -7.56 6.09 -9.46
H15' 40C B 9 -13.15 8.69 -3.17
H25' 40C B 9 -13.98 7.23 -3.66
H18' 40C B 9 -10.82 4.11 -4.15
H28' 40C B 9 -9.84 5.47 -3.64
H2M 40C B 9 -8.99 7.91 -1.00
H2MA 40C B 9 -10.06 9.33 -1.01
H2MB 40C B 9 -10.16 8.15 0.31
N NME B 10 -12.44 8.57 -6.14
C NME B 10 -12.61 9.11 -7.48
H2 NME B 10 -12.89 8.30 -8.16
HN2 NME B 10 -11.53 8.22 -5.87
H1 NME B 10 -11.67 9.55 -7.83
H3 NME B 10 -13.38 9.88 -7.51
C ACE A 1 -6.17 15.95 -13.86
O ACE A 1 -6.95 15.78 -14.76
CH3 ACE A 1 -5.00 16.77 -14.13
H1 ACE A 1 -5.04 17.69 -13.54
H2 ACE A 1 -4.08 16.23 -13.95
H3 ACE A 1 -5.00 17.07 -15.17
C 40G A 2 -2.95 15.10 -8.55
N1 40G A 2 -7.22 7.85 -8.78
C2 40G A 2 -7.43 9.10 -8.42
N2 40G A 2 -8.15 9.24 -7.37
N3 40G A 2 -6.96 10.18 -9.01
C4 40G A 2 -6.19 9.87 -10.07
C5 40G A 2 -5.88 8.62 -10.53
C6 40G A 2 -6.44 7.52 -9.84
O6 40G A 2 -6.34 6.32 -10.07
N7 40G A 2 -5.07 8.70 -11.66
C8 40G A 2 -4.93 9.98 -11.84
N9 40G A 2 -5.58 10.74 -10.92
N 40G A 2 -6.41 15.39 -12.74
O 40G A 2 -2.01 15.68 -8.05
CA 40G A 2 -5.65 15.40 -11.57
C2M 40G A 2 -5.54 16.77 -11.00
C3' 40G A 2 -4.36 14.66 -11.80
N4' 40G A 2 -3.95 13.99 -10.58
C5' 40G A 2 -2.77 14.56 -9.95
C7' 40G A 2 -4.44 12.81 -10.18
O7' 40G A 2 -3.93 12.22 -9.25
C8' 40G A 2 -5.66 12.21 -10.87
HN1 40G A 2 -7.68 7.10 -8.29
H8 40G A 2 -4.35 10.40 -12.65
H 40G A 2 -7.27 14.87 -12.68
HA 40G A 2 -6.24 14.83 -10.85
HN2 40G A 2 -8.31 10.18 -7.03
HN2A 40G A 2 -8.53 8.43 -6.89
H13' 40G A 2 -3.59 15.36 -12.12
H23' 40G A 2 -4.46 13.93 -12.61
H15' 40G A 2 -2.35 15.38 -10.54
H25' 40G A 2 -2.01 13.78 -9.90
H18' 40G A 2 -6.55 12.51 -10.32
H28' 40G A 2 -5.76 12.56 -11.89
H2M 40G A 2 -4.73 17.35 -11.47
H2MA 40G A 2 -6.49 17.30 -11.09
H2MB 40G A 2 -5.28 16.70 -9.94
C 40G A 3 -2.12 14.18 -3.23
N1 40G A 3 -5.98 6.86 -5.17
C2 40G A 3 -6.25 7.96 -4.50
N2 40G A 3 -6.95 7.80 -3.42
N3 40G A 3 -5.81 9.16 -4.77
C4 40G A 3 -4.99 9.16 -5.85
C5 40G A 3 -4.61 8.10 -6.61
C6 40G A 3 -5.16 6.84 -6.25
O6 40G A 3 -4.99 5.74 -6.77
N7 40G A 3 -3.70 8.48 -7.60
C8 40G A 3 -3.60 9.76 -7.42
N9 40G A 3 -4.41 10.26 -6.44
N 40G A 3 -4.09 14.96 -7.90
O 40G A 3 -1.21 14.76 -2.65
CA 40G A 3 -4.33 15.59 -6.63
C2M 40G A 3 -5.58 16.43 -6.79
C3' 40G A 3 -4.55 14.56 -5.53
N4' 40G A 3 -3.39 13.67 -5.32
C5' 40G A 3 -2.22 14.31 -4.73
C7' 40G A 3 -3.39 12.34 -5.53
O7' 40G A 3 -2.41 11.64 -5.23
C8' 40G A 3 -4.64 11.67 -6.08
HN1 40G A 3 -6.35 5.98 -4.84
H8 40G A 3 -2.95 10.38 -8.03
H 40G A 3 -4.86 14.47 -8.33
HA 40G A 3 -3.52 16.25 -6.35
HN2 40G A 3 -7.11 8.62 -2.86
HN2A 40G A 3 -7.23 6.88 -3.14
H13' 40G A 3 -4.74 15.10 -4.60
H23' 40G A 3 -5.46 14.00 -5.75
H15' 40G A 3 -2.20 15.38 -4.96
H25' 40G A 3 -1.31 13.89 -5.17
H18' 40G A 3 -5.43 11.74 -5.34
H28' 40G A 3 -4.97 12.20 -6.98
H2M 40G A 3 -5.41 17.19 -7.54
H2MA 40G A 3 -6.43 15.81 -7.08
H2MB 40G A 3 -5.80 16.92 -5.84
C 40C A 4 -0.43 11.42 1.31
N1 40C A 4 -2.81 8.52 -2.86
C2 40C A 4 -3.39 7.33 -2.43
O2 40C A 4 -4.08 7.29 -1.42
N3 40C A 4 -3.23 6.18 -3.10
C4 40C A 4 -2.47 6.21 -4.14
N4 40C A 4 -2.35 5.10 -4.78
C5 40C A 4 -1.80 7.35 -4.61
C6 40C A 4 -1.97 8.50 -3.94
N 40C A 4 -3.04 13.50 -2.58
O 40C A 4 0.57 11.82 1.89
CA 40C A 4 -3.20 13.60 -1.16
C2M 40C A 4 -4.53 14.29 -0.94
C3' 40C A 4 -3.20 12.25 -0.48
N4' 40C A 4 -1.96 11.49 -0.69
C5' 40C A 4 -0.76 12.05 -0.02
C7' 40C A 4 -1.88 10.33 -1.37
O7' 40C A 4 -0.84 9.66 -1.37
C8' 40C A 4 -3.07 9.83 -2.15
H5 40C A 4 -1.15 7.33 -5.47
H6 40C A 4 -1.48 9.42 -4.25
H 40C A 4 -3.78 13.04 -3.09
HA 40C A 4 -2.44 14.23 -0.71
H13' 40C A 4 -3.32 12.41 0.60
H23' 40C A 4 -4.07 11.70 -0.80
HN4 40C A 4 -1.78 5.07 -5.60
HN4A 40C A 4 -2.85 4.30 -4.43
H15' 40C A 4 -0.86 13.11 0.15
H25' 40C A 4 0.11 11.91 -0.67
H18' 40C A 4 -3.35 10.59 -2.87
H28' 40C A 4 -3.90 9.71 -1.45
H2M 40C A 4 -5.32 13.77 -1.49
H2MA 40C A 4 -4.76 14.29 0.13
H2MB 40C A 4 -4.45 15.33 -1.29
C 40A A 5 1.43 7.13 4.82
N1 40A A 5 -1.19 2.13 -0.87
C2 40A A 5 -1.55 2.62 0.31
N3 40A A 5 -1.48 3.88 0.70
C4 40A A 5 -0.97 4.70 -0.26
C5 40A A 5 -0.53 4.34 -1.50
C6 40A A 5 -0.69 2.96 -1.77
N6 40A A 5 -0.36 2.37 -2.89
N7 40A A 5 0.00 5.43 -2.18
C8 40A A 5 -0.15 6.41 -1.34
N9 40A A 5 -0.78 6.06 -0.17
N 40A A 5 -1.24 10.52 1.81
O 40A A 5 2.23 7.34 5.71
CA 40A A 5 -1.19 10.15 3.20
C2M 40A A 5 -2.44 10.70 3.84
C3' 40A A 5 -1.16 8.63 3.38
N4' 40A A 5 0.08 8.01 2.88
C5' 40A A 5 1.25 8.20 3.76
C7' 40A A 5 0.16 7.20 1.79
O7' 40A A 5 1.21 6.64 1.49
C8' 40A A 5 -1.07 6.94 0.99
H3 40A A 5 -1.95 1.92 1.02
H8 40A A 5 0.17 7.42 -1.55
H 40A A 5 -2.06 10.26 1.30
HA 40A A 5 -0.33 10.58 3.70
H13' 40A A 5 -2.06 8.21 2.91
H23' 40A A 5 -1.24 8.42 4.44
H15' 40A A 5 2.17 8.22 3.17
H25' 40A A 5 1.19 9.15 4.28
HN6 40A A 5 0.01 2.92 -3.64
HN6A 40A A 5 -0.56 1.38 -3.00
H18' 40A A 5 -1.46 7.90 0.64
H28' 40A A 5 -1.79 6.45 1.64
H2M 40A A 5 -2.46 11.78 3.74
H2MA 40A A 5 -2.43 10.46 4.90
H2MB 40A A 5 -3.33 10.27 3.38
C 40T A 6 3.67 2.61 6.94
N1 40T A 6 1.62 2.45 1.64
C2 40T A 6 1.53 1.09 1.36
O2 40T A 6 1.16 0.24 2.16
N3 40T A 6 1.89 0.69 0.13
C4 40T A 6 2.39 1.48 -0.85
O4 40T A 6 2.68 0.94 -1.91
C5 40T A 6 2.52 2.89 -0.50
C6 40T A 6 2.12 3.34 0.72
C7 40T A 6 3.10 3.89 -1.48
N 40T A 6 0.65 6.06 4.77
O 40T A 6 4.74 2.73 7.51
CA 40T A 6 0.39 5.29 5.95
C2M 40T A 6 -1.06 5.48 6.29
C3' 40T A 6 0.69 3.80 5.74
N4' 40T A 6 2.04 3.52 5.23
C5' 40T A 6 3.13 3.80 6.19
C7' 40T A 6 2.32 3.09 3.98
O7' 40T A 6 3.46 2.82 3.64
C8' 40T A 6 1.18 2.97 2.97
HN3 40T A 6 1.81 -0.30 -0.07
H6 40T A 6 2.22 4.39 0.97
H 40T A 6 0.00 5.98 4.01
HA 40T A 6 0.99 5.64 6.79
H13' 40T A 6 -0.09 3.38 5.10
H23' 40T A 6 0.57 3.30 6.71
H15' 40T A 6 3.97 4.26 5.67
H25' 40T A 6 2.81 4.51 6.94
H7 40T A 6 2.54 3.84 -2.42
H7A 40T A 6 3.04 4.91 -1.10
H7B 40T A 6 4.14 3.64 -1.70
HXT' 40T A 6 0.72 3.95 2.85
H28' 40T A 6 0.43 2.30 3.39
H2M 40T A 6 -1.29 4.92 7.19
H2MA 40T A 6 -1.69 5.12 5.47
H2MB 40T A 6 -1.26 6.54 6.46
C 40G A 7 7.06 -1.73 7.53
N1 40G A 7 4.73 -3.57 0.18
C2 40G A 7 4.36 -3.88 1.42
N2 40G A 7 4.24 -5.14 1.64
N3 40G A 7 4.19 -3.04 2.41
C4 40G A 7 4.44 -1.76 2.05
C5 40G A 7 4.83 -1.32 0.81
C6 40G A 7 4.96 -2.29 -0.22
O6 40G A 7 5.28 -2.15 -1.39
N7 40G A 7 5.10 0.06 0.84
C8 40G A 7 4.86 0.38 2.08
N9 40G A 7 4.39 -0.65 2.85
N 40G A 7 2.97 1.49 6.98
O 40G A 7 7.98 -1.73 8.31
CA 40G A 7 3.28 0.43 7.91
C2M 40G A 7 2.01 0.09 8.63
C3' 40G A 7 3.80 -0.81 7.19
N4' 40G A 7 5.07 -0.57 6.51
C5' 40G A 7 6.24 -0.48 7.39
C7' 40G A 7 5.24 -0.49 5.18
O7' 40G A 7 6.35 -0.33 4.68
C8' 40G A 7 4.02 -0.62 4.26
HN1 40G A 7 4.84 -4.30 -0.50
H8 40G A 7 4.99 1.39 2.46
H 40G A 7 2.09 1.45 6.49
HA 40G A 7 4.00 0.76 8.65
HN2 40G A 7 3.96 -5.41 2.58
HN2A 40G A 7 4.42 -5.82 0.92
H13' 40G A 7 3.94 -1.59 7.94
H23' 40G A 7 3.03 -1.18 6.52
H15' 40G A 7 5.92 -0.19 8.41
H25' 40G A 7 6.90 0.33 7.05
H18' 40G A 7 3.49 -1.54 4.51
H28' 40G A 7 3.34 0.22 4.44
H2M 40G A 7 1.22 -0.17 7.92
H2MA 40G A 7 2.17 -0.75 9.29
H2MB 40G A 7 1.69 0.95 9.22
C 40C A 8 10.77 -5.93 5.18
N1 40C A 8 7.85 -3.07 1.94
C2 40C A 8 8.11 -4.11 1.04
O2 40C A 8 8.12 -5.27 1.40
N3 40C A 8 8.34 -3.88 -0.26
C4 40C A 8 8.37 -2.64 -0.62
N4 40C A 8 8.54 -2.45 -1.88
C5 40C A 8 8.24 -1.55 0.24
C6 40C A 8 7.99 -1.78 1.53
N 40C A 8 6.73 -2.82 6.84
O 40C A 8 11.77 -6.40 5.68
CA 40C A 8 7.26 -4.11 7.16
C2M 40C A 8 6.16 -4.84 7.89
C3' 40C A 8 7.64 -4.89 5.90
N4' 40C A 8 8.83 -4.35 5.25
C5' 40C A 8 10.09 -4.77 5.88
C7' 40C A 8 8.83 -3.57 4.16
O7' 40C A 8 9.87 -3.07 3.74
C8' 40C A 8 7.56 -3.36 3.37
H5 40C A 8 8.32 -0.53 -0.12
H6 40C A 8 7.87 -0.97 2.24
H 40C A 8 5.95 -2.78 6.20
HA 40C A 8 8.13 -4.05 7.81
H13' 40C A 8 7.85 -5.93 6.20
H23' 40C A 8 6.76 -4.94 5.25
HN4 40C A 8 8.53 -1.51 -2.23
HN4A 40C A 8 8.55 -3.26 -2.47
H15' 40C A 8 9.94 -5.07 6.91
H25' 40C A 8 10.80 -3.94 5.88
H18' 40C A 8 7.00 -2.55 3.84
H28' 40C A 8 6.96 -4.26 3.42
H2M 40C A 8 6.50 -5.85 8.14
H2MA 40C A 8 5.93 -4.31 8.82
H2MB 40C A 8 5.26 -4.90 7.27
C 40C A 9 14.41 -8.30 1.20
N1 40C A 9 11.70 -4.11 0.26
C2 40C A 9 11.74 -4.92 -0.88
O2 40C A 9 11.77 -6.13 -0.82
N3 40C A 9 11.74 -4.40 -2.11
C4 40C A 9 11.72 -3.11 -2.19
N4 40C A 9 11.73 -2.65 -3.37
C5 40C A 9 11.72 -2.23 -1.10
C6 40C A 9 11.71 -2.76 0.13
N 40C A 9 10.24 -6.43 4.09
O 40C A 9 15.43 -8.94 1.37
CA 40C A 9 10.61 -7.70 3.56
C2M 40C A 9 9.36 -8.53 3.54
C3' 40C A 9 11.18 -7.59 2.16
N4' 40C A 9 12.51 -6.97 2.14
C5' 40C A 9 13.60 -7.91 2.40
C7' 40C A 9 12.76 -5.68 1.90
O7' 40C A 9 13.90 -5.24 1.86
C8' 40C A 9 11.64 -4.69 1.64
H5 40C A 9 11.72 -1.16 -1.23
H6 40C A 9 11.69 -2.13 1.01
H 40C A 9 9.39 -6.02 3.74
HA 40C A 9 11.35 -8.22 4.20
H13' 40C A 9 11.27 -8.60 1.74
H23' 40C A 9 10.48 -7.08 1.50
HN4 40C A 9 11.71 -1.66 -3.53
HN4A 40C A 9 11.67 -3.34 -4.12
H15' 40C A 9 13.23 -8.82 2.85
H25' 40C A 9 14.29 -7.46 3.12
H18' 40C A 9 11.77 -3.91 2.38
H28' 40C A 9 10.67 -5.14 1.80
H2M 40C A 9 8.97 -8.63 4.55
H2MA 40C A 9 8.61 -8.06 2.90
H2MB 40C A 9 9.58 -9.52 3.16
N NME A 10 14.00 -7.94 -0.01
C NME A 10 14.73 -8.24 -1.23
H2 NME A 10 15.27 -7.35 -1.56
HN2 NME A 10 13.15 -7.42 -0.07
H1 NME A 10 14.04 -8.56 -2.02
H3 NME A 10 15.46 -9.04 -1.08
C ACE B 1 12.42 -10.49 -11.50
O ACE B 1 12.82 -9.36 -11.60
CH3 ACE B 1 11.32 -10.94 -12.37
H1 ACE B 1 11.05 -10.16 -13.07
H2 ACE B 1 11.63 -11.83 -12.94
H3 ACE B 1 10.43 -11.18 -11.77
C 40G B 2 8.93 -13.36 -7.94
N1 40G B 2 11.65 -6.34 -4.23
C2 40G B 2 11.76 -7.64 -4.08
N2 40G B 2 11.77 -8.04 -2.87
N3 40G B 2 11.82 -8.54 -5.03
C4 40G B 2 11.75 -7.97 -6.25
C5 40G B 2 11.63 -6.64 -6.54
C6 40G B 2 11.58 -5.73 -5.44
O6 40G B 2 11.49 -4.52 -5.43
N7 40G B 2 11.58 -6.43 -7.91
C8 40G B 2 11.69 -7.63 -8.39
N9 40G B 2 11.82 -8.61 -7.45
N 40G B 2 12.93 -11.29 -10.62
O 40G B 2 7.82 -13.81 -8.19
CA 40G B 2 12.49 -12.60 -10.36
C2M 40G B 2 13.63 -13.50 -10.66
C3' 40G B 2 12.11 -12.70 -8.91
N4' 40G B 2 10.88 -11.98 -8.65
C5' 40G B 2 9.68 -12.69 -9.06
C7' 40G B 2 10.79 -10.77 -8.08
O7' 40G B 2 9.69 -10.24 -7.89
C8' 40G B 2 12.05 -10.04 -7.66
HN1 40G B 2 11.66 -5.73 -3.42
H8 40G B 2 11.70 -7.83 -9.46
H 40G B 2 13.72 -10.95 -10.10
HA 40G B 2 11.64 -12.92 -10.97
HN2 40G B 2 11.81 -9.03 -2.71
HN2A 40G B 2 11.72 -7.37 -2.10
H13' 40G B 2 11.97 -13.76 -8.66
H23' 40G B 2 12.94 -12.36 -8.28
H15' 40G B 2 9.93 -13.47 -9.78
H25' 40G B 2 9.00 -12.00 -9.56
H18' 40G B 2 12.43 -10.49 -6.74
H28' 40G B 2 12.83 -10.13 -8.42
H2M 40G B 2 14.50 -13.25 -10.04
H2MA 40G B 2 13.34 -14.53 -10.47
H2MB 40G B 2 13.91 -13.41 -11.71
C 40G B 3 4.97 -13.48 -4.17
N1 40G B 3 8.44 -6.14 -2.05
C2 40G B 3 8.44 -7.38 -1.60
N2 40G B 3 8.38 -7.50 -0.33
N3 40G B 3 8.39 -8.48 -2.33
C4 40G B 3 8.34 -8.19 -3.66
C5 40G B 3 8.30 -6.95 -4.23
C6 40G B 3 8.38 -5.83 -3.37
O6 40G B 3 8.40 -4.63 -3.63
N7 40G B 3 8.16 -7.06 -5.62
C8 40G B 3 8.14 -8.34 -5.82
N9 40G B 3 8.33 -9.08 -4.68
N 40G B 3 9.45 -13.46 -6.74
O 40G B 3 3.98 -14.16 -4.34
CA 40G B 3 8.88 -14.29 -5.73
C2M 40G B 3 9.99 -15.16 -5.20
C3' 40G B 3 8.31 -13.48 -4.57
N4' 40G B 3 7.19 -12.62 -4.97
C5' 40G B 3 5.96 -13.35 -5.31
C7' 40G B 3 7.18 -11.28 -4.92
O7' 40G B 3 6.15 -10.64 -5.12
C8' 40G B 3 8.47 -10.54 -4.58
HN1 40G B 3 8.43 -5.38 -1.39
H8 40G B 3 8.04 -8.78 -6.81
H 40G B 3 10.37 -13.07 -6.57
HA 40G B 3 8.12 -14.95 -6.13
HN2 40G B 3 8.31 -8.44 0.03
HN2A 40G B 3 8.31 -6.68 0.26
H13' 40G B 3 7.96 -14.18 -3.81
H23' 40G B 3 9.12 -12.91 -4.11
H15' 40G B 3 6.18 -14.34 -5.67
H25' 40G B 3 5.44 -12.82 -6.12
H18' 40G B 3 8.78 -10.80 -3.56
H28' 40G B 3 9.26 -10.86 -5.27
H2M 40G B 3 9.59 -15.90 -4.52
H2MA 40G B 3 10.48 -15.68 -6.03
H2MB 40G B 3 10.74 -14.56 -4.68
C 40C B 4 0.68 -11.60 -1.20
N1 40C B 4 4.76 -7.92 -2.43
C2 40C B 4 4.81 -6.89 -1.49
O2 40C B 4 4.75 -7.12 -0.29
N3 40C B 4 4.93 -5.59 -1.84
C4 40C B 4 4.97 -5.35 -3.11
N4 40C B 4 5.12 -4.12 -3.42
C5 40C B 4 4.87 -6.31 -4.13
C6 40C B 4 4.76 -7.59 -3.75
N 40C B 4 5.25 -12.93 -3.00
O 40C B 4 -0.39 -12.13 -1.39
CA 40C B 4 4.54 -13.29 -1.81
C2M 40C B 4 5.52 -14.02 -0.92
C3' 40C B 4 4.00 -12.07 -1.08
N4' 40C B 4 3.09 -11.25 -1.88
C5' 40C B 4 1.79 -11.89 -2.19
C7' 40C B 4 3.31 -9.97 -2.25
O7' 40C B 4 2.43 -9.28 -2.75
C8' 40C B 4 4.68 -9.35 -2.01
H5 40C B 4 4.88 -6.05 -5.17
H6 40C B 4 4.68 -8.39 -4.50
H 40C B 4 6.08 -12.39 -2.88
HA 40C B 4 3.72 -13.96 -2.01
H13' 40C B 4 3.46 -12.42 -0.20
H23' 40C B 4 4.85 -11.50 -0.70
HN4 40C B 4 5.18 -3.86 -4.39
HN4A 40C B 4 5.21 -3.45 -2.67
H15' 40C B 4 1.88 -12.96 -2.25
H25' 40C B 4 1.45 -11.55 -3.17
H18' 40C B 4 5.41 -9.94 -2.57
H28' 40C B 4 4.92 -9.45 -0.95
H2M 40C B 4 5.02 -14.33 -0.01
H2MA 40C B 4 5.88 -14.91 -1.45
H2MB 40C B 4 6.37 -13.38 -0.67
C 40A B 5 -3.33 -8.11 1.23
N1 40A B 5 1.62 -2.09 -0.53
C2 40A B 5 1.29 -2.88 0.48
N3 40A B 5 1.13 -4.19 0.46
C4 40A B 5 1.35 -4.72 -0.78
C5 40A B 5 1.67 -4.03 -1.91
C6 40A B 5 1.81 -2.65 -1.72
N6 40A B 5 2.13 -1.78 -2.65
N7 40A B 5 1.74 -4.89 -3.02
C8 40A B 5 1.47 -6.06 -2.50
N9 40A B 5 1.28 -6.04 -1.14
N 40A B 5 0.92 -10.82 -0.16
O 40A B 5 -4.48 -8.48 1.42
CA 40A B 5 0.04 -10.77 0.96
C2M 40A B 5 0.73 -11.47 2.10
C3' 40A B 5 -0.27 -9.32 1.37
N4' 40A B 5 -1.02 -8.57 0.35
C5' 40A B 5 -2.46 -8.90 0.28
C7' 40A B 5 -0.52 -7.55 -0.39
O7' 40A B 5 -1.24 -6.89 -1.12
C8' 40A B 5 0.93 -7.19 -0.25
H3 40A B 5 1.12 -2.39 1.43
H8 40A B 5 1.42 -6.97 -3.08
H 40A B 5 1.85 -10.43 -0.05
HA 40A B 5 -0.90 -11.28 0.76
H13' 40A B 5 0.67 -8.83 1.64
H23' 40A B 5 -0.87 -9.36 2.28
H15' 40A B 5 -2.84 -8.74 -0.72
H25' 40A B 5 -2.63 -9.96 0.51
HN6 40A B 5 2.32 -2.10 -3.58
HN6A 40A B 5 2.26 -0.81 -2.38
H18' 40A B 5 1.51 -8.06 -0.52
H28' 40A B 5 1.10 -6.92 0.78
H2M 40A B 5 0.07 -11.49 2.98
H2MA 40A B 5 1.66 -10.96 2.36
H2MB 40A B 5 0.95 -12.50 1.81
C 40T B 6 -6.73 -3.89 2.68
N1 40T B 6 -2.05 -2.80 -0.29
C2 40T B 6 -1.93 -1.41 -0.14
O2 40T B 6 -2.15 -0.82 0.91
N3 40T B 6 -1.55 -0.70 -1.22
C4 40T B 6 -1.34 -1.20 -2.46
O4 40T B 6 -1.02 -0.40 -3.33
C5 40T B 6 -1.51 -2.65 -2.59
C6 40T B 6 -1.85 -3.39 -1.52
C7 40T B 6 -1.30 -3.34 -3.93
N 40T B 6 -2.80 -7.10 1.88
O 40T B 6 -7.93 -4.03 2.50
CA 40T B 6 -3.37 -6.65 3.11
C2M 40T B 6 -2.44 -7.07 4.22
C3' 40T B 6 -3.55 -5.13 3.15
N4' 40T B 6 -4.37 -4.61 2.05
C5' 40T B 6 -5.81 -4.96 2.14
C7' 40T B 6 -3.91 -3.88 1.01
O7' 40T B 6 -4.67 -3.40 0.17
C8' 40T B 6 -2.41 -3.65 0.88
HN3 40T B 6 -1.45 0.29 -1.09
H6 40T B 6 -1.98 -4.46 -1.62
H 40T B 6 -1.83 -6.86 1.71
HA 40T B 6 -4.34 -7.11 3.30
H13' 40T B 6 -2.56 -4.67 3.17
H23' 40T B 6 -4.03 -4.87 4.10
H15' 40T B 6 -6.17 -5.23 1.14
H25' 40T B 6 -5.95 -5.83 2.77
H7 40T B 6 -1.51 -4.41 -3.86
H7A 40T B 6 -1.95 -2.89 -4.68
H7B 40T B 6 -0.27 -3.20 -4.25
HXT' 40T B 6 -1.92 -4.61 0.80
H28' 40T B 6 -2.06 -3.16 1.79
H2M 40T B 6 -1.45 -6.62 4.08
H2MA 40T B 6 -2.34 -8.16 4.23
H2MB 40T B 6 -2.85 -6.75 5.18
C 40G B 7 -10.14 0.38 2.06
N1 40G B 7 -4.15 3.69 -1.96
C2 40G B 7 -4.60 3.68 -0.72
N2 40G B 7 -4.74 4.84 -0.19
N3 40G B 7 -4.99 2.62 -0.03
C4 40G B 7 -4.88 1.48 -0.75
C5 40G B 7 -4.43 1.36 -2.05
C6 40G B 7 -4.01 2.55 -2.70
O6 40G B 7 -3.57 2.72 -3.82
N7 40G B 7 -4.54 0.03 -2.47
C8 40G B 7 -5.05 -0.58 -1.43
N9 40G B 7 -5.20 0.22 -0.34
N 40G B 7 -6.24 -2.86 3.32
O 40G B 7 -11.35 0.24 2.12
CA 40G B 7 -7.06 -1.97 4.12
C2M 40G B 7 -6.40 -1.84 5.47
C3' 40G B 7 -7.19 -0.59 3.49
N4' 40G B 7 -7.83 -0.62 2.17
C5' 40G B 7 -9.28 -0.86 2.19
C7' 40G B 7 -7.20 -0.42 0.99
O7' 40G B 7 -7.82 -0.42 -0.06
C8' 40G B 7 -5.70 -0.15 1.00
HN1 40G B 7 -3.89 4.56 -2.39
H8 40G B 7 -5.28 -1.64 -1.43
H 40G B 7 -5.24 -2.79 3.44
HA 40G B 7 -8.05 -2.40 4.27
HN2 40G B 7 -5.08 4.87 0.75
HN2A 40G B 7 -4.50 5.69 -0.70
H13' 40G B 7 -7.81 0.02 4.16
H23' 40G B 7 -6.21 -0.12 3.47
H15' 40G B 7 -9.57 -1.35 3.12
H25' 40G B 7 -9.54 -1.54 1.38
H18' 40G B 7 -5.48 0.67 1.69
H28' 40G B 7 -5.17 -1.03 1.35
H2M 40G B 7 -7.00 -1.19 6.11
H2MA 40G B 7 -6.33 -2.82 5.93
H2MB 40G B 7 -5.40 -1.41 5.37
C 40C B 8 -12.04 5.46 -0.94
N1 40C B 8 -7.70 2.95 -2.48
C2 40C B 8 -7.46 4.18 -3.10
O2 40C B 8 -7.75 5.24 -2.57
N3 40C B 8 -6.87 4.26 -4.30
C4 40C B 8 -6.60 3.13 -4.89
N4 40C B 8 -6.01 3.23 -6.02
C5 40C B 8 -6.91 1.87 -4.38
C6 40C B 8 -7.46 1.80 -3.15
N 40C B 8 -9.57 1.57 1.94
O 40C B 8 -13.14 5.98 -0.95
CA 40C B 8 -10.30 2.79 2.18
C2M 40C B 8 -9.94 3.24 3.58
C3' 40C B 8 -9.92 3.88 1.18
N4' 40C B 8 -10.49 3.63 -0.15
C5' 40C B 8 -11.88 4.09 -0.30
C7' 40C B 8 -9.83 3.12 -1.21
O7' 40C B 8 -10.40 2.87 -2.25
C8' 40C B 8 -8.33 2.90 -1.12
H5 40C B 8 -6.69 0.96 -4.92
H6 40C B 8 -7.70 0.84 -2.70
H 40C B 8 -8.56 1.63 1.91
HA 40C B 8 -11.38 2.63 2.13
H13' 40C B 8 -10.32 4.82 1.55
H23' 40C B 8 -8.84 3.99 1.17
HN4 40C B 8 -5.73 2.40 -6.50
HN4A 40C B 8 -5.73 4.16 -6.31
H15' 40C B 8 -12.39 4.12 0.67
H25' 40C B 8 -12.44 3.38 -0.92
H18' 40C B 8 -8.15 1.95 -0.63
H28' 40C B 8 -7.88 3.69 -0.52
H2M 40C B 8 -10.27 2.49 4.30
H2MA 40C B 8 -8.86 3.39 3.66
H2MB 40C B 8 -10.45 4.18 3.80
C 40C B 9 -12.71 9.02 -5.59
N1 40C B 9 -9.90 4.78 -5.82
C2 40C B 9 -9.26 5.81 -6.53
O2 40C B 9 -9.33 6.98 -6.18
N3 40C B 9 -8.54 5.56 -7.63
C4 40C B 9 -8.46 4.33 -8.00
N4 40C B 9 -7.74 4.13 -9.05
C5 40C B 9 -9.07 3.24 -7.37
C6 40C B 9 -9.79 3.51 -6.27
N 40C B 9 -10.97 6.07 -1.40
O 40C B 9 -13.65 9.75 -5.87
CA 40C B 9 -10.95 7.46 -1.72
C2M 40C B 9 -9.88 8.07 -0.85
C3' 40C B 9 -10.60 7.70 -3.19
N4' 40C B 9 -11.67 7.28 -4.09
C5' 40C B 9 -12.72 8.30 -4.27
C7' 40C B 9 -11.73 6.12 -4.75
O7' 40C B 9 -12.65 5.86 -5.53
C8' 40C B 9 -10.68 5.05 -4.56
H5 40C B 9 -8.98 2.24 -7.73
H6 40C B 9 -10.28 2.70 -5.72
H 40C B 9 -10.08 5.60 -1.34
HA 40C B 9 -11.89 7.95 -1.50
H13' 40C B 9 -10.43 8.77 -3.33
H23' 40C B 9 -9.65 7.23 -3.43
HN4 40C B 9 -7.62 3.20 -9.39
HN4A 40C B 9 -7.27 4.94 -9.43
H15' 40C B 9 -12.67 9.06 -3.49
H25' 40C B 9 -13.70 7.82 -4.17
H18' 40C B 9 -11.22 4.15 -4.26
H28' 40C B 9 -10.00 5.30 -3.76
H2M 40C B 9 -10.14 7.91 0.21
H2MA 40C B 9 -8.91 7.62 -1.05
H2MB 40C B 9 -9.83 9.15 -1.02
N NME B 10 -11.69 8.86 -6.42
C NME B 10 -11.60 9.46 -7.74
H2 NME B 10 -10.68 9.14 -8.23
HN2 NME B 10 -10.94 8.25 -6.11
H1 NME B 10 -11.59 10.55 -7.65
H3 NME B 10 -12.44 9.16 -8.35
C ACE A 1 -7.28 15.89 -13.67
O ACE A 1 -8.20 15.64 -14.38
CH3 ACE A 1 -6.21 16.75 -14.18
H1 ACE A 1 -6.27 17.73 -13.73
H2 ACE A 1 -5.24 16.30 -14.05
H3 ACE A 1 -6.36 16.87 -15.26
C 40G A 2 -3.42 15.25 -8.75
N1 40G A 2 -7.53 8.03 -8.72
C2 40G A 2 -7.73 9.29 -8.39
N2 40G A 2 -8.40 9.46 -7.32
N3 40G A 2 -7.32 10.35 -9.03
C4 40G A 2 -6.63 10.01 -10.13
C5 40G A 2 -6.35 8.76 -10.58
C6 40G A 2 -6.84 7.67 -9.81
O6 40G A 2 -6.72 6.48 -10.01
N7 40G A 2 -5.63 8.80 -11.78
C8 40G A 2 -5.51 10.07 -12.00
N9 40G A 2 -6.09 10.86 -11.05
N 40G A 2 -7.30 15.41 -12.47
O 40G A 2 -2.48 15.87 -8.31
CA 40G A 2 -6.35 15.55 -11.47
C2M 40G A 2 -6.24 16.96 -11.01
C3' 40G A 2 -5.05 14.89 -11.86
N4' 40G A 2 -4.51 14.16 -10.73
C5' 40G A 2 -3.31 14.74 -10.16
C7' 40G A 2 -4.92 12.93 -10.37
O7' 40G A 2 -4.31 12.32 -9.51
C8' 40G A 2 -6.15 12.32 -11.03
HN1 40G A 2 -7.94 7.30 -8.17
H8 40G A 2 -4.99 10.48 -12.86
H 40G A 2 -8.11 14.87 -12.24
HA 40G A 2 -6.77 15.00 -10.62
HN2 40G A 2 -8.58 10.41 -7.02
HN2A 40G A 2 -8.75 8.66 -6.81
H13' 40G A 2 -4.36 15.65 -12.20
H23' 40G A 2 -5.19 14.22 -12.72
H15' 40G A 2 -2.94 15.57 -10.77
H25' 40G A 2 -2.52 13.98 -10.18
H18' 40G A 2 -7.03 12.64 -10.47
H28' 40G A 2 -6.26 12.65 -12.06
H2M 40G A 2 -5.77 16.97 -10.04
H2MA 40G A 2 -5.63 17.55 -11.68
H2MB 40G A 2 -7.24 17.40 -10.92
C 40G A 3 -2.34 14.27 -3.48
N1 40G A 3 -6.01 6.94 -5.19
C2 40G A 3 -6.30 8.05 -4.54
N2 40G A 3 -6.93 7.89 -3.43
N3 40G A 3 -5.93 9.26 -4.86
C4 40G A 3 -5.18 9.27 -5.99
C5 40G A 3 -4.80 8.19 -6.74
C6 40G A 3 -5.27 6.91 -6.31
O6 40G A 3 -5.09 5.82 -6.82
N7 40G A 3 -3.98 8.58 -7.79
C8 40G A 3 -3.91 9.87 -7.66
N9 40G A 3 -4.66 10.36 -6.63
N 40G A 3 -4.51 15.04 -8.03
O 40G A 3 -1.45 14.88 -2.93
CA 40G A 3 -4.70 15.67 -6.76
C2M 40G A 3 -5.97 16.47 -6.87
C3' 40G A 3 -4.86 14.63 -5.65
N4' 40G A 3 -3.69 13.78 -5.51
C5' 40G A 3 -2.50 14.44 -4.97
C7' 40G A 3 -3.65 12.45 -5.74
O7' 40G A 3 -2.66 11.78 -5.50
C8' 40G A 3 -4.90 11.77 -6.27
HN1 40G A 3 -6.32 6.06 -4.81
H8 40G A 3 -3.32 10.51 -8.31
H 40G A 3 -5.27 14.52 -8.43
HA 40G A 3 -3.89 16.34 -6.51
HN2 40G A 3 -7.12 8.72 -2.89
HN2A 40G A 3 -7.15 6.96 -3.11
H13' 40G A 3 -5.00 15.18 -4.72
H23' 40G A 3 -5.78 14.06 -5.83
H15' 40G A 3 -2.53 15.51 -5.16
H25' 40G A 3 -1.61 14.05 -5.46
H18' 40G A 3 -5.68 11.82 -5.51
H28' 40G A 3 -5.26 12.29 -7.16
H2M 40G A 3 -5.86 17.24 -7.63
H2MA 40G A 3 -6.81 15.82 -7.12
H2MB 40G A 3 -6.18 16.95 -5.90
C 40C A 4 -0.46 11.48 1.02
N1 40C A 4 -2.90 8.49 -3.09
C2 40C A 4 -3.40 7.29 -2.59
O2 40C A 4 -4.02 7.24 -1.54
N3 40C A 4 -3.24 6.13 -3.25
C4 40C A 4 -2.53 6.18 -4.33
N4 40C A 4 -2.41 5.06 -4.95
C5 40C A 4 -1.93 7.33 -4.85
C6 40C A 4 -2.13 8.49 -4.21
N 40C A 4 -3.19 13.51 -2.81
O 40C A 4 0.49 11.95 1.61
CA 40C A 4 -3.29 13.60 -1.39
C2M 40C A 4 -4.61 14.25 -1.12
C3' 40C A 4 -3.26 12.22 -0.73
N4' 40C A 4 -2.02 11.48 -0.97
C5' 40C A 4 -0.81 12.06 -0.33
C7' 40C A 4 -1.95 10.31 -1.63
O7' 40C A 4 -0.92 9.64 -1.62
C8' 40C A 4 -3.16 9.80 -2.38
H5 40C A 4 -1.33 7.31 -5.75
H6 40C A 4 -1.70 9.41 -4.57
H 40C A 4 -3.93 13.03 -3.30
HA 40C A 4 -2.52 14.22 -0.95
H13' 40C A 4 -3.36 12.38 0.35
H23' 40C A 4 -4.15 11.67 -1.05
HN4 40C A 4 -1.90 5.03 -5.81
HN4A 40C A 4 -2.87 4.25 -4.55
H15' 40C A 4 -0.91 13.13 -0.20
H25' 40C A 4 0.04 11.89 -0.98
H18' 40C A 4 -3.46 10.55 -3.10
H28' 40C A 4 -3.97 9.67 -1.66
H2M 40C A 4 -4.63 15.25 -1.57
H2MA 40C A 4 -5.43 13.66 -1.52
H2MB 40C A 4 -4.75 14.35 -0.04
C 40A A 5 1.40 7.16 4.59
N1 40A A 5 -1.07 2.10 -1.02
C2 40A A 5 -1.42 2.62 0.15
N3 40A A 5 -1.38 3.89 0.52
C4 40A A 5 -0.88 4.69 -0.46
C5 40A A 5 -0.46 4.31 -1.70
C6 40A A 5 -0.59 2.92 -1.93
N6 40A A 5 -0.26 2.32 -3.04
N7 40A A 5 0.05 5.40 -2.42
C8 40A A 5 -0.12 6.39 -1.60
N9 40A A 5 -0.72 6.06 -0.41
N 40A A 5 -1.22 10.52 1.53
O 40A A 5 2.16 7.37 5.52
CA 40A A 5 -1.15 10.17 2.92
C2M 40A A 5 -2.41 10.71 3.57
C3' 40A A 5 -1.12 8.66 3.12
N4' 40A A 5 0.11 8.04 2.62
C5' 40A A 5 1.28 8.22 3.52
C7' 40A A 5 0.21 7.23 1.54
O7' 40A A 5 1.26 6.68 1.24
C8' 40A A 5 -1.02 6.95 0.74
H3 40A A 5 -1.81 1.93 0.88
H8 40A A 5 0.17 7.41 -1.84
H 40A A 5 -2.02 10.21 1.01
HA 40A A 5 -0.28 10.60 3.40
H13' 40A A 5 -2.01 8.23 2.67
H23' 40A A 5 -1.19 8.47 4.19
H15' 40A A 5 2.21 8.22 2.95
H25' 40A A 5 1.24 9.18 4.03
HN6 40A A 5 0.10 2.86 -3.81
HN6A 40A A 5 -0.45 1.33 -3.13
H18' 40A A 5 -1.41 7.90 0.39
H28' 40A A 5 -1.74 6.47 1.39
H2M 40A A 5 -2.39 10.49 4.64
H2MA 40A A 5 -3.29 10.26 3.11
H2MB 40A A 5 -2.45 11.80 3.44
C 40T A 6 3.56 2.65 6.85
N1 40T A 6 1.70 2.49 1.47
C2 40T A 6 1.63 1.11 1.22
O2 40T A 6 1.24 0.28 2.02
N3 40T A 6 2.00 0.69 -0.01
C4 40T A 6 2.54 1.47 -0.98
O4 40T A 6 2.85 0.92 -2.03
C5 40T A 6 2.64 2.89 -0.66
C6 40T A 6 2.22 3.36 0.54
C7 40T A 6 3.20 3.88 -1.66
N 40T A 6 0.63 6.09 4.51
O 40T A 6 4.59 2.78 7.48
CA 40T A 6 0.31 5.34 5.69
C2M 40T A 6 -1.17 5.50 5.92
C3' 40T A 6 0.63 3.85 5.52
N4' 40T A 6 1.99 3.57 5.07
C5' 40T A 6 3.04 3.84 6.07
C7' 40T A 6 2.32 3.13 3.84
O7' 40T A 6 3.47 2.84 3.55
C8' 40T A 6 1.22 3.02 2.78
HN3 40T A 6 1.92 -0.29 -0.20
H6 40T A 6 2.29 4.41 0.78
H 40T A 6 0.01 6.02 3.73
HA 40T A 6 0.84 5.70 6.56
H13' 40T A 6 -0.12 3.40 4.86
H23' 40T A 6 0.47 3.37 6.50
H15' 40T A 6 3.91 4.30 5.58
H25' 40T A 6 2.70 4.57 6.80
H7 40T A 6 3.05 4.91 -1.33
H7A 40T A 6 4.27 3.70 -1.81
H7B 40T A 6 2.69 3.75 -2.63
HXT' 40T A 6 0.79 4.00 2.63
H28' 40T A 6 0.44 2.36 3.16
H2M 40T A 6 -1.41 6.56 6.06
H2MA 40T A 6 -1.47 4.95 6.81
H2MB 40T A 6 -1.73 5.12 5.06
C 40G A 7 6.83 -1.76 7.72
N1 40G A 7 4.80 -3.54 0.18
C2 40G A 7 4.38 -3.85 1.39
N2 40G A 7 4.20 -5.11 1.60
N3 40G A 7 4.18 -3.02 2.38
C4 40G A 7 4.50 -1.74 2.03
C5 40G A 7 4.95 -1.30 0.82
C6 40G A 7 5.06 -2.26 -0.22
O6 40G A 7 5.37 -2.12 -1.39
N7 40G A 7 5.24 0.06 0.87
C8 40G A 7 4.97 0.39 2.10
N9 40G A 7 4.45 -0.64 2.84
N 40G A 7 2.85 1.53 6.86
O 40G A 7 7.67 -1.76 8.60
CA 40G A 7 3.11 0.49 7.82
C2M 40G A 7 1.77 0.18 8.46
C3' 40G A 7 3.64 -0.77 7.16
N4' 40G A 7 4.95 -0.57 6.54
C5' 40G A 7 6.07 -0.46 7.48
C7' 40G A 7 5.20 -0.53 5.22
O7' 40G A 7 6.34 -0.45 4.77
C8' 40G A 7 4.02 -0.62 4.25
HN1 40G A 7 4.90 -4.27 -0.51
H8 40G A 7 5.10 1.38 2.50
H 40G A 7 2.00 1.50 6.33
HA 40G A 7 3.78 0.82 8.60
HN2 40G A 7 3.88 -5.38 2.52
HN2A 40G A 7 4.39 -5.79 0.88
H13' 40G A 7 3.74 -1.54 7.93
H23' 40G A 7 2.91 -1.15 6.45
H15' 40G A 7 5.71 -0.11 8.46
H25' 40G A 7 6.78 0.28 7.13
H18' 40G A 7 3.44 -1.52 4.46
H28' 40G A 7 3.36 0.24 4.40
H2M 40G A 7 1.07 -0.18 7.72
H2MA 40G A 7 1.91 -0.59 9.23
H2MB 40G A 7 1.37 1.07 8.94
C 40C A 8 10.53 -6.11 5.94
N1 40C A 8 7.79 -3.35 2.19
C2 40C A 8 7.97 -4.33 1.21
O2 40C A 8 7.86 -5.53 1.48
N3 40C A 8 8.26 -4.03 -0.06
C4 40C A 8 8.43 -2.77 -0.32
N4 40C A 8 8.68 -2.50 -1.55
C5 40C A 8 8.36 -1.74 0.61
C6 40C A 8 8.04 -2.06 1.88
N 40C A 8 6.50 -2.84 7.03
O 40C A 8 11.51 -6.48 6.56
CA 40C A 8 6.92 -4.15 7.45
C2M 40C A 8 5.72 -4.79 8.12
C3' 40C A 8 7.36 -5.01 6.27
N4' 40C A 8 8.60 -4.52 5.64
C5' 40C A 8 9.82 -4.85 6.39
C7' 40C A 8 8.70 -3.90 4.45
O7' 40C A 8 9.77 -3.51 4.02
C8' 40C A 8 7.45 -3.72 3.61
H5 40C A 8 8.53 -0.71 0.35
H6 40C A 8 7.96 -1.29 2.65
H 40C A 8 5.78 -2.79 6.34
HA 40C A 8 7.73 -4.11 8.17
H13' 40C A 8 7.54 -6.03 6.63
H23' 40C A 8 6.54 -5.07 5.56
HN4 40C A 8 8.76 -1.55 -1.83
HN4A 40C A 8 8.64 -3.27 -2.20
H15' 40C A 8 9.60 -4.97 7.46
H25' 40C A 8 10.54 -4.03 6.32
H18' 40C A 8 6.83 -2.95 4.06
H28' 40C A 8 6.89 -4.65 3.59
H2M 40C A 8 5.98 -5.79 8.47
H2MA 40C A 8 5.40 -4.19 8.97
H2MB 40C A 8 4.89 -4.87 7.41
C 40C A 9 14.07 -9.10 2.43
N1 40C A 9 11.45 -4.99 0.66
C2 40C A 9 11.60 -5.65 -0.56
O2 40C A 9 11.55 -6.86 -0.64
N3 40C A 9 11.77 -4.98 -1.71
C4 40C A 9 11.83 -3.69 -1.61
N4 40C A 9 11.98 -3.08 -2.72
C5 40C A 9 11.79 -2.96 -0.42
C6 40C A 9 11.59 -3.65 0.72
N 40C A 9 10.02 -6.78 4.94
O 40C A 9 13.61 -9.32 1.33
CA 40C A 9 10.40 -8.13 4.69
C2M 40C A 9 9.17 -8.97 4.90
C3' 40C A 9 10.89 -8.34 3.28
N4' 40C A 9 12.17 -7.68 3.05
C5' 40C A 9 13.31 -8.45 3.54
C7' 40C A 9 12.35 -6.53 2.39
O7' 40C A 9 13.47 -6.05 2.22
C8' 40C A 9 11.16 -5.76 1.89
H5 40C A 9 11.88 -1.89 -0.40
H6 40C A 9 11.52 -3.13 1.67
H 40C A 9 9.18 -6.45 4.49
HA 40C A 9 11.18 -8.47 5.38
H13' 40C A 9 11.05 -9.41 3.13
H23' 40C A 9 10.11 -8.06 2.58
HN4 40C A 9 12.02 -2.08 -2.73
HN4A 40C A 9 11.93 -3.66 -3.55
H15' 40C A 9 13.02 -9.23 4.23
H25' 40C A 9 13.98 -7.78 4.08
H18' 40C A 9 10.84 -5.12 2.70
H28' 40C A 9 10.34 -6.42 1.64
H2M 40C A 9 8.39 -8.66 4.19
H2MA 40C A 9 9.41 -10.01 4.75
H2MB 40C A 9 8.79 -8.83 5.92
N NME A 10 15.29 -9.42 2.72
C NME A 10 16.16 -10.08 1.79
H2 NME A 10 15.95 -11.14 1.77
HN2 NME A 10 15.63 -9.23 3.65
H1 NME A 10 17.20 -9.91 2.08
H3 NME A 10 16.02 -9.67 0.78
C ACE B 1 12.57 -10.24 -11.80
O ACE B 1 13.04 -9.13 -11.88
CH3 ACE B 1 11.47 -10.65 -12.72
H1 ACE B 1 11.87 -11.32 -13.48
H2 ACE B 1 10.65 -11.10 -12.18
H3 ACE B 1 11.08 -9.75 -13.20
C 40G B 2 8.92 -13.03 -8.23
N1 40G B 2 11.76 -6.61 -4.04
C2 40G B 2 11.88 -7.92 -4.06
N2 40G B 2 11.89 -8.47 -2.91
N3 40G B 2 11.97 -8.69 -5.12
C4 40G B 2 11.93 -7.94 -6.25
C5 40G B 2 11.82 -6.60 -6.37
C6 40G B 2 11.73 -5.86 -5.16
O6 40G B 2 11.63 -4.66 -5.01
N7 40G B 2 11.83 -6.20 -7.70
C8 40G B 2 11.96 -7.34 -8.34
N9 40G B 2 12.05 -8.43 -7.52
N 40G B 2 13.01 -11.06 -10.90
O 40G B 2 7.80 -13.43 -8.51
CA 40G B 2 12.53 -12.35 -10.63
C2M 40G B 2 13.63 -13.30 -10.93
C3' 40G B 2 12.14 -12.46 -9.18
N4' 40G B 2 10.94 -11.70 -8.89
C5' 40G B 2 9.70 -12.33 -9.33
C7' 40G B 2 10.92 -10.49 -8.30
O7' 40G B 2 9.84 -9.93 -8.07
C8' 40G B 2 12.23 -9.83 -7.90
HN1 40G B 2 11.74 -6.12 -3.16
H8 40G B 2 12.00 -7.40 -9.42
H 40G B 2 13.81 -10.76 -10.36
HA 40G B 2 11.68 -12.63 -11.25
HN2 40G B 2 11.97 -9.47 -2.88
HN2A 40G B 2 11.79 -7.91 -2.08
H13' 40G B 2 11.95 -13.51 -8.95
H23' 40G B 2 12.99 -12.15 -8.56
H15' 40G B 2 9.90 -13.07 -10.09
H25' 40G B 2 9.06 -11.58 -9.78
H18' 40G B 2 12.66 -10.38 -7.07
H28' 40G B 2 12.93 -9.86 -8.73
H2M 40G B 2 13.32 -14.33 -10.74
H2MA 40G B 2 13.93 -13.22 -11.97
H2MB 40G B 2 14.50 -13.07 -10.30
C 40G B 3 5.03 -13.29 -4.42
N1 40G B 3 8.39 -6.16 -1.98
C2 40G B 3 8.39 -7.43 -1.61
N2 40G B 3 8.27 -7.62 -0.36
N3 40G B 3 8.40 -8.47 -2.42
C4 40G B 3 8.42 -8.10 -3.71
C5 40G B 3 8.40 -6.83 -4.21
C6 40G B 3 8.42 -5.76 -3.28
O6 40G B 3 8.45 -4.56 -3.48
N7 40G B 3 8.34 -6.85 -5.61
C8 40G B 3 8.34 -8.12 -5.89
N9 40G B 3 8.46 -8.94 -4.80
N 40G B 3 9.45 -13.19 -7.05
O 40G B 3 4.03 -13.96 -4.61
CA 40G B 3 8.89 -14.08 -6.08
C2M 40G B 3 10.01 -14.99 -5.61
C3' 40G B 3 8.34 -13.33 -4.88
N4' 40G B 3 7.23 -12.44 -5.23
C5' 40G B 3 5.98 -13.11 -5.58
C7' 40G B 3 7.27 -11.10 -5.16
O7' 40G B 3 6.26 -10.42 -5.36
C8' 40G B 3 8.58 -10.40 -4.77
HN1 40G B 3 8.33 -5.43 -1.29
H8 40G B 3 8.28 -8.51 -6.90
H 40G B 3 10.38 -12.84 -6.86
HA 40G B 3 8.11 -14.71 -6.52
HN2 40G B 3 8.23 -8.58 -0.05
HN2A 40G B 3 8.14 -6.84 0.27
H13' 40G B 3 7.98 -14.07 -4.16
H23' 40G B 3 9.16 -12.80 -4.39
H15' 40G B 3 6.18 -14.09 -6.00
H25' 40G B 3 5.47 -12.54 -6.36
H18' 40G B 3 8.86 -10.73 -3.78
H28' 40G B 3 9.35 -10.70 -5.47
H2M 40G B 3 10.80 -14.40 -5.16
H2MA 40G B 3 9.62 -15.70 -4.89
H2MB 40G B 3 10.41 -15.54 -6.47
C 40C B 4 0.81 -11.60 -1.23
N1 40C B 4 4.83 -7.85 -2.50
C2 40C B 4 4.85 -6.83 -1.54
O2 40C B 4 4.75 -7.07 -0.35
N3 40C B 4 4.96 -5.53 -1.88
C4 40C B 4 5.00 -5.27 -3.15
N4 40C B 4 5.14 -4.04 -3.46
C5 40C B 4 4.92 -6.23 -4.17
C6 40C B 4 4.83 -7.52 -3.81
N 40C B 4 5.35 -12.78 -3.24
O 40C B 4 -0.26 -12.17 -1.38
CA 40C B 4 4.69 -13.21 -2.05
C2M 40C B 4 5.71 -13.99 -1.25
C3' 40C B 4 4.17 -12.04 -1.23
N4' 40C B 4 3.20 -11.21 -1.96
C5' 40C B 4 1.91 -11.86 -2.23
C7' 40C B 4 3.41 -9.92 -2.31
O7' 40C B 4 2.51 -9.23 -2.77
C8' 40C B 4 4.78 -9.30 -2.10
H5 40C B 4 4.93 -5.96 -5.22
H6 40C B 4 4.77 -8.31 -4.57
H 40C B 4 6.19 -12.26 -3.13
HA 40C B 4 3.86 -13.88 -2.27
H13' 40C B 4 3.67 -12.45 -0.35
H23' 40C B 4 5.02 -11.47 -0.87
HN4 40C B 4 5.21 -3.78 -4.42
HN4A 40C B 4 5.25 -3.38 -2.69
H15' 40C B 4 2.01 -12.94 -2.30
H25' 40C B 4 1.53 -11.53 -3.20
H18' 40C B 4 5.50 -9.86 -2.68
H28' 40C B 4 5.04 -9.40 -1.04
H2M 40C B 4 6.07 -14.84 -1.83
H2MA 40C B 4 6.55 -13.34 -1.01
H2MB 40C B 4 5.25 -14.35 -0.33
C 40A B 5 -3.19 -8.10 1.28
N1 40A B 5 1.71 -2.08 -0.63
C2 40A B 5 1.36 -2.85 0.38
N3 40A B 5 1.18 -4.16 0.37
C4 40A B 5 1.40 -4.70 -0.85
C5 40A B 5 1.73 -4.03 -2.00
C6 40A B 5 1.91 -2.65 -1.81
N6 40A B 5 2.25 -1.79 -2.75
N7 40A B 5 1.79 -4.91 -3.10
C8 40A B 5 1.52 -6.07 -2.56
N9 40A B 5 1.33 -6.03 -1.20
N 40A B 5 1.06 -10.80 -0.21
O 40A B 5 -4.34 -8.47 1.51
CA 40A B 5 0.20 -10.75 0.93
C2M 40A B 5 0.92 -11.44 2.07
C3' 40A B 5 -0.12 -9.32 1.35
N4' 40A B 5 -0.90 -8.57 0.35
C5' 40A B 5 -2.34 -8.92 0.33
C7' 40A B 5 -0.44 -7.56 -0.41
O7' 40A B 5 -1.18 -6.90 -1.12
C8' 40A B 5 1.00 -7.17 -0.30
H3 40A B 5 1.21 -2.35 1.33
H8 40A B 5 1.47 -6.98 -3.13
H 40A B 5 1.97 -10.39 -0.12
HA 40A B 5 -0.75 -11.28 0.76
H13' 40A B 5 0.82 -8.81 1.59
H23' 40A B 5 -0.69 -9.35 2.28
H15' 40A B 5 -2.76 -8.78 -0.66
H25' 40A B 5 -2.50 -9.96 0.59
HN6 40A B 5 2.43 -2.13 -3.68
HN6A 40A B 5 2.41 -0.83 -2.48
H18' 40A B 5 1.60 -8.04 -0.56
H28' 40A B 5 1.19 -6.87 0.74
H2M 40A B 5 1.86 -10.92 2.29
H2MA 40A B 5 1.14 -12.48 1.79
H2MB 40A B 5 0.29 -11.44 2.96
C 40T B 6 -6.56 -3.89 2.79
N1 40T B 6 -1.97 -2.82 -0.36
C2 40T B 6 -1.83 -1.43 -0.21
O2 40T B 6 -2.03 -0.82 0.84
N3 40T B 6 -1.45 -0.72 -1.29
C4 40T B 6 -1.26 -1.23 -2.53
O4 40T B 6 -0.94 -0.45 -3.41
C5 40T B 6 -1.47 -2.67 -2.65
C6 40T B 6 -1.80 -3.42 -1.57
C7 40T B 6 -1.29 -3.38 -3.99
N 40T B 6 -2.64 -7.07 1.90
O 40T B 6 -7.76 -4.05 2.66
CA 40T B 6 -3.15 -6.60 3.15
C2M 40T B 6 -2.14 -6.99 4.21
C3' 40T B 6 -3.35 -5.09 3.17
N4' 40T B 6 -4.22 -4.59 2.08
C5' 40T B 6 -5.65 -4.94 2.22
C7' 40T B 6 -3.79 -3.88 1.02
O7' 40T B 6 -4.58 -3.42 0.20
C8' 40T B 6 -2.30 -3.65 0.83
HN3 40T B 6 -1.33 0.27 -1.17
H6 40T B 6 -1.93 -4.48 -1.67
H 40T B 6 -1.67 -6.86 1.69
HA 40T B 6 -4.10 -7.07 3.39
H13' 40T B 6 -2.37 -4.62 3.15
H23' 40T B 6 -3.80 -4.82 4.13
H15' 40T B 6 -6.04 -5.23 1.25
H25' 40T B 6 -5.77 -5.82 2.86
H7 40T B 6 -1.42 -4.45 -3.90
H7A 40T B 6 -2.02 -2.98 -4.70
H7B 40T B 6 -0.29 -3.17 -4.38
HXT' 40T B 6 -1.81 -4.62 0.75
H28' 40T B 6 -1.91 -3.17 1.72
H2M 40T B 6 -2.02 -8.07 4.22
H2MA 40T B 6 -2.49 -6.66 5.19
H2MB 40T B 6 -1.18 -6.52 3.99
C 40G B 7 -9.94 0.36 2.26
N1 40G B 7 -4.09 3.67 -1.98
C2 40G B 7 -4.49 3.67 -0.72
N2 40G B 7 -4.62 4.84 -0.19
N3 40G B 7 -4.84 2.62 -0.02
C4 40G B 7 -4.76 1.48 -0.74
C5 40G B 7 -4.35 1.35 -2.04
C6 40G B 7 -3.95 2.54 -2.72
O6 40G B 7 -3.52 2.67 -3.85
N7 40G B 7 -4.48 0.02 -2.46
C8 40G B 7 -4.95 -0.59 -1.41
N9 40G B 7 -5.08 0.22 -0.31
N 40G B 7 -6.05 -2.84 3.40
O 40G B 7 -11.15 0.24 2.41
CA 40G B 7 -6.84 -1.96 4.20
C2M 40G B 7 -6.15 -1.82 5.54
C3' 40G B 7 -6.99 -0.57 3.58
N4' 40G B 7 -7.65 -0.62 2.27
C5' 40G B 7 -9.09 -0.88 2.31
C7' 40G B 7 -7.04 -0.40 1.09
O7' 40G B 7 -7.69 -0.37 0.04
C8' 40G B 7 -5.54 -0.14 1.05
HN1 40G B 7 -3.84 4.55 -2.42
H8 40G B 7 -5.19 -1.65 -1.39
H 40G B 7 -5.04 -2.77 3.48
HA 40G B 7 -7.83 -2.38 4.39
HN2 40G B 7 -4.93 4.87 0.77
HN2A 40G B 7 -4.39 5.67 -0.71
H13' 40G B 7 -7.59 0.04 4.26
H23' 40G B 7 -6.01 -0.11 3.53
H15' 40G B 7 -9.35 -1.41 3.22
H25' 40G B 7 -9.37 -1.51 1.48
H18' 40G B 7 -5.29 0.66 1.73
H28' 40G B 7 -5.02 -1.05 1.37
H2M 40G B 7 -5.16 -1.39 5.41
H2MA 40G B 7 -6.74 -1.18 6.19
H2MB 40G B 7 -6.05 -2.80 6.00
C 40C B 8 -12.16 5.23 -0.58
N1 40C B 8 -7.64 3.07 -2.36
C2 40C B 8 -7.34 4.29 -2.97
O2 40C B 8 -7.61 5.36 -2.43
N3 40C B 8 -6.78 4.36 -4.19
C4 40C B 8 -6.56 3.23 -4.79
N4 40C B 8 -6.01 3.32 -5.93
C5 40C B 8 -6.91 1.97 -4.28
C6 40C B 8 -7.45 1.92 -3.05
N 40C B 8 -9.37 1.55 2.12
O 40C B 8 -13.32 5.59 -0.58
CA 40C B 8 -10.09 2.76 2.41
C2M 40C B 8 -9.61 3.22 3.77
C3' 40C B 8 -9.79 3.85 1.39
N4' 40C B 8 -10.39 3.57 0.07
C5' 40C B 8 -11.82 3.87 0.01
C7' 40C B 8 -9.73 3.15 -1.02
O7' 40C B 8 -10.33 2.91 -2.06
C8' 40C B 8 -8.22 3.03 -0.99
H5 40C B 8 -6.75 1.06 -4.84
H6 40C B 8 -7.74 0.98 -2.61
H 40C B 8 -8.38 1.61 2.02
HA 40C B 8 -11.16 2.60 2.45
H13' 40C B 8 -10.20 4.79 1.76
H23' 40C B 8 -8.71 4.00 1.34
HN4 40C B 8 -5.78 2.48 -6.43
HN4A 40C B 8 -5.73 4.24 -6.25
H15' 40C B 8 -12.29 3.83 0.99
H25' 40C B 8 -12.33 3.13 -0.61
H18' 40C B 8 -7.97 2.10 -0.47
H28' 40C B 8 -7.80 3.86 -0.42
H2M 40C B 8 -10.13 4.13 4.05
H2MA 40C B 8 -9.83 2.45 4.51
H2MB 40C B 8 -8.54 3.41 3.75
C 40C B 9 -13.31 8.83 -4.89
N1 40C B 9 -9.89 5.05 -5.49
C2 40C B 9 -9.33 6.05 -6.29
O2 40C B 9 -9.41 7.23 -5.99
N3 40C B 9 -8.67 5.76 -7.41
C4 40C B 9 -8.59 4.52 -7.72
N4 40C B 9 -7.96 4.27 -8.79
C5 40C B 9 -9.16 3.47 -7.00
C6 40C B 9 -9.81 3.76 -5.87
N 40C B 9 -11.19 5.98 -1.01
O 40C B 9 -13.81 9.80 -4.97
CA 40C B 9 -11.35 7.37 -1.23
C2M 40C B 9 -10.39 8.04 -0.29
C3' 40C B 9 -11.00 7.79 -2.65
N4' 40C B 9 -11.96 7.26 -3.61
C5' 40C B 9 -13.19 8.03 -3.69
C7' 40C B 9 -11.78 6.19 -4.37
O7' 40C B 9 -12.62 5.86 -5.19
C8' 40C B 9 -10.56 5.37 -4.20
H5 40C B 9 -9.08 2.44 -7.33
H6 40C B 9 -10.26 2.98 -5.27
H 40C B 9 -10.24 5.63 -0.95
HA 40C B 9 -12.36 7.71 -0.99
H13' 40C B 9 -11.06 8.88 -2.69
H23' 40C B 9 -9.97 7.56 -2.88
HN4 40C B 9 -7.84 3.34 -9.11
HN4A 40C B 9 -7.53 5.07 -9.24
H15' 40C B 9 -13.30 8.69 -2.83
H25' 40C B 9 -14.04 7.34 -3.67
H18' 40C B 9 -10.91 4.45 -3.73
H28' 40C B 9 -9.83 5.79 -3.53
H2M 40C B 9 -9.37 7.75 -0.51
H2MA 40C B 9 -10.49 9.12 -0.37
H2MB 40C B 9 -10.64 7.75 0.74
N NME B 10 -12.91 8.67 -5.98
C NME B 10 -13.14 9.55 -7.11
H2 NME B 10 -12.73 9.09 -8.01
HN2 NME B 10 -12.43 7.79 -6.14
H1 NME B 10 -12.64 10.51 -6.99
H3 NME B 10 -14.20 9.70 -7.29
C ACE A 1 -7.31 15.98 -11.02
O ACE A 1 -8.32 15.52 -11.11
CH3 ACE A 1 -7.17 17.14 -10.23
H1 ACE A 1 -6.55 16.92 -9.37
H2 ACE A 1 -6.76 18.00 -10.77
H3 ACE A 1 -8.14 17.44 -9.85
C 40G A 2 -3.16 15.14 -8.56
N1 40G A 2 -7.43 7.99 -8.67
C2 40G A 2 -7.67 9.24 -8.32
N2 40G A 2 -8.37 9.37 -7.26
N3 40G A 2 -7.25 10.31 -8.94
C4 40G A 2 -6.50 10.01 -10.02
C5 40G A 2 -6.18 8.77 -10.47
C6 40G A 2 -6.70 7.66 -9.75
O6 40G A 2 -6.59 6.46 -9.98
N7 40G A 2 -5.40 8.83 -11.62
C8 40G A 2 -5.28 10.11 -11.82
N9 40G A 2 -5.95 10.87 -10.92
N 40G A 2 -6.46 15.40 -11.65
O 40G A 2 -2.23 15.81 -8.20
CA 40G A 2 -5.26 15.81 -11.59
C2M 40G A 2 -5.28 16.73 -12.67
C3' 40G A 2 -4.46 14.61 -11.84
N4' 40G A 2 -4.23 14.00 -10.57
C5' 40G A 2 -3.03 14.48 -9.90
C7' 40G A 2 -4.86 12.92 -10.12
O7' 40G A 2 -4.49 12.40 -9.11
C8' 40G A 2 -6.05 12.33 -10.87
HN1 40G A 2 -7.87 7.24 -8.17
H8 40G A 2 -4.71 10.54 -12.65
H 40G A 2 -6.72 14.63 -12.25
HA 40G A 2 -4.94 16.29 -10.67
HN2 40G A 2 -8.57 10.30 -6.95
HN2A 40G A 2 -8.71 8.55 -6.77
H13' 40G A 2 -3.51 14.93 -12.27
H23' 40G A 2 -4.88 13.96 -12.60
H15' 40G A 2 -2.49 15.18 -10.54
H25' 40G A 2 -2.36 13.62 -9.77
H18' 40G A 2 -6.96 12.62 -10.35
H28' 40G A 2 -6.14 12.68 -11.89
H2M 40G A 2 -5.39 16.22 -13.63
H2MA 40G A 2 -6.04 17.51 -12.64
H2MB 40G A 2 -4.32 17.24 -12.70
C 40G A 3 -1.98 14.29 -3.30
N1 40G A 3 -6.01 6.93 -5.18
C2 40G A 3 -6.26 8.01 -4.46
N2 40G A 3 -6.89 7.79 -3.36
N3 40G A 3 -5.85 9.23 -4.70
C4 40G A 3 -5.08 9.28 -5.82
C5 40G A 3 -4.74 8.24 -6.63
C6 40G A 3 -5.24 6.96 -6.30
O6 40G A 3 -5.09 5.89 -6.88
N7 40G A 3 -3.90 8.69 -7.66
C8 40G A 3 -3.80 9.96 -7.44
N9 40G A 3 -4.54 10.40 -6.37
N 40G A 3 -4.23 15.00 -7.82
O 40G A 3 -1.02 14.85 -2.79
CA 40G A 3 -4.39 15.67 -6.56
C2M 40G A 3 -5.64 16.50 -6.65
C3' 40G A 3 -4.54 14.68 -5.41
N4' 40G A 3 -3.38 13.77 -5.29
C5' 40G A 3 -2.16 14.40 -4.80
C7' 40G A 3 -3.42 12.45 -5.48
O7' 40G A 3 -2.43 11.75 -5.28
C8' 40G A 3 -4.73 11.79 -5.92
HN1 40G A 3 -6.35 6.04 -4.87
H8 40G A 3 -3.20 10.62 -8.06
H 40G A 3 -4.99 14.39 -8.12
HA 40G A 3 -3.56 16.35 -6.35
HN2 40G A 3 -7.02 8.58 -2.77
HN2A 40G A 3 -7.15 6.85 -3.09
H13' 40G A 3 -4.62 15.26 -4.49
H23' 40G A 3 -5.48 14.14 -5.53
H15' 40G A 3 -2.13 15.46 -5.05
H25' 40G A 3 -1.29 13.94 -5.28
H18' 40G A 3 -5.42 11.81 -5.08
H28' 40G A 3 -5.18 12.35 -6.73
H2M 40G A 3 -6.50 15.88 -6.92
H2MA 40G A 3 -5.83 16.97 -5.69
H2MB 40G A 3 -5.50 17.29 -7.38
C 40C A 4 -0.43 11.39 1.41
N1 40C A 4 -2.85 8.67 -2.88
C2 40C A 4 -3.43 7.47 -2.44
O2 40C A 4 -4.08 7.42 -1.40
N3 40C A 4 -3.30 6.31 -3.12
C4 40C A 4 -2.56 6.36 -4.18
N4 40C A 4 -2.47 5.26 -4.83
C5 40C A 4 -1.89 7.49 -4.66
C6 40C A 4 -2.05 8.64 -3.98
N 40C A 4 -2.87 13.63 -2.58
O 40C A 4 0.52 11.77 2.08
CA 40C A 4 -2.94 13.76 -1.16
C2M 40C A 4 -4.18 14.55 -0.86
C3' 40C A 4 -3.04 12.40 -0.47
N4' 40C A 4 -1.85 11.56 -0.67
C5' 40C A 4 -0.65 12.02 0.05
C7' 40C A 4 -1.83 10.40 -1.37
O7' 40C A 4 -0.84 9.69 -1.36
C8' 40C A 4 -3.05 9.96 -2.14
H5 40C A 4 -1.27 7.47 -5.54
H6 40C A 4 -1.55 9.55 -4.31
H 40C A 4 -3.65 13.19 -3.04
HA 40C A 4 -2.09 14.30 -0.74
H13' 40C A 4 -3.16 12.57 0.59
H23' 40C A 4 -3.95 11.91 -0.82
HN4 40C A 4 -1.93 5.23 -5.68
HN4A 40C A 4 -2.98 4.45 -4.47
H15' 40C A 4 -0.67 13.10 0.21
H25' 40C A 4 0.24 11.81 -0.54
H18' 40C A 4 -3.30 10.75 -2.86
H28' 40C A 4 -3.87 9.87 -1.44
H2M 40C A 4 -3.99 15.60 -1.08
H2MA 40C A 4 -5.02 14.21 -1.47
H2MB 40C A 4 -4.45 14.46 0.19
C 40A A 5 1.21 7.03 4.79
N1 40A A 5 -1.21 2.14 -1.01
C2 40A A 5 -1.57 2.63 0.17
N3 40A A 5 -1.52 3.89 0.58
C4 40A A 5 -1.01 4.71 -0.38
C5 40A A 5 -0.57 4.36 -1.62
C6 40A A 5 -0.72 2.99 -1.90
N6 40A A 5 -0.38 2.40 -3.02
N7 40A A 5 -0.04 5.46 -2.31
C8 40A A 5 -0.21 6.43 -1.45
N9 40A A 5 -0.82 6.07 -0.29
N 40A A 5 -1.30 10.50 1.83
O 40A A 5 1.94 7.21 5.75
CA 40A A 5 -1.35 10.08 3.21
C2M 40A A 5 -2.65 10.60 3.78
C3' 40A A 5 -1.32 8.55 3.31
N4' 40A A 5 -0.07 7.95 2.82
C5' 40A A 5 1.08 8.11 3.75
C7' 40A A 5 0.07 7.19 1.72
O7' 40A A 5 1.11 6.64 1.43
C8' 40A A 5 -1.15 6.94 0.88
H3 40A A 5 -1.97 1.92 0.89
H8 40A A 5 0.12 7.45 -1.65
H 40A A 5 -2.09 10.26 1.25
HA 40A A 5 -0.54 10.49 3.79
H13' 40A A 5 -2.19 8.16 2.80
H23' 40A A 5 -1.45 8.30 4.37
H15' 40A A 5 2.01 8.14 3.19
H25' 40A A 5 1.01 9.07 4.29
HN6 40A A 5 -0.01 2.96 -3.77
HN6A 40A A 5 -0.57 1.42 -3.12
H18' 40A A 5 -1.51 7.91 0.54
H28' 40A A 5 -1.89 6.45 1.49
H2M 40A A 5 -2.67 11.68 3.71
H2MA 40A A 5 -2.72 10.31 4.83
H2MB 40A A 5 -3.50 10.18 3.24
C 40T A 6 3.26 2.33 6.90
N1 40T A 6 1.53 2.45 1.50
C2 40T A 6 1.49 1.08 1.23
O2 40T A 6 1.12 0.22 2.03
N3 40T A 6 1.88 0.67 0.00
C4 40T A 6 2.40 1.47 -0.96
O4 40T A 6 2.71 0.93 -2.02
C5 40T A 6 2.49 2.88 -0.62
C6 40T A 6 2.05 3.33 0.58
C7 40T A 6 3.05 3.89 -1.61
N 40T A 6 0.45 5.95 4.66
O 40T A 6 4.29 2.41 7.56
CA 40T A 6 0.11 5.16 5.80
C2M 40T A 6 -1.36 5.38 6.05
C3' 40T A 6 0.38 3.67 5.59
N4' 40T A 6 1.74 3.38 5.14
C5' 40T A 6 2.78 3.57 6.17
C7' 40T A 6 2.10 2.99 3.89
O7' 40T A 6 3.25 2.70 3.61
C8' 40T A 6 1.02 2.95 2.80
HN3 40T A 6 1.84 -0.32 -0.18
H6 40T A 6 2.11 4.38 0.83
H 40T A 6 -0.16 5.89 3.87
HA 40T A 6 0.65 5.48 6.69
H13' 40T A 6 -0.36 3.27 4.89
H23' 40T A 6 0.20 3.16 6.54
H15' 40T A 6 3.66 4.04 5.73
H25' 40T A 6 2.43 4.26 6.94
H7 40T A 6 3.01 4.90 -1.22
H7A 40T A 6 4.09 3.63 -1.83
H7B 40T A 6 2.50 3.84 -2.54
HXT' 40T A 6 0.63 3.96 2.69
H28' 40T A 6 0.22 2.30 3.15
H2M 40T A 6 -1.95 5.06 5.18
H2MA 40T A 6 -1.56 6.42 6.25
H2MB 40T A 6 -1.69 4.79 6.92
C 40G A 7 6.67 -1.88 7.53
N1 40G A 7 4.81 -3.68 0.08
C2 40G A 7 4.42 -4.00 1.30
N2 40G A 7 4.31 -5.26 1.54
N3 40G A 7 4.20 -3.16 2.29
C4 40G A 7 4.43 -1.88 1.92
C5 40G A 7 4.84 -1.42 0.70
C6 40G A 7 5.02 -2.40 -0.32
O6 40G A 7 5.36 -2.26 -1.49
N7 40G A 7 5.07 -0.03 0.73
C8 40G A 7 4.76 0.28 1.97
N9 40G A 7 4.31 -0.76 2.71
N 40G A 7 2.56 1.22 6.84
O 40G A 7 7.54 -1.88 8.39
CA 40G A 7 2.78 0.11 7.72
C2M 40G A 7 1.44 -0.31 8.28
C3' 40G A 7 3.41 -1.08 7.01
N4' 40G A 7 4.72 -0.77 6.42
C5' 40G A 7 5.81 -0.64 7.39
C7' 40G A 7 4.98 -0.62 5.11
O7' 40G A 7 6.13 -0.41 4.70
C8' 40G A 7 3.83 -0.75 4.11
HN1 40G A 7 4.95 -4.41 -0.60
H8 40G A 7 4.84 1.30 2.34
H 40G A 7 1.71 1.22 6.29
HA 40G A 7 3.41 0.41 8.56
HN2 40G A 7 4.01 -5.52 2.45
HN2A 40G A 7 4.51 -5.94 0.82
H13' 40G A 7 3.53 -1.88 7.74
H23' 40G A 7 2.70 -1.45 6.26
H15' 40G A 7 5.42 -0.42 8.38
H25' 40G A 7 6.46 0.18 7.11
H18' 40G A 7 3.29 -1.67 4.30
H28' 40G A 7 3.15 0.09 4.25
H2M 40G A 7 1.57 -1.13 8.98
H2MA 40G A 7 0.98 0.54 8.81
H2MB 40G A 7 0.77 -0.62 7.47
C 40C A 8 10.59 -6.06 5.28
N1 40C A 8 7.85 -3.15 1.92
C2 40C A 8 8.17 -4.19 1.05
O2 40C A 8 8.21 -5.36 1.44
N3 40C A 8 8.43 -3.99 -0.25
C4 40C A 8 8.45 -2.75 -0.64
N4 40C A 8 8.66 -2.57 -1.89
C5 40C A 8 8.28 -1.64 0.19
C6 40C A 8 7.98 -1.87 1.49
N 40C A 8 6.43 -2.95 6.78
O 40C A 8 11.56 -6.54 5.83
CA 40C A 8 6.97 -4.24 7.10
C2M 40C A 8 5.86 -5.01 7.76
C3' 40C A 8 7.42 -5.00 5.85
N4' 40C A 8 8.65 -4.45 5.28
C5' 40C A 8 9.87 -4.89 5.95
C7' 40C A 8 8.72 -3.66 4.19
O7' 40C A 8 9.77 -3.16 3.83
C8' 40C A 8 7.50 -3.42 3.34
H5 40C A 8 8.35 -0.63 -0.17
H6 40C A 8 7.81 -1.05 2.18
H 40C A 8 5.69 -2.92 6.09
HA 40C A 8 7.82 -4.17 7.79
H13' 40C A 8 7.61 -6.03 6.14
H23' 40C A 8 6.59 -5.03 5.15
HN4 40C A 8 8.64 -1.63 -2.25
HN4A 40C A 8 8.71 -3.39 -2.47
H15' 40C A 8 9.67 -5.21 6.97
H25' 40C A 8 10.59 -4.07 6.01
H18' 40C A 8 6.93 -2.60 3.78
H28' 40C A 8 6.87 -4.31 3.35
H2M 40C A 8 5.54 -4.47 8.65
H2MA 40C A 8 5.02 -5.11 7.08
H2MB 40C A 8 6.22 -5.99 8.05
C 40C A 9 14.52 -8.27 1.51
N1 40C A 9 11.79 -4.12 0.44
C2 40C A 9 11.88 -4.94 -0.69
O2 40C A 9 11.89 -6.16 -0.60
N3 40C A 9 11.94 -4.45 -1.94
C4 40C A 9 11.93 -3.17 -2.04
N4 40C A 9 11.98 -2.74 -3.24
C5 40C A 9 11.86 -2.27 -0.97
C6 40C A 9 11.80 -2.77 0.27
N 40C A 9 10.12 -6.52 4.14
O 40C A 9 15.56 -8.86 1.76
CA 40C A 9 10.54 -7.77 3.59
C2M 40C A 9 9.28 -8.58 3.42
C3' 40C A 9 11.22 -7.60 2.23
N4' 40C A 9 12.53 -6.96 2.35
C5' 40C A 9 13.62 -7.90 2.67
C7' 40C A 9 12.81 -5.66 2.13
O7' 40C A 9 13.93 -5.22 2.17
C8' 40C A 9 11.70 -4.68 1.82
H5 40C A 9 11.86 -1.20 -1.12
H6 40C A 9 11.73 -2.11 1.13
H 40C A 9 9.29 -6.11 3.75
HA 40C A 9 11.20 -8.32 4.27
H13' 40C A 9 11.35 -8.59 1.79
H23' 40C A 9 10.56 -7.06 1.56
HN4 40C A 9 11.97 -1.75 -3.42
HN4A 40C A 9 11.96 -3.44 -3.97
H15' 40C A 9 13.23 -8.83 3.07
H25' 40C A 9 14.25 -7.46 3.45
H18' 40C A 9 11.80 -3.88 2.56
H28' 40C A 9 10.72 -5.11 1.98
H2M 40C A 9 9.52 -9.56 3.01
H2MA 40C A 9 8.80 -8.72 4.38
H2MB 40C A 9 8.59 -8.07 2.74
N NME A 10 14.18 -7.92 0.29
C NME A 10 14.98 -8.17 -0.90
H2 NME A 10 15.06 -7.25 -1.48
HN2 NME A 10 13.31 -7.42 0.17
H1 NME A 10 14.52 -8.95 -1.51
H3 NME A 10 16.00 -8.50 -0.64
C ACE B 1 12.93 -10.74 -11.15
O ACE B 1 13.40 -9.64 -11.22
CH3 ACE B 1 11.89 -11.15 -12.13
H1 ACE B 1 12.23 -12.03 -12.67
H2 ACE B 1 10.95 -11.35 -11.63
H3 ACE B 1 11.74 -10.34 -12.85
C 40G B 2 8.94 -13.46 -7.95
N1 40G B 2 11.83 -6.44 -4.01
C2 40G B 2 11.89 -7.75 -3.82
N2 40G B 2 11.88 -8.13 -2.59
N3 40G B 2 11.95 -8.68 -4.75
C4 40G B 2 11.92 -8.14 -5.99
C5 40G B 2 11.85 -6.81 -6.31
C6 40G B 2 11.81 -5.88 -5.24
O6 40G B 2 11.78 -4.66 -5.28
N7 40G B 2 11.85 -6.64 -7.70
C8 40G B 2 11.92 -7.87 -8.14
N9 40G B 2 11.99 -8.81 -7.17
N 40G B 2 13.31 -11.56 -10.22
O 40G B 2 7.83 -13.81 -8.30
CA 40G B 2 12.79 -12.85 -9.99
C2M 40G B 2 13.93 -13.81 -10.14
C3' 40G B 2 12.25 -12.93 -8.58
N4' 40G B 2 11.02 -12.16 -8.45
C5' 40G B 2 9.84 -12.81 -8.99
C7' 40G B 2 10.92 -10.95 -7.87
O7' 40G B 2 9.84 -10.39 -7.79
C8' 40G B 2 12.17 -10.27 -7.32
HN1 40G B 2 11.85 -5.82 -3.22
H8 40G B 2 11.95 -8.10 -9.20
H 40G B 2 14.07 -11.25 -9.63
HA 40G B 2 12.01 -13.14 -10.70
HN2 40G B 2 11.90 -9.11 -2.41
HN2A 40G B 2 11.85 -7.44 -1.86
H13' 40G B 2 12.03 -13.98 -8.37
H23' 40G B 2 13.02 -12.62 -7.87
H15' 40G B 2 10.12 -13.60 -9.69
H25' 40G B 2 9.24 -12.09 -9.55
H18' 40G B 2 12.42 -10.72 -6.36
H28' 40G B 2 13.02 -10.42 -7.99
H2M 40G B 2 13.58 -14.83 -9.98
H2MA 40G B 2 14.34 -13.74 -11.16
H2MB 40G B 2 14.72 -13.58 -9.42
C 40G B 3 4.81 -13.47 -4.34
N1 40G B 3 8.53 -6.26 -2.02
C2 40G B 3 8.48 -7.51 -1.57
N2 40G B 3 8.41 -7.61 -0.29
N3 40G B 3 8.41 -8.60 -2.29
C4 40G B 3 8.41 -8.33 -3.61
C5 40G B 3 8.44 -7.10 -4.21
C6 40G B 3 8.53 -5.96 -3.34
O6 40G B 3 8.60 -4.77 -3.62
N7 40G B 3 8.36 -7.21 -5.59
C8 40G B 3 8.31 -8.50 -5.78
N9 40G B 3 8.40 -9.24 -4.63
N 40G B 3 9.37 -13.63 -6.72
O 40G B 3 3.76 -14.06 -4.56
CA 40G B 3 8.69 -14.46 -5.77
C2M 40G B 3 9.70 -15.44 -5.23
C3' 40G B 3 8.12 -13.64 -4.62
N4' 40G B 3 7.07 -12.71 -5.04
C5' 40G B 3 5.82 -13.34 -5.45
C7' 40G B 3 7.14 -11.36 -4.97
O7' 40G B 3 6.17 -10.66 -5.23
C8' 40G B 3 8.45 -10.71 -4.52
HN1 40G B 3 8.54 -5.50 -1.37
H8 40G B 3 8.22 -8.95 -6.76
H 40G B 3 10.30 -13.32 -6.47
HA 40G B 3 7.90 -15.04 -6.24
HN2 40G B 3 8.32 -8.53 0.08
HN2A 40G B 3 8.36 -6.77 0.29
H13' 40G B 3 7.70 -14.33 -3.88
H23' 40G B 3 8.95 -13.13 -4.11
H15' 40G B 3 5.99 -14.34 -5.84
H25' 40G B 3 5.35 -12.76 -6.25
H18' 40G B 3 8.64 -10.99 -3.49
H28' 40G B 3 9.27 -11.08 -5.14
H2M 40G B 3 10.50 -14.92 -4.70
H2MA 40G B 3 9.21 -16.13 -4.53
H2MB 40G B 3 10.13 -16.03 -6.04
C 40C B 4 0.55 -11.61 -1.29
N1 40C B 4 4.77 -8.04 -2.51
C2 40C B 4 4.86 -7.01 -1.57
O2 40C B 4 4.79 -7.24 -0.37
N3 40C B 4 5.05 -5.73 -1.92
C4 40C B 4 5.07 -5.49 -3.19
N4 40C B 4 5.25 -4.25 -3.50
C5 40C B 4 4.92 -6.44 -4.20
C6 40C B 4 4.76 -7.72 -3.83
N 40C B 4 5.10 -12.99 -3.14
O 40C B 4 -0.53 -12.14 -1.47
CA 40C B 4 4.37 -13.38 -1.97
C2M 40C B 4 5.34 -14.18 -1.12
C3' 40C B 4 3.86 -12.19 -1.19
N4' 40C B 4 2.97 -11.31 -1.97
C5' 40C B 4 1.65 -11.91 -2.29
C7' 40C B 4 3.24 -10.04 -2.31
O7' 40C B 4 2.38 -9.31 -2.80
C8' 40C B 4 4.63 -9.48 -2.09
H5 40C B 4 4.93 -6.19 -5.24
H6 40C B 4 4.64 -8.51 -4.58
H 40C B 4 5.98 -12.52 -2.99
HA 40C B 4 3.54 -14.04 -2.22
H13' 40C B 4 3.31 -12.56 -0.32
H23' 40C B 4 4.72 -11.64 -0.80
HN4 40C B 4 5.30 -4.00 -4.48
HN4A 40C B 4 5.36 -3.59 -2.75
H15' 40C B 4 1.72 -12.99 -2.37
H25' 40C B 4 1.31 -11.54 -3.26
H18' 40C B 4 5.34 -10.10 -2.65
H28' 40C B 4 4.86 -9.58 -1.03
H2M 40C B 4 6.20 -13.56 -0.84
H2MA 40C B 4 4.83 -14.52 -0.22
H2MB 40C B 4 5.68 -15.05 -1.68
C 40A B 5 -3.31 -8.00 1.25
N1 40A B 5 1.71 -2.11 -0.61
C2 40A B 5 1.37 -2.88 0.40
N3 40A B 5 1.20 -4.20 0.39
C4 40A B 5 1.40 -4.74 -0.83
C5 40A B 5 1.73 -4.07 -1.97
C6 40A B 5 1.90 -2.69 -1.79
N6 40A B 5 2.21 -1.83 -2.72
N7 40A B 5 1.80 -4.94 -3.07
C8 40A B 5 1.52 -6.10 -2.53
N9 40A B 5 1.31 -6.07 -1.18
N 40A B 5 0.82 -10.85 -0.25
O 40A B 5 -4.47 -8.34 1.44
CA 40A B 5 -0.05 -10.78 0.89
C2M 40A B 5 0.61 -11.54 2.02
C3' 40A B 5 -0.28 -9.33 1.32
N4' 40A B 5 -1.02 -8.53 0.31
C5' 40A B 5 -2.48 -8.82 0.28
C7' 40A B 5 -0.51 -7.53 -0.43
O7' 40A B 5 -1.22 -6.85 -1.15
C8' 40A B 5 0.94 -7.21 -0.30
H3 40A B 5 1.21 -2.40 1.35
H8 40A B 5 1.47 -7.02 -3.12
H 40A B 5 1.75 -10.49 -0.14
HA 40A B 5 -1.02 -11.25 0.69
H13' 40A B 5 0.67 -8.88 1.57
H23' 40A B 5 -0.87 -9.35 2.24
H15' 40A B 5 -2.87 -8.64 -0.72
H25' 40A B 5 -2.68 -9.87 0.49
HN6 40A B 5 2.39 -2.16 -3.66
HN6A 40A B 5 2.35 -0.86 -2.47
H18' 40A B 5 1.51 -8.10 -0.57
H28' 40A B 5 1.14 -6.94 0.74
H2M 40A B 5 0.77 -12.58 1.72
H2MA 40A B 5 -0.03 -11.52 2.89
H2MB 40A B 5 1.58 -11.08 2.26
C 40T B 6 -6.48 -3.56 2.91
N1 40T B 6 -1.92 -2.80 -0.35
C2 40T B 6 -1.82 -1.41 -0.20
O2 40T B 6 -2.03 -0.81 0.85
N3 40T B 6 -1.46 -0.69 -1.28
C4 40T B 6 -1.26 -1.19 -2.53
O4 40T B 6 -0.97 -0.40 -3.41
C5 40T B 6 -1.43 -2.64 -2.65
C6 40T B 6 -1.74 -3.39 -1.57
C7 40T B 6 -1.25 -3.33 -4.00
N 40T B 6 -2.73 -7.01 1.88
O 40T B 6 -7.69 -3.61 2.80
CA 40T B 6 -3.24 -6.54 3.14
C2M 40T B 6 -2.29 -7.01 4.22
C3' 40T B 6 -3.35 -5.01 3.19
N4' 40T B 6 -4.22 -4.45 2.14
C5' 40T B 6 -5.66 -4.69 2.33
C7' 40T B 6 -3.77 -3.78 1.05
O7' 40T B 6 -4.54 -3.30 0.24
C8' 40T B 6 -2.27 -3.64 0.84
HN3 40T B 6 -1.39 0.31 -1.17
H6 40T B 6 -1.86 -4.46 -1.67
H 40T B 6 -1.77 -6.82 1.69
HA 40T B 6 -4.22 -6.96 3.36
H13' 40T B 6 -2.35 -4.59 3.18
H23' 40T B 6 -3.78 -4.75 4.17
H15' 40T B 6 -6.11 -4.94 1.36
H25' 40T B 6 -5.83 -5.55 2.98
H7 40T B 6 -0.25 -3.14 -4.38
H7A 40T B 6 -1.40 -4.41 -3.92
H7B 40T B 6 -1.97 -2.93 -4.71
HXT' 40T B 6 -1.84 -4.64 0.72
H28' 40T B 6 -1.83 -3.19 1.73
H2M 40T B 6 -2.23 -8.10 4.20
H2MA 40T B 6 -2.65 -6.69 5.19
H2MB 40T B 6 -1.29 -6.59 4.04
C 40G B 7 -9.53 1.04 2.53
N1 40G B 7 -4.23 3.83 -1.97
C2 40G B 7 -4.60 3.81 -0.70
N2 40G B 7 -4.70 4.97 -0.14
N3 40G B 7 -4.89 2.75 0.01
C4 40G B 7 -4.79 1.61 -0.73
C5 40G B 7 -4.42 1.50 -2.04
C6 40G B 7 -4.08 2.71 -2.72
O6 40G B 7 -3.69 2.88 -3.87
N7 40G B 7 -4.51 0.16 -2.46
C8 40G B 7 -4.89 -0.46 -1.39
N9 40G B 7 -5.02 0.34 -0.29
N 40G B 7 -5.86 -2.58 3.54
O 40G B 7 -10.69 1.12 2.85
CA 40G B 7 -6.56 -1.64 4.38
C2M 40G B 7 -5.80 -1.53 5.68
C3' 40G B 7 -6.65 -0.26 3.74
N4' 40G B 7 -7.41 -0.28 2.49
C5' 40G B 7 -8.86 -0.31 2.66
C7' 40G B 7 -6.89 -0.22 1.25
O7' 40G B 7 -7.61 -0.29 0.24
C8' 40G B 7 -5.39 -0.05 1.09
HN1 40G B 7 -3.99 4.71 -2.40
H8 40G B 7 -5.08 -1.53 -1.36
H 40G B 7 -4.86 -2.60 3.61
HA 40G B 7 -7.56 -2.01 4.61
HN2 40G B 7 -4.94 4.98 0.83
HN2A 40G B 7 -4.49 5.81 -0.65
H13' 40G B 7 -7.15 0.41 4.45
H23' 40G B 7 -5.64 0.13 3.61
H15' 40G B 7 -9.12 -0.71 3.64
H25' 40G B 7 -9.30 -0.98 1.92
H18' 40G B 7 -5.04 0.73 1.76
H28' 40G B 7 -4.89 -0.98 1.35
H2M 40G B 7 -5.74 -2.52 6.16
H2MA 40G B 7 -4.79 -1.16 5.51
H2MB 40G B 7 -6.33 -0.86 6.36
C 40C B 8 -11.61 5.73 -0.51
N1 40C B 8 -7.69 2.95 -2.53
C2 40C B 8 -7.46 4.20 -3.09
O2 40C B 8 -7.73 5.24 -2.48
N3 40C B 8 -6.94 4.35 -4.30
C4 40C B 8 -6.71 3.26 -4.97
N4 40C B 8 -6.17 3.41 -6.12
C5 40C B 8 -7.00 1.97 -4.52
C6 40C B 8 -7.50 1.84 -3.27
N 40C B 8 -8.82 2.08 2.15
O 40C B 8 -12.69 6.29 -0.38
CA 40C B 8 -9.29 3.41 2.40
C2M 40C B 8 -8.41 3.92 3.48
C3' 40C B 8 -9.15 4.32 1.20
N4' 40C B 8 -10.01 3.91 0.10
C5' 40C B 8 -11.38 4.41 0.19
C7' 40C B 8 -9.61 3.23 -0.99
O7' 40C B 8 -10.39 2.97 -1.90
C8' 40C B 8 -8.18 2.80 -1.13
H5 40C B 8 -6.83 1.10 -5.12
H6 40C B 8 -7.73 0.85 -2.87
H 40C B 8 -7.85 1.98 1.90
HA 40C B 8 -10.32 3.44 2.73
H13' 40C B 8 -9.47 5.32 1.52
H23' 40C B 8 -8.11 4.44 0.93
HN4 40C B 8 -5.94 2.59 -6.66
HN4A 40C B 8 -5.89 4.35 -6.39
H15' 40C B 8 -11.67 4.55 1.24
H25' 40C B 8 -12.07 3.69 -0.23
H18' 40C B 8 -8.15 1.76 -0.81
H28' 40C B 8 -7.51 3.35 -0.49
H2M 40C B 8 -7.37 3.95 3.19
H2MA 40C B 8 -8.73 4.94 3.76
H2MB 40C B 8 -8.52 3.30 4.38
C 40C B 9 -12.78 9.04 -5.22
N1 40C B 9 -9.98 4.89 -5.67
C2 40C B 9 -9.36 5.90 -6.41
O2 40C B 9 -9.39 7.07 -6.03
N3 40C B 9 -8.70 5.68 -7.54
C4 40C B 9 -8.69 4.45 -7.95
N4 40C B 9 -8.04 4.27 -9.04
C5 40C B 9 -9.30 3.37 -7.31
C6 40C B 9 -9.94 3.62 -6.15
N 40C B 9 -10.64 6.27 -1.21
O 40C B 9 -13.59 9.78 -5.47
CA 40C B 9 -10.63 7.65 -1.57
C2M 40C B 9 -9.48 8.27 -0.83
C3' 40C B 9 -10.44 7.83 -3.08
N4' 40C B 9 -11.61 7.37 -3.83
C5' 40C B 9 -12.68 8.36 -3.90
C7' 40C B 9 -11.73 6.19 -4.46
O7' 40C B 9 -12.71 5.91 -5.13
C8' 40C B 9 -10.65 5.15 -4.36
H5 40C B 9 -9.26 2.37 -7.71
H6 40C B 9 -10.43 2.82 -5.61
H 40C B 9 -9.76 5.78 -1.27
HA 40C B 9 -11.55 8.15 -1.27
H13' 40C B 9 -10.30 8.90 -3.27
H23' 40C B 9 -9.53 7.35 -3.40
HN4 40C B 9 -7.98 3.35 -9.43
HN4A 40C B 9 -7.56 5.07 -9.41
H15' 40C B 9 -12.55 9.15 -3.16
H25' 40C B 9 -13.63 7.88 -3.71
H18' 40C B 9 -11.14 4.24 -4.01
H28' 40C B 9 -9.92 5.42 -3.62
H2M 40C B 9 -9.65 8.19 0.24
H2MA 40C B 9 -8.54 7.76 -1.07
H2MB 40C B 9 -9.39 9.32 -1.08
N NME B 10 -12.05 8.90 -6.19
C NME B 10 -12.27 9.59 -7.45
H2 NME B 10 -11.51 9.29 -8.17
HN2 NME B 10 -11.25 8.29 -6.09
H1 NME B 10 -12.23 10.67 -7.33
H3 NME B 10 -13.24 9.31 -7.87
C ACE A 1 -5.73 16.09 -13.95
O ACE A 1 -6.48 16.03 -14.89
CH3 ACE A 1 -4.44 16.78 -14.14
H1 ACE A 1 -4.38 17.13 -15.17
H2 ACE A 1 -4.38 17.65 -13.51
H3 ACE A 1 -3.62 16.11 -13.98
C 40G A 2 -2.84 15.06 -8.49
N1 40G A 2 -7.16 7.84 -8.81
C2 40G A 2 -7.40 9.09 -8.42
N2 40G A 2 -8.11 9.18 -7.35
N3 40G A 2 -6.96 10.18 -8.98
C4 40G A 2 -6.19 9.91 -10.06
C5 40G A 2 -5.87 8.68 -10.56
C6 40G A 2 -6.40 7.54 -9.88
O6 40G A 2 -6.27 6.35 -10.14
N7 40G A 2 -5.06 8.79 -11.70
C8 40G A 2 -4.94 10.07 -11.85
N9 40G A 2 -5.60 10.81 -10.91
N 40G A 2 -6.11 15.56 -12.83
O 40G A 2 -1.89 15.65 -8.03
CA 40G A 2 -5.42 15.47 -11.60
C2M 40G A 2 -5.18 16.82 -10.97
C3' 40G A 2 -4.19 14.61 -11.77
N4' 40G A 2 -3.87 13.97 -10.52
C5' 40G A 2 -2.67 14.48 -9.86
C7' 40G A 2 -4.44 12.84 -10.11
O7' 40G A 2 -4.00 12.27 -9.13
C8' 40G A 2 -5.67 12.27 -10.81
HN1 40G A 2 -7.60 7.08 -8.33
H8 40G A 2 -4.37 10.53 -12.66
H 40G A 2 -7.02 15.15 -12.83
HA 40G A 2 -6.10 14.95 -10.94
HN2 40G A 2 -8.29 10.11 -7.01
HN2A 40G A 2 -8.48 8.36 -6.90
H13' 40G A 2 -3.36 15.24 -12.10
H23' 40G A 2 -4.35 13.87 -12.55
H15' 40G A 2 -2.20 15.24 -10.47
H25' 40G A 2 -1.96 13.66 -9.78
H18' 40G A 2 -6.56 12.56 -10.24
H28' 40G A 2 -5.79 12.66 -11.81
H2M 40G A 2 -6.06 17.45 -11.10
H2MA 40G A 2 -5.00 16.69 -9.90
H2MB 40G A 2 -4.31 17.31 -11.39
C 40G A 3 -2.23 14.15 -3.04
N1 40G A 3 -5.95 6.88 -5.16
C2 40G A 3 -6.27 7.97 -4.48
N2 40G A 3 -6.97 7.78 -3.44
N3 40G A 3 -5.84 9.19 -4.74
C4 40G A 3 -5.02 9.22 -5.82
C5 40G A 3 -4.60 8.15 -6.58
C6 40G A 3 -5.13 6.87 -6.24
O6 40G A 3 -4.95 5.79 -6.77
N7 40G A 3 -3.70 8.57 -7.56
C8 40G A 3 -3.62 9.85 -7.36
N9 40G A 3 -4.44 10.32 -6.37
N 40G A 3 -3.98 14.96 -7.83
O 40G A 3 -1.33 14.67 -2.41
CA 40G A 3 -4.20 15.63 -6.57
C2M 40G A 3 -5.39 16.53 -6.75
C3' 40G A 3 -4.51 14.62 -5.47
N4' 40G A 3 -3.40 13.71 -5.20
C5' 40G A 3 -2.25 14.33 -4.55
C7' 40G A 3 -3.41 12.37 -5.41
O7' 40G A 3 -2.46 11.67 -5.08
C8' 40G A 3 -4.67 11.72 -5.99
HN1 40G A 3 -6.31 5.98 -4.85
H8 40G A 3 -2.97 10.49 -7.94
H 40G A 3 -4.75 14.46 -8.23
HA 40G A 3 -3.36 16.24 -6.28
HN2 40G A 3 -7.18 8.58 -2.87
HN2A 40G A 3 -7.24 6.84 -3.16
H13' 40G A 3 -4.72 15.19 -4.56
H23' 40G A 3 -5.43 14.10 -5.72
H15' 40G A 3 -2.20 15.39 -4.75
H25' 40G A 3 -1.32 13.89 -4.94
H18' 40G A 3 -5.47 11.78 -5.24
H28' 40G A 3 -5.00 12.28 -6.87
H2M 40G A 3 -5.61 17.04 -5.82
H2MA 40G A 3 -5.17 17.29 -7.51
H2MB 40G A 3 -6.27 15.96 -7.07
C 40C A 4 -0.65 11.42 1.44
N1 40C A 4 -2.92 8.48 -2.79
C2 40C A 4 -3.47 7.26 -2.35
O2 40C A 4 -4.14 7.19 -1.33
N3 40C A 4 -3.28 6.11 -3.02
C4 40C A 4 -2.52 6.18 -4.07
N4 40C A 4 -2.35 5.07 -4.70
C5 40C A 4 -1.89 7.33 -4.54
C6 40C A 4 -2.09 8.47 -3.86
N 40C A 4 -3.22 13.49 -2.46
O 40C A 4 0.30 11.86 2.06
CA 40C A 4 -3.44 13.56 -1.04
C2M 40C A 4 -4.81 14.19 -0.86
C3' 40C A 4 -3.40 12.18 -0.39
N4' 40C A 4 -2.15 11.45 -0.61
C5' 40C A 4 -0.97 12.02 0.08
C7' 40C A 4 -2.03 10.30 -1.31
O7' 40C A 4 -0.97 9.67 -1.31
C8' 40C A 4 -3.21 9.76 -2.08
H5 40C A 4 -1.24 7.32 -5.40
H6 40C A 4 -1.63 9.40 -4.19
H 40C A 4 -3.93 13.07 -3.02
HA 40C A 4 -2.71 14.19 -0.54
H13' 40C A 4 -3.56 12.31 0.67
H23' 40C A 4 -4.27 11.62 -0.76
HN4 40C A 4 -1.80 5.05 -5.52
HN4A 40C A 4 -2.84 4.26 -4.35
H15' 40C A 4 -1.08 13.09 0.24
H25' 40C A 4 -0.09 11.89 -0.54
H18' 40C A 4 -3.52 10.52 -2.79
H28' 40C A 4 -4.04 9.62 -1.37
H2M 40C A 4 -5.34 13.71 -0.04
H2MA 40C A 4 -4.67 15.24 -0.61
H2MB 40C A 4 -5.42 14.11 -1.76
C 40A A 5 1.24 7.14 4.94
N1 40A A 5 -1.18 2.15 -0.87
C2 40A A 5 -1.55 2.64 0.31
N3 40A A 5 -1.49 3.90 0.71
C4 40A A 5 -0.98 4.72 -0.24
C5 40A A 5 -0.52 4.36 -1.47
C6 40A A 5 -0.68 2.99 -1.75
N6 40A A 5 -0.32 2.40 -2.87
N7 40A A 5 0.02 5.46 -2.15
C8 40A A 5 -0.15 6.44 -1.31
N9 40A A 5 -0.79 6.08 -0.15
N 40A A 5 -1.44 10.47 1.92
O 40A A 5 1.94 7.38 5.90
CA 40A A 5 -1.42 10.09 3.29
C2M 40A A 5 -2.70 10.58 3.91
C3' 40A A 5 -1.34 8.56 3.44
N4' 40A A 5 -0.07 7.99 2.96
C5' 40A A 5 1.06 8.20 3.89
C7' 40A A 5 0.06 7.22 1.86
O7' 40A A 5 1.13 6.68 1.58
C8' 40A A 5 -1.13 6.95 1.01
H3 40A A 5 -1.96 1.94 1.01
H8 40A A 5 0.17 7.45 -1.51
H 40A A 5 -2.23 10.17 1.36
HA 40A A 5 -0.59 10.54 3.82
H13' 40A A 5 -2.21 8.12 2.96
H23' 40A A 5 -1.43 8.34 4.51
H15' 40A A 5 2.01 8.24 3.33
H25' 40A A 5 0.98 9.16 4.40
HN6 40A A 5 0.07 2.95 -3.61
HN6A 40A A 5 -0.53 1.41 -2.98
H18' 40A A 5 -1.52 7.90 0.67
H28' 40A A 5 -1.87 6.45 1.63
H2M 40A A 5 -2.76 11.67 3.81
H2MA 40A A 5 -2.73 10.33 4.96
H2MB 40A A 5 -3.57 10.13 3.41
C 40T A 6 3.52 2.53 6.99
N1 40T A 6 1.59 2.48 1.63
C2 40T A 6 1.52 1.12 1.37
O2 40T A 6 1.15 0.27 2.17
N3 40T A 6 1.89 0.71 0.14
C4 40T A 6 2.41 1.50 -0.83
O4 40T A 6 2.71 0.96 -1.89
C5 40T A 6 2.54 2.92 -0.48
C6 40T A 6 2.11 3.36 0.72
C7 40T A 6 3.12 3.92 -1.47
N 40T A 6 0.53 6.02 4.82
O 40T A 6 4.56 2.67 7.61
CA 40T A 6 0.24 5.22 5.97
C2M 40T A 6 -1.22 5.39 6.27
C3' 40T A 6 0.55 3.73 5.74
N4' 40T A 6 1.91 3.48 5.26
C5' 40T A 6 2.97 3.73 6.25
C7' 40T A 6 2.23 3.09 4.00
O7' 40T A 6 3.38 2.82 3.69
C8' 40T A 6 1.12 2.99 2.95
HN3 40T A 6 1.81 -0.27 -0.07
H6 40T A 6 2.20 4.42 0.97
H 40T A 6 -0.07 5.91 4.02
HA 40T A 6 0.80 5.54 6.85
H13' 40T A 6 -0.21 3.33 5.07
H23' 40T A 6 0.41 3.22 6.69
H15' 40T A 6 3.82 4.22 5.76
H25' 40T A 6 2.63 4.42 7.02
H7 40T A 6 3.04 4.94 -1.09
H7A 40T A 6 4.17 3.68 -1.65
H7B 40T A 6 2.58 3.86 -2.41
HXT' 40T A 6 0.69 3.99 2.83
H28' 40T A 6 0.34 2.34 3.34
H2M 40T A 6 -1.44 6.43 6.49
H2MA 40T A 6 -1.50 4.79 7.14
H2MB 40T A 6 -1.83 5.07 5.42
C 40G A 7 6.99 -1.77 7.53
N1 40G A 7 4.75 -3.52 0.12
C2 40G A 7 4.37 -3.84 1.34
N2 40G A 7 4.23 -5.10 1.56
N3 40G A 7 4.20 -3.00 2.35
C4 40G A 7 4.45 -1.73 1.99
C5 40G A 7 4.86 -1.27 0.77
C6 40G A 7 4.98 -2.24 -0.27
O6 40G A 7 5.29 -2.10 -1.45
N7 40G A 7 5.11 0.10 0.82
C8 40G A 7 4.86 0.42 2.05
N9 40G A 7 4.41 -0.63 2.81
N 40G A 7 2.85 1.39 6.95
O 40G A 7 7.93 -1.76 8.32
CA 40G A 7 3.14 0.32 7.86
C2M 40G A 7 1.84 -0.07 8.51
C3' 40G A 7 3.72 -0.90 7.14
N4' 40G A 7 5.00 -0.63 6.50
C5' 40G A 7 6.14 -0.52 7.42
C7' 40G A 7 5.20 -0.50 5.17
O7' 40G A 7 6.33 -0.32 4.71
C8' 40G A 7 4.00 -0.61 4.23
HN1 40G A 7 4.86 -4.25 -0.56
H8 40G A 7 4.99 1.42 2.45
H 40G A 7 2.00 1.35 6.43
HA 40G A 7 3.82 0.63 8.65
HN2 40G A 7 3.94 -5.37 2.48
HN2A 40G A 7 4.41 -5.77 0.84
H13' 40G A 7 3.87 -1.68 7.88
H23' 40G A 7 2.97 -1.28 6.44
H15' 40G A 7 5.79 -0.28 8.42
H25' 40G A 7 6.78 0.30 7.10
H18' 40G A 7 3.46 -1.54 4.44
H28' 40G A 7 3.33 0.22 4.40
H2M 40G A 7 2.00 -0.86 9.23
H2MA 40G A 7 1.42 0.79 9.03
H2MB 40G A 7 1.11 -0.42 7.76
C 40C A 8 10.82 -5.95 5.15
N1 40C A 8 7.87 -3.08 1.92
C2 40C A 8 8.14 -4.12 1.02
O2 40C A 8 8.18 -5.29 1.40
N3 40C A 8 8.38 -3.89 -0.27
C4 40C A 8 8.41 -2.65 -0.65
N4 40C A 8 8.58 -2.45 -1.90
C5 40C A 8 8.27 -1.55 0.20
C6 40C A 8 7.99 -1.79 1.50
N 40C A 8 6.69 -2.85 6.82
O 40C A 8 11.82 -6.42 5.68
CA 40C A 8 7.24 -4.15 7.15
C2M 40C A 8 6.15 -4.91 7.89
C3' 40C A 8 7.64 -4.92 5.90
N4' 40C A 8 8.84 -4.37 5.25
C5' 40C A 8 10.11 -4.80 5.87
C7' 40C A 8 8.84 -3.57 4.16
O7' 40C A 8 9.88 -3.04 3.75
C8' 40C A 8 7.58 -3.37 3.36
H5 40C A 8 8.33 -0.53 -0.14
H6 40C A 8 7.87 -0.98 2.21
H 40C A 8 5.91 -2.83 6.20
HA 40C A 8 8.11 -4.07 7.80
H13' 40C A 8 7.86 -5.96 6.19
H23' 40C A 8 6.78 -4.98 5.23
HN4 40C A 8 8.56 -1.52 -2.25
HN4A 40C A 8 8.60 -3.27 -2.50
H15' 40C A 8 9.95 -5.11 6.90
H25' 40C A 8 10.81 -3.96 5.89
H18' 40C A 8 7.01 -2.56 3.81
H28' 40C A 8 6.97 -4.27 3.39
H2M 40C A 8 5.28 -5.04 7.26
H2MA 40C A 8 6.54 -5.89 8.18
H2MB 40C A 8 5.88 -4.37 8.79
C 40C A 9 14.58 -8.11 1.14
N1 40C A 9 11.76 -3.99 0.23
C2 40C A 9 11.79 -4.82 -0.90
O2 40C A 9 11.80 -6.04 -0.81
N3 40C A 9 11.82 -4.34 -2.14
C4 40C A 9 11.82 -3.06 -2.25
N4 40C A 9 11.83 -2.63 -3.47
C5 40C A 9 11.83 -2.14 -1.19
C6 40C A 9 11.78 -2.65 0.06
N 40C A 9 10.32 -6.42 4.03
O 40C A 9 15.61 -8.73 1.30
CA 40C A 9 10.72 -7.68 3.47
C2M 40C A 9 9.47 -8.52 3.37
C3' 40C A 9 11.33 -7.50 2.07
N4' 40C A 9 12.64 -6.83 2.10
C5' 40C A 9 13.76 -7.75 2.36
C7' 40C A 9 12.86 -5.52 1.89
O7' 40C A 9 13.99 -5.06 1.89
C8' 40C A 9 11.73 -4.56 1.62
H5 40C A 9 11.84 -1.08 -1.34
H6 40C A 9 11.77 -1.99 0.92
H 40C A 9 9.48 -6.01 3.66
HA 40C A 9 11.43 -8.20 4.10
H13' 40C A 9 11.45 -8.49 1.64
H23' 40C A 9 10.62 -6.98 1.43
HN4 40C A 9 11.81 -1.64 -3.64
HN4A 40C A 9 11.75 -3.33 -4.19
H15' 40C A 9 13.41 -8.69 2.79
H25' 40C A 9 14.44 -7.29 3.08
H18' 40C A 9 11.84 -3.76 2.35
H28' 40C A 9 10.76 -5.01 1.81
H2M 40C A 9 8.74 -8.02 2.73
H2MA 40C A 9 9.72 -9.49 2.96
H2MB 40C A 9 9.04 -8.65 4.36
N NME A 10 14.17 -7.75 -0.06
C NME A 10 14.90 -7.99 -1.28
H2 NME A 10 15.97 -8.05 -1.11
HN2 NME A 10 13.29 -7.25 -0.11
H1 NME A 10 14.72 -7.18 -2.00
H3 NME A 10 14.57 -8.92 -1.74
C ACE B 1 12.06 -11.70 -11.86
O ACE B 1 12.09 -10.75 -12.34
CH3 ACE B 1 11.76 -12.68 -12.61
H1 ACE B 1 11.51 -12.38 -13.63
H2 ACE B 1 12.56 -13.41 -12.74
H3 ACE B 1 10.85 -13.18 -12.25
C 40G B 2 8.76 -13.40 -8.04
N1 40G B 2 11.64 -6.35 -4.22
C2 40G B 2 11.74 -7.66 -4.03
N2 40G B 2 11.77 -8.03 -2.81
N3 40G B 2 11.78 -8.58 -4.96
C4 40G B 2 11.71 -8.04 -6.19
C5 40G B 2 11.59 -6.72 -6.53
C6 40G B 2 11.57 -5.79 -5.45
O6 40G B 2 11.49 -4.58 -5.48
N7 40G B 2 11.53 -6.56 -7.91
C8 40G B 2 11.62 -7.78 -8.36
N9 40G B 2 11.76 -8.72 -7.37
N 40G B 2 12.33 -11.72 -10.75
O 40G B 2 7.66 -13.82 -8.32
CA 40G B 2 12.50 -12.81 -10.20
C2M 40G B 2 13.84 -12.74 -10.49
C3' 40G B 2 12.04 -12.79 -8.82
N4' 40G B 2 10.78 -12.06 -8.65
C5' 40G B 2 9.59 -12.75 -9.13
C7' 40G B 2 10.68 -10.87 -8.05
O7' 40G B 2 9.59 -10.33 -7.90
C8' 40G B 2 11.94 -10.17 -7.54
HN1 40G B 2 11.67 -5.73 -3.42
H8 40G B 2 11.61 -8.02 -9.42
H 40G B 2 12.62 -10.88 -10.29
HA 40G B 2 12.08 -13.72 -10.63
HN2 40G B 2 11.82 -9.02 -2.62
HN2A 40G B 2 11.74 -7.34 -2.06
H13' 40G B 2 11.90 -13.82 -8.50
H23' 40G B 2 12.84 -12.40 -8.18
H15' 40G B 2 9.86 -13.53 -9.84
H25' 40G B 2 8.95 -12.04 -9.66
H18' 40G B 2 12.23 -10.63 -6.59
H28' 40G B 2 12.75 -10.31 -8.25
H2M 40G B 2 14.27 -13.64 -10.04
H2MA 40G B 2 14.19 -12.85 -11.53
H2MB 40G B 2 14.39 -11.93 -9.99
C 40G B 3 4.81 -13.41 -4.22
N1 40G B 3 8.46 -6.17 -2.06
C2 40G B 3 8.44 -7.41 -1.61
N2 40G B 3 8.41 -7.53 -0.33
N3 40G B 3 8.37 -8.50 -2.34
C4 40G B 3 8.33 -8.22 -3.66
C5 40G B 3 8.31 -6.97 -4.24
C6 40G B 3 8.40 -5.85 -3.37
O6 40G B 3 8.43 -4.66 -3.64
N7 40G B 3 8.19 -7.08 -5.63
C8 40G B 3 8.15 -8.36 -5.84
N9 40G B 3 8.30 -9.11 -4.70
N 40G B 3 9.26 -13.53 -6.82
O 40G B 3 3.79 -14.04 -4.38
CA 40G B 3 8.64 -14.35 -5.82
C2M 40G B 3 9.70 -15.29 -5.31
C3' 40G B 3 8.12 -13.52 -4.66
N4' 40G B 3 7.03 -12.61 -5.05
C5' 40G B 3 5.77 -13.27 -5.39
C7' 40G B 3 7.09 -11.26 -4.99
O7' 40G B 3 6.09 -10.58 -5.22
C8' 40G B 3 8.40 -10.58 -4.60
HN1 40G B 3 8.47 -5.40 -1.40
H8 40G B 3 8.06 -8.80 -6.82
H 40G B 3 10.19 -13.18 -6.62
HA 40G B 3 7.84 -14.95 -6.24
HN2 40G B 3 8.35 -8.46 0.04
HN2A 40G B 3 8.36 -6.71 0.26
H13' 40G B 3 7.74 -14.20 -3.90
H23' 40G B 3 8.96 -12.98 -4.21
H15' 40G B 3 5.94 -14.27 -5.77
H25' 40G B 3 5.26 -12.71 -6.16
H18' 40G B 3 8.65 -10.86 -3.58
H28' 40G B 3 9.19 -10.93 -5.26
H2M 40G B 3 10.01 -15.96 -6.12
H2MA 40G B 3 10.56 -14.74 -4.94
H2MB 40G B 3 9.29 -15.91 -4.51
C 40C B 4 0.62 -11.55 -1.19
N1 40C B 4 4.75 -7.91 -2.45
C2 40C B 4 4.81 -6.88 -1.52
O2 40C B 4 4.76 -7.11 -0.31
N3 40C B 4 4.95 -5.60 -1.87
C4 40C B 4 4.95 -5.35 -3.15
N4 40C B 4 5.10 -4.11 -3.46
C5 40C B 4 4.81 -6.31 -4.15
C6 40C B 4 4.70 -7.60 -3.77
N 40C B 4 5.15 -12.91 -3.05
O 40C B 4 -0.47 -12.06 -1.38
CA 40C B 4 4.49 -13.28 -1.85
C2M 40C B 4 5.50 -14.01 -1.00
C3' 40C B 4 3.96 -12.06 -1.09
N4' 40C B 4 3.04 -11.23 -1.88
C5' 40C B 4 1.73 -11.85 -2.17
C7' 40C B 4 3.27 -9.95 -2.24
O7' 40C B 4 2.40 -9.25 -2.72
C8' 40C B 4 4.65 -9.35 -2.03
H5 40C B 4 4.80 -6.05 -5.20
H6 40C B 4 4.61 -8.38 -4.52
H 40C B 4 6.02 -12.40 -2.95
HA 40C B 4 3.66 -13.96 -2.03
H13' 40C B 4 3.42 -12.43 -0.21
H23' 40C B 4 4.80 -11.50 -0.72
HN4 40C B 4 5.13 -3.86 -4.44
HN4A 40C B 4 5.22 -3.44 -2.71
H15' 40C B 4 1.82 -12.94 -2.23
H25' 40C B 4 1.38 -11.52 -3.15
H18' 40C B 4 5.37 -9.95 -2.60
H28' 40C B 4 4.91 -9.44 -0.97
H2M 40C B 4 6.33 -13.35 -0.75
H2MA 40C B 4 5.02 -14.35 -0.07
H2MB 40C B 4 5.86 -14.88 -1.54
C 40A B 5 -3.35 -8.06 1.27
N1 40A B 5 1.61 -2.05 -0.52
C2 40A B 5 1.27 -2.84 0.50
N3 40A B 5 1.11 -4.15 0.49
C4 40A B 5 1.33 -4.69 -0.74
C5 40A B 5 1.66 -4.02 -1.88
C6 40A B 5 1.80 -2.63 -1.70
N6 40A B 5 2.12 -1.77 -2.64
N7 40A B 5 1.73 -4.89 -2.98
C8 40A B 5 1.47 -6.05 -2.44
N9 40A B 5 1.25 -6.02 -1.09
N 40A B 5 0.88 -10.81 -0.13
O 40A B 5 -4.50 -8.41 1.45
CA 40A B 5 0.00 -10.74 1.00
C2M 40A B 5 0.71 -11.45 2.14
C3' 40A B 5 -0.28 -9.30 1.41
N4' 40A B 5 -1.03 -8.54 0.40
C5' 40A B 5 -2.48 -8.87 0.34
C7' 40A B 5 -0.55 -7.52 -0.35
O7' 40A B 5 -1.26 -6.86 -1.09
C8' 40A B 5 0.89 -7.15 -0.20
H3 40A B 5 1.10 -2.35 1.44
H8 40A B 5 1.43 -6.97 -3.02
H 40A B 5 1.81 -10.44 -0.02
HA 40A B 5 -0.93 -11.25 0.81
H13' 40A B 5 0.65 -8.81 1.68
H23' 40A B 5 -0.88 -9.33 2.33
H15' 40A B 5 -2.87 -8.72 -0.68
H25' 40A B 5 -2.65 -9.92 0.58
HN6 40A B 5 2.31 -2.11 -3.56
HN6A 40A B 5 2.27 -0.81 -2.37
H18' 40A B 5 1.49 -8.03 -0.44
H28' 40A B 5 1.05 -6.87 0.84
H2M 40A B 5 0.90 -12.49 1.86
H2MA 40A B 5 0.06 -11.45 3.02
H2MB 40A B 5 1.65 -10.95 2.38
C 40T B 6 -6.79 -3.97 2.61
N1 40T B 6 -2.07 -2.76 -0.27
C2 40T B 6 -1.97 -1.38 -0.12
O2 40T B 6 -2.21 -0.78 0.93
N3 40T B 6 -1.57 -0.66 -1.19
C4 40T B 6 -1.34 -1.16 -2.43
O4 40T B 6 -1.01 -0.37 -3.30
C5 40T B 6 -1.51 -2.61 -2.56
C6 40T B 6 -1.85 -3.36 -1.49
C7 40T B 6 -1.29 -3.30 -3.89
N 40T B 6 -2.81 -7.05 1.92
O 40T B 6 -7.98 -4.14 2.39
CA 40T B 6 -3.36 -6.59 3.15
C2M 40T B 6 -2.37 -6.94 4.24
C3' 40T B 6 -3.59 -5.07 3.17
N4' 40T B 6 -4.40 -4.60 2.04
C5' 40T B 6 -5.82 -4.99 2.10
C7' 40T B 6 -3.93 -3.87 1.00
O7' 40T B 6 -4.68 -3.46 0.13
C8' 40T B 6 -2.43 -3.61 0.90
HN3 40T B 6 -1.46 0.33 -1.06
H6 40T B 6 -1.97 -4.44 -1.59
H 40T B 6 -1.84 -6.83 1.74
HA 40T B 6 -4.30 -7.08 3.39
H13' 40T B 6 -2.62 -4.57 3.22
H23' 40T B 6 -4.11 -4.83 4.11
H15' 40T B 6 -6.16 -5.28 1.09
H25' 40T B 6 -5.96 -5.87 2.72
H7 40T B 6 -2.16 -3.16 -4.53
H7A 40T B 6 -0.41 -2.88 -4.40
H7B 40T B 6 -1.11 -4.38 -3.75
HXT' 40T B 6 -1.92 -4.57 0.83
H28' 40T B 6 -2.12 -3.11 1.82
H2M 40T B 6 -1.40 -6.45 4.06
H2MA 40T B 6 -2.22 -8.02 4.27
H2MB 40T B 6 -2.76 -6.62 5.21
C 40G B 7 -10.27 0.28 1.94
N1 40G B 7 -4.17 3.62 -1.89
C2 40G B 7 -4.64 3.60 -0.64
N2 40G B 7 -4.75 4.75 -0.08
N3 40G B 7 -5.03 2.53 0.02
C4 40G B 7 -4.92 1.41 -0.73
C5 40G B 7 -4.46 1.30 -2.01
C6 40G B 7 -4.02 2.50 -2.64
O6 40G B 7 -3.55 2.67 -3.75
N7 40G B 7 -4.58 -0.02 -2.47
C8 40G B 7 -5.10 -0.65 -1.45
N9 40G B 7 -5.27 0.14 -0.34
N 40G B 7 -6.35 -2.92 3.28
O 40G B 7 -11.49 0.15 1.97
CA 40G B 7 -7.22 -2.07 4.05
C2M 40G B 7 -6.63 -1.95 5.43
C3' 40G B 7 -7.36 -0.68 3.44
N4' 40G B 7 -7.96 -0.71 2.10
C5' 40G B 7 -9.41 -0.96 2.09
C7' 40G B 7 -7.30 -0.51 0.95
O7' 40G B 7 -7.89 -0.55 -0.13
C8' 40G B 7 -5.80 -0.25 0.97
HN1 40G B 7 -3.90 4.50 -2.29
H8 40G B 7 -5.34 -1.70 -1.46
H 40G B 7 -5.36 -2.82 3.43
HA 40G B 7 -8.21 -2.53 4.16
HN2 40G B 7 -5.10 4.76 0.86
HN2A 40G B 7 -4.51 5.59 -0.58
H13' 40G B 7 -8.00 -0.09 4.10
H23' 40G B 7 -6.39 -0.20 3.45
H15' 40G B 7 -9.72 -1.45 3.02
H25' 40G B 7 -9.65 -1.63 1.28
H18' 40G B 7 -5.59 0.56 1.68
H28' 40G B 7 -5.27 -1.13 1.32
H2M 40G B 7 -7.28 -1.35 6.06
H2MA 40G B 7 -6.54 -2.95 5.88
H2MB 40G B 7 -5.63 -1.49 5.38
C 40C B 8 -12.09 5.30 -1.14
N1 40C B 8 -7.68 2.90 -2.54
C2 40C B 8 -7.43 4.14 -3.13
O2 40C B 8 -7.76 5.18 -2.58
N3 40C B 8 -6.84 4.25 -4.33
C4 40C B 8 -6.55 3.14 -4.93
N4 40C B 8 -5.92 3.26 -6.04
C5 40C B 8 -6.85 1.86 -4.45
C6 40C B 8 -7.43 1.77 -3.24
N 40C B 8 -9.69 1.47 1.85
O 40C B 8 -13.22 5.77 -1.26
CA 40C B 8 -10.42 2.69 2.07
C2M 40C B 8 -10.09 3.15 3.47
C3' 40C B 8 -10.02 3.78 1.07
N4' 40C B 8 -10.54 3.51 -0.29
C5' 40C B 8 -11.93 3.95 -0.48
C7' 40C B 8 -9.84 2.99 -1.31
O7' 40C B 8 -10.38 2.70 -2.37
C8' 40C B 8 -8.34 2.81 -1.20
H5 40C B 8 -6.63 0.97 -5.01
H6 40C B 8 -7.68 0.79 -2.82
H 40C B 8 -8.69 1.53 1.84
HA 40C B 8 -11.50 2.54 1.99
H13' 40C B 8 -10.44 4.72 1.42
H23' 40C B 8 -8.93 3.89 1.09
HN4 40C B 8 -5.63 2.44 -6.53
HN4A 40C B 8 -5.66 4.19 -6.32
H15' 40C B 8 -12.46 3.99 0.47
H25' 40C B 8 -12.46 3.22 -1.10
H18' 40C B 8 -8.15 1.86 -0.71
H28' 40C B 8 -7.92 3.61 -0.58
H2M 40C B 8 -10.64 4.07 3.68
H2MA 40C B 8 -10.38 2.38 4.18
H2MB 40C B 8 -9.02 3.34 3.56
C 40C B 9 -12.72 8.86 -5.81
N1 40C B 9 -9.84 4.66 -5.92
C2 40C B 9 -9.19 5.71 -6.60
O2 40C B 9 -9.27 6.87 -6.23
N3 40C B 9 -8.45 5.50 -7.69
C4 40C B 9 -8.35 4.27 -8.09
N4 40C B 9 -7.62 4.10 -9.13
C5 40C B 9 -8.96 3.17 -7.49
C6 40C B 9 -9.71 3.40 -6.39
N 40C B 9 -11.02 5.95 -1.53
O 40C B 9 -13.67 9.58 -6.12
CA 40C B 9 -11.03 7.34 -1.88
C2M 40C B 9 -10.00 8.01 -0.99
C3' 40C B 9 -10.65 7.58 -3.34
N4' 40C B 9 -11.71 7.13 -4.27
C5' 40C B 9 -12.77 8.14 -4.49
C7' 40C B 9 -11.74 5.96 -4.93
O7' 40C B 9 -12.63 5.70 -5.75
C8' 40C B 9 -10.68 4.91 -4.71
H5 40C B 9 -8.85 2.16 -7.88
H6 40C B 9 -10.22 2.58 -5.88
H 40C B 9 -10.12 5.53 -1.39
HA 40C B 9 -11.99 7.81 -1.68
H13' 40C B 9 -10.49 8.65 -3.49
H23' 40C B 9 -9.70 7.10 -3.56
HN4 40C B 9 -7.50 3.19 -9.50
HN4A 40C B 9 -7.16 4.92 -9.50
H15' 40C B 9 -12.73 8.91 -3.72
H25' 40C B 9 -13.74 7.66 -4.41
H18' 40C B 9 -11.21 3.99 -4.44
H28' 40C B 9 -10.04 5.16 -3.87
H2M 40C B 9 -9.97 9.08 -1.18
H2MA 40C B 9 -10.28 7.86 0.06
H2MB 40C B 9 -9.02 7.57 -1.16
N NME B 10 -11.68 8.71 -6.61
C NME B 10 -11.53 9.31 -7.92
H2 NME B 10 -12.51 9.40 -8.41
HN2 NME B 10 -10.92 8.10 -6.28
H1 NME B 10 -10.89 8.70 -8.54
H3 NME B 10 -11.10 10.31 -7.83
C ACE A 1 -8.15 15.75 -10.21
O ACE A 1 -7.90 16.66 -9.45
CH3 ACE A 1 -9.42 15.01 -10.09
H1 ACE A 1 -9.23 13.93 -10.06
H2 ACE A 1 -9.94 15.30 -9.18
H3 ACE A 1 -10.05 15.24 -10.94
C 40G A 2 -3.33 15.17 -8.96
N1 40G A 2 -7.78 8.48 -8.52
C2 40G A 2 -7.88 9.78 -8.35
N2 40G A 2 -8.52 10.14 -7.29
N3 40G A 2 -7.40 10.73 -9.12
C4 40G A 2 -6.74 10.20 -10.18
C5 40G A 2 -6.57 8.88 -10.48
C6 40G A 2 -7.14 7.94 -9.58
O6 40G A 2 -7.15 6.71 -9.65
N7 40G A 2 -5.84 8.73 -11.66
C8 40G A 2 -5.62 9.95 -12.04
N9 40G A 2 -6.15 10.89 -11.20
N 40G A 2 -7.36 15.39 -11.18
O 40G A 2 -2.29 15.60 -8.49
CA 40G A 2 -6.14 16.05 -11.43
C2M 40G A 2 -6.42 17.10 -12.47
C3' 40G A 2 -5.16 15.06 -12.01
N4' 40G A 2 -4.55 14.24 -10.96
C5' 40G A 2 -3.32 14.79 -10.42
C7' 40G A 2 -4.90 12.97 -10.67
O7' 40G A 2 -4.25 12.31 -9.86
C8' 40G A 2 -6.11 12.35 -11.37
HN1 40G A 2 -8.24 7.85 -7.89
H8 40G A 2 -5.07 10.21 -12.94
H 40G A 2 -7.68 14.68 -11.83
HA 40G A 2 -5.72 16.51 -10.55
HN2 40G A 2 -8.63 11.12 -7.11
HN2A 40G A 2 -8.89 9.43 -6.66
H13' 40G A 2 -4.37 15.62 -12.53
H23' 40G A 2 -5.64 14.47 -12.80
H15' 40G A 2 -3.03 15.69 -10.97
H25' 40G A 2 -2.51 14.06 -10.56
H18' 40G A 2 -7.02 12.78 -10.95
H28' 40G A 2 -6.07 12.55 -12.43
H2M 40G A 2 -7.15 17.82 -12.07
H2MA 40G A 2 -5.51 17.64 -12.71
H2MB 40G A 2 -6.82 16.65 -13.38
C 40G A 3 -2.30 14.13 -3.63
N1 40G A 3 -6.04 7.03 -5.13
C2 40G A 3 -6.30 8.20 -4.55
N2 40G A 3 -6.90 8.12 -3.41
N3 40G A 3 -5.93 9.38 -4.98
C4 40G A 3 -5.23 9.29 -6.13
C5 40G A 3 -4.89 8.16 -6.82
C6 40G A 3 -5.36 6.92 -6.30
O6 40G A 3 -5.21 5.79 -6.74
N7 40G A 3 -4.09 8.47 -7.92
C8 40G A 3 -4.00 9.77 -7.88
N9 40G A 3 -4.73 10.34 -6.86
N 40G A 3 -4.43 15.06 -8.23
O 40G A 3 -1.42 14.74 -3.04
CA 40G A 3 -4.55 15.65 -6.93
C2M 40G A 3 -5.75 16.55 -6.96
C3' 40G A 3 -4.73 14.61 -5.84
N4' 40G A 3 -3.60 13.69 -5.71
C5' 40G A 3 -2.39 14.29 -5.13
C7' 40G A 3 -3.63 12.37 -5.97
O7' 40G A 3 -2.67 11.64 -5.71
C8' 40G A 3 -4.90 11.76 -6.56
HN1 40G A 3 -6.34 6.19 -4.69
H8 40G A 3 -3.45 10.36 -8.59
H 40G A 3 -5.27 14.70 -8.66
HA 40G A 3 -3.68 16.28 -6.69
HN2 40G A 3 -7.08 8.98 -2.93
HN2A 40G A 3 -7.10 7.22 -3.00
H13' 40G A 3 -4.87 15.13 -4.90
H23' 40G A 3 -5.67 14.08 -6.03
H15' 40G A 3 -2.35 15.35 -5.34
H25' 40G A 3 -1.51 13.84 -5.58
H18' 40G A 3 -5.72 11.89 -5.85
H28' 40G A 3 -5.15 12.29 -7.48
H2M 40G A 3 -6.66 15.97 -7.09
H2MA 40G A 3 -5.81 17.11 -6.02
H2MB 40G A 3 -5.66 17.27 -7.77
C 40C A 4 -0.79 11.32 1.09
N1 40C A 4 -2.92 8.43 -3.23
C2 40C A 4 -3.46 7.24 -2.74
O2 40C A 4 -4.11 7.20 -1.70
N3 40C A 4 -3.30 6.06 -3.38
C4 40C A 4 -2.55 6.09 -4.45
N4 40C A 4 -2.42 4.96 -5.04
C5 40C A 4 -1.91 7.22 -4.95
C6 40C A 4 -2.10 8.39 -4.31
N 40C A 4 -3.19 13.40 -2.98
O 40C A 4 0.12 11.76 1.78
CA 40C A 4 -3.37 13.52 -1.57
C2M 40C A 4 -4.69 14.23 -1.37
C3' 40C A 4 -3.41 12.16 -0.88
N4' 40C A 4 -2.16 11.39 -1.03
C5' 40C A 4 -1.01 11.93 -0.27
C7' 40C A 4 -2.03 10.24 -1.72
O7' 40C A 4 -1.01 9.58 -1.67
C8' 40C A 4 -3.19 9.74 -2.57
H5 40C A 4 -1.28 7.18 -5.83
H6 40C A 4 -1.63 9.30 -4.67
H 40C A 4 -3.90 12.92 -3.50
HA 40C A 4 -2.60 14.13 -1.10
H13' 40C A 4 -3.58 12.32 0.18
H23' 40C A 4 -4.27 11.61 -1.25
HN4 40C A 4 -1.88 4.91 -5.89
HN4A 40C A 4 -2.92 4.18 -4.66
H15' 40C A 4 -1.12 13.01 -0.11
H25' 40C A 4 -0.10 11.79 -0.85
H18' 40C A 4 -3.41 10.50 -3.32
H28' 40C A 4 -4.06 9.65 -1.93
H2M 40C A 4 -4.87 14.36 -0.30
H2MA 40C A 4 -4.66 15.21 -1.84
H2MB 40C A 4 -5.51 13.65 -1.80
C 40A A 5 1.05 7.11 4.59
N1 40A A 5 -1.14 1.98 -1.25
C2 40A A 5 -1.52 2.45 -0.07
N3 40A A 5 -1.50 3.71 0.34
C4 40A A 5 -0.99 4.55 -0.62
C5 40A A 5 -0.53 4.21 -1.86
C6 40A A 5 -0.65 2.83 -2.13
N6 40A A 5 -0.29 2.25 -3.25
N7 40A A 5 0.00 5.31 -2.53
C8 40A A 5 -0.21 6.29 -1.69
N9 40A A 5 -0.86 5.92 -0.54
N 40A A 5 -1.59 10.36 1.50
O 40A A 5 1.73 7.40 5.56
CA 40A A 5 -1.64 9.94 2.88
C2M 40A A 5 -2.98 10.41 3.44
C3' 40A A 5 -1.54 8.43 3.02
N4' 40A A 5 -0.24 7.88 2.56
C5' 40A A 5 0.88 8.14 3.49
C7' 40A A 5 -0.06 7.10 1.47
O7' 40A A 5 1.02 6.60 1.21
C8' 40A A 5 -1.24 6.79 0.61
H3 40A A 5 -1.91 1.74 0.64
H8 40A A 5 0.08 7.32 -1.88
H 40A A 5 -2.34 10.06 0.90
HA 40A A 5 -0.87 10.41 3.47
H13' 40A A 5 -2.38 7.97 2.51
H23' 40A A 5 -1.66 8.18 4.08
H15' 40A A 5 1.83 8.18 2.94
H25' 40A A 5 0.78 9.11 3.98
HN6 40A A 5 0.08 2.81 -4.00
HN6A 40A A 5 -0.48 1.26 -3.36
H18' 40A A 5 -1.66 7.73 0.26
H28' 40A A 5 -1.97 6.27 1.23
H2M 40A A 5 -3.80 9.94 2.89
H2MA 40A A 5 -3.06 11.49 3.35
H2MB 40A A 5 -3.05 10.13 4.48
C 40T A 6 3.22 2.40 6.83
N1 40T A 6 1.55 2.43 1.40
C2 40T A 6 1.49 1.05 1.13
O2 40T A 6 1.10 0.21 1.93
N3 40T A 6 1.91 0.64 -0.09
C4 40T A 6 2.45 1.43 -1.04
O4 40T A 6 2.79 0.90 -2.09
C5 40T A 6 2.55 2.85 -0.70
C6 40T A 6 2.10 3.31 0.50
C7 40T A 6 3.14 3.84 -1.68
N 40T A 6 0.37 5.98 4.50
O 40T A 6 4.23 2.50 7.50
CA 40T A 6 0.09 5.20 5.67
C2M 40T A 6 -1.37 5.41 6.00
C3' 40T A 6 0.35 3.70 5.45
N4' 40T A 6 1.73 3.41 5.03
C5' 40T A 6 2.75 3.62 6.08
C7' 40T A 6 2.09 3.01 3.79
O7' 40T A 6 3.25 2.71 3.53
C8' 40T A 6 1.03 2.94 2.70
HN3 40T A 6 1.84 -0.34 -0.29
H6 40T A 6 2.16 4.36 0.74
H 40T A 6 -0.20 5.83 3.69
HA 40T A 6 0.67 5.52 6.52
H13' 40T A 6 -0.39 3.32 4.74
H23' 40T A 6 0.16 3.20 6.40
H15' 40T A 6 3.63 4.08 5.63
H25' 40T A 6 2.40 4.32 6.83
H7 40T A 6 4.20 3.64 -1.82
H7A 40T A 6 2.65 3.74 -2.65
H7B 40T A 6 3.01 4.87 -1.33
HXT' 40T A 6 0.62 3.93 2.55
H28' 40T A 6 0.22 2.29 3.04
H2M 40T A 6 -1.55 6.47 6.20
H2MA 40T A 6 -1.63 4.83 6.89
H2MB 40T A 6 -2.00 5.07 5.17
C 40G A 7 6.54 -2.00 7.53
N1 40G A 7 4.77 -3.63 0.01
C2 40G A 7 4.33 -3.95 1.21
N2 40G A 7 4.18 -5.21 1.43
N3 40G A 7 4.09 -3.12 2.21
C4 40G A 7 4.37 -1.85 1.88
C5 40G A 7 4.84 -1.38 0.68
C6 40G A 7 5.02 -2.35 -0.36
O6 40G A 7 5.39 -2.18 -1.52
N7 40G A 7 5.11 -0.01 0.75
C8 40G A 7 4.78 0.30 1.97
N9 40G A 7 4.28 -0.75 2.69
N 40G A 7 2.53 1.28 6.76
O 40G A 7 7.41 -2.03 8.38
CA 40G A 7 2.74 0.20 7.68
C2M 40G A 7 1.40 -0.17 8.26
C3' 40G A 7 3.34 -1.03 6.98
N4' 40G A 7 4.66 -0.78 6.40
C5' 40G A 7 5.75 -0.71 7.37
C7' 40G A 7 4.93 -0.65 5.09
O7' 40G A 7 6.08 -0.49 4.69
C8' 40G A 7 3.78 -0.74 4.08
HN1 40G A 7 4.93 -4.35 -0.67
H8 40G A 7 4.89 1.30 2.38
H 40G A 7 1.69 1.26 6.20
HA 40G A 7 3.40 0.49 8.50
HN2 40G A 7 3.85 -5.49 2.33
HN2A 40G A 7 4.43 -5.89 0.71
H13' 40G A 7 3.43 -1.82 7.72
H23' 40G A 7 2.61 -1.39 6.24
H15' 40G A 7 5.36 -0.44 8.36
H25' 40G A 7 6.45 0.08 7.08
H18' 40G A 7 3.22 -1.65 4.25
H28' 40G A 7 3.11 0.11 4.22
H2M 40G A 7 0.96 0.70 8.74
H2MA 40G A 7 0.73 -0.52 7.47
H2MB 40G A 7 1.53 -0.96 9.00
C 40C A 8 10.33 -6.26 5.52
N1 40C A 8 7.75 -3.31 2.05
C2 40C A 8 8.05 -4.34 1.16
O2 40C A 8 8.03 -5.51 1.52
N3 40C A 8 8.35 -4.10 -0.13
C4 40C A 8 8.44 -2.86 -0.47
N4 40C A 8 8.68 -2.66 -1.71
C5 40C A 8 8.27 -1.77 0.38
C6 40C A 8 7.93 -2.02 1.66
N 40C A 8 6.23 -3.05 6.80
O 40C A 8 11.31 -6.74 6.08
CA 40C A 8 6.67 -4.37 7.17
C2M 40C A 8 5.48 -5.07 7.77
C3' 40C A 8 7.16 -5.16 5.96
N4' 40C A 8 8.42 -4.63 5.42
C5' 40C A 8 9.61 -5.09 6.15
C7' 40C A 8 8.55 -3.87 4.33
O7' 40C A 8 9.63 -3.42 3.99
C8' 40C A 8 7.34 -3.61 3.46
H5 40C A 8 8.39 -0.75 0.05
H6 40C A 8 7.78 -1.21 2.37
H 40C A 8 5.49 -2.99 6.12
HA 40C A 8 7.47 -4.34 7.90
H13' 40C A 8 7.32 -6.19 6.28
H23' 40C A 8 6.35 -5.19 5.22
HN4 40C A 8 8.70 -1.72 -2.05
HN4A 40C A 8 8.73 -3.47 -2.31
H15' 40C A 8 9.36 -5.38 7.17
H25' 40C A 8 10.33 -4.28 6.23
H18' 40C A 8 6.78 -2.78 3.88
H28' 40C A 8 6.70 -4.49 3.43
H2M 40C A 8 5.77 -6.06 8.10
H2MA 40C A 8 5.13 -4.52 8.63
H2MB 40C A 8 4.67 -5.15 7.03
C 40C A 9 14.26 -8.75 1.95
N1 40C A 9 11.71 -4.48 0.72
C2 40C A 9 11.83 -5.26 -0.43
O2 40C A 9 11.84 -6.48 -0.39
N3 40C A 9 11.95 -4.71 -1.65
C4 40C A 9 11.94 -3.42 -1.69
N4 40C A 9 12.02 -2.94 -2.87
C5 40C A 9 11.83 -2.57 -0.60
C6 40C A 9 11.72 -3.13 0.62
N 40C A 9 9.88 -6.76 4.39
O 40C A 9 15.25 -9.39 2.23
CA 40C A 9 10.27 -8.04 3.91
C2M 40C A 9 9.00 -8.82 3.75
C3' 40C A 9 10.97 -7.95 2.56
N4' 40C A 9 12.30 -7.36 2.67
C5' 40C A 9 13.34 -8.31 3.05
C7' 40C A 9 12.62 -6.09 2.42
O7' 40C A 9 13.77 -5.69 2.48
C8' 40C A 9 11.54 -5.08 2.07
H5 40C A 9 11.84 -1.50 -0.70
H6 40C A 9 11.62 -2.51 1.50
H 40C A 9 9.06 -6.35 3.97
HA 40C A 9 10.91 -8.57 4.61
H13' 40C A 9 11.08 -8.97 2.17
H23' 40C A 9 10.35 -7.43 1.83
HN4 40C A 9 12.00 -1.95 -3.00
HN4A 40C A 9 12.02 -3.61 -3.63
H15' 40C A 9 12.91 -9.23 3.47
H25' 40C A 9 13.97 -7.88 3.83
H18' 40C A 9 11.63 -4.32 2.84
H28' 40C A 9 10.55 -5.50 2.16
H2M 40C A 9 8.34 -8.34 3.01
H2MA 40C A 9 9.23 -9.84 3.42
H2MB 40C A 9 8.48 -8.87 4.71
N NME A 10 13.98 -8.41 0.71
C NME A 10 14.82 -8.72 -0.42
H2 NME A 10 14.53 -8.12 -1.28
HN2 NME A 10 13.13 -7.87 0.54
H1 NME A 10 14.71 -9.78 -0.68
H3 NME A 10 15.86 -8.51 -0.19
C ACE B 1 13.63 -10.99 -11.02
O ACE B 1 14.07 -9.87 -11.13
CH3 ACE B 1 12.70 -11.52 -12.03
H1 ACE B 1 12.58 -10.79 -12.83
H2 ACE B 1 13.10 -12.43 -12.45
H3 ACE B 1 11.73 -11.69 -11.59
C 40G B 2 9.57 -13.56 -7.77
N1 40G B 2 12.00 -6.62 -3.79
C2 40G B 2 12.12 -7.93 -3.66
N2 40G B 2 12.04 -8.35 -2.45
N3 40G B 2 12.28 -8.81 -4.61
C4 40G B 2 12.30 -8.22 -5.83
C5 40G B 2 12.18 -6.89 -6.10
C6 40G B 2 12.03 -6.01 -4.99
O6 40G B 2 11.93 -4.80 -4.98
N7 40G B 2 12.25 -6.65 -7.47
C8 40G B 2 12.41 -7.84 -7.97
N9 40G B 2 12.48 -8.83 -7.03
N 40G B 2 13.97 -11.70 -10.01
O 40G B 2 8.50 -13.99 -8.15
CA 40G B 2 13.47 -12.98 -9.71
C2M 40G B 2 14.63 -13.91 -9.80
C3' 40G B 2 12.89 -12.98 -8.31
N4' 40G B 2 11.64 -12.23 -8.27
C5' 40G B 2 10.48 -12.93 -8.81
C7' 40G B 2 11.49 -10.98 -7.77
O7' 40G B 2 10.39 -10.45 -7.71
C8' 40G B 2 12.72 -10.26 -7.24
HN1 40G B 2 11.96 -6.04 -2.98
H8 40G B 2 12.52 -8.03 -9.03
H 40G B 2 14.66 -11.32 -9.38
HA 40G B 2 12.72 -13.33 -10.41
HN2 40G B 2 12.10 -9.34 -2.31
HN2A 40G B 2 11.92 -7.70 -1.70
H13' 40G B 2 12.69 -14.01 -8.03
H23' 40G B 2 13.63 -12.62 -7.61
H15' 40G B 2 10.81 -13.73 -9.47
H25' 40G B 2 9.89 -12.24 -9.41
H18' 40G B 2 13.04 -10.72 -6.31
H28' 40G B 2 13.54 -10.35 -7.95
H2M 40G B 2 14.30 -14.93 -9.58
H2MA 40G B 2 15.05 -13.88 -10.81
H2MB 40G B 2 15.40 -13.63 -9.08
C 40G B 3 5.33 -13.58 -4.23
N1 40G B 3 8.61 -6.34 -1.93
C2 40G B 3 8.58 -7.59 -1.49
N2 40G B 3 8.40 -7.72 -0.22
N3 40G B 3 8.62 -8.67 -2.23
C4 40G B 3 8.68 -8.38 -3.55
C5 40G B 3 8.69 -7.13 -4.12
C6 40G B 3 8.67 -6.02 -3.23
O6 40G B 3 8.69 -4.83 -3.49
N7 40G B 3 8.70 -7.23 -5.51
C8 40G B 3 8.73 -8.51 -5.72
N9 40G B 3 8.78 -9.26 -4.59
N 40G B 3 9.97 -13.64 -6.52
O 40G B 3 4.32 -14.23 -4.45
CA 40G B 3 9.30 -14.46 -5.57
C2M 40G B 3 10.33 -15.37 -4.96
C3' 40G B 3 8.66 -13.65 -4.46
N4' 40G B 3 7.59 -12.77 -4.94
C5' 40G B 3 6.36 -13.47 -5.35
C7' 40G B 3 7.62 -11.43 -4.93
O7' 40G B 3 6.63 -10.76 -5.24
C8' 40G B 3 8.90 -10.73 -4.48
HN1 40G B 3 8.52 -5.59 -1.26
H8 40G B 3 8.74 -8.94 -6.71
H 40G B 3 10.88 -13.28 -6.26
HA 40G B 3 8.54 -15.10 -6.05
HN2 40G B 3 8.33 -8.66 0.13
HN2A 40G B 3 8.28 -6.90 0.37
H13' 40G B 3 8.24 -14.34 -3.73
H23' 40G B 3 9.44 -13.10 -3.93
H15' 40G B 3 6.58 -14.48 -5.69
H25' 40G B 3 5.90 -12.94 -6.18
H18' 40G B 3 9.12 -11.00 -3.45
H28' 40G B 3 9.73 -11.05 -5.11
H2M 40G B 3 11.10 -14.79 -4.44
H2MA 40G B 3 9.86 -16.06 -4.26
H2MB 40G B 3 10.81 -15.96 -5.75
C 40C B 4 0.97 -11.65 -1.38
N1 40C B 4 5.05 -7.97 -2.59
C2 40C B 4 5.02 -6.95 -1.64
O2 40C B 4 4.89 -7.18 -0.45
N3 40C B 4 5.16 -5.65 -1.98
C4 40C B 4 5.23 -5.40 -3.26
N4 40C B 4 5.36 -4.17 -3.56
C5 40C B 4 5.18 -6.36 -4.27
C6 40C B 4 5.07 -7.66 -3.92
N 40C B 4 5.57 -13.02 -3.07
O 40C B 4 -0.11 -12.18 -1.57
CA 40C B 4 4.83 -13.36 -1.90
C2M 40C B 4 5.79 -14.06 -0.97
C3' 40C B 4 4.29 -12.12 -1.20
N4' 40C B 4 3.38 -11.30 -2.03
C5' 40C B 4 2.09 -11.95 -2.35
C7' 40C B 4 3.61 -10.04 -2.40
O7' 40C B 4 2.73 -9.35 -2.92
C8' 40C B 4 4.97 -9.42 -2.18
H5 40C B 4 5.23 -6.11 -5.32
H6 40C B 4 5.04 -8.45 -4.66
H 40C B 4 6.41 -12.48 -2.94
HA 40C B 4 4.01 -14.04 -2.11
H13' 40C B 4 3.74 -12.44 -0.31
H23' 40C B 4 5.13 -11.54 -0.83
HN4 40C B 4 5.44 -3.90 -4.53
HN4A 40C B 4 5.42 -3.50 -2.80
H15' 40C B 4 2.19 -13.03 -2.39
H25' 40C B 4 1.75 -11.63 -3.33
H18' 40C B 4 5.70 -9.99 -2.73
H28' 40C B 4 5.21 -9.50 -1.12
H2M 40C B 4 6.18 -14.96 -1.47
H2MA 40C B 4 6.62 -13.41 -0.71
H2MB 40C B 4 5.28 -14.37 -0.06
C 40A B 5 -3.11 -8.28 0.92
N1 40A B 5 1.66 -2.12 -0.75
C2 40A B 5 1.30 -2.90 0.25
N3 40A B 5 1.17 -4.22 0.24
C4 40A B 5 1.46 -4.75 -0.98
C5 40A B 5 1.82 -4.07 -2.11
C6 40A B 5 1.92 -2.68 -1.91
N6 40A B 5 2.26 -1.82 -2.84
N7 40A B 5 1.98 -4.95 -3.20
C8 40A B 5 1.73 -6.11 -2.67
N9 40A B 5 1.46 -6.09 -1.33
N 40A B 5 1.22 -10.87 -0.34
O 40A B 5 -4.24 -8.71 1.11
CA 40A B 5 0.34 -10.82 0.79
C2M 40A B 5 1.06 -11.47 1.95
C3' 40A B 5 -0.01 -9.38 1.17
N4' 40A B 5 -0.77 -8.66 0.12
C5' 40A B 5 -2.19 -9.07 0.02
C7' 40A B 5 -0.30 -7.65 -0.61
O7' 40A B 5 -1.04 -7.01 -1.37
C8' 40A B 5 1.11 -7.23 -0.44
H3 40A B 5 1.08 -2.42 1.19
H8 40A B 5 1.75 -7.03 -3.24
H 40A B 5 2.14 -10.49 -0.23
HA 40A B 5 -0.58 -11.37 0.61
H13' 40A B 5 0.91 -8.86 1.44
H23' 40A B 5 -0.62 -9.41 2.07
H15' 40A B 5 -2.55 -8.95 -0.99
H25' 40A B 5 -2.32 -10.11 0.28
HN6 40A B 5 2.49 -2.16 -3.76
HN6A 40A B 5 2.36 -0.85 -2.57
H18' 40A B 5 1.74 -8.09 -0.68
H28' 40A B 5 1.25 -6.94 0.59
H2M 40A B 5 1.30 -12.50 1.69
H2MA 40A B 5 0.42 -11.46 2.82
H2MB 40A B 5 1.98 -10.94 2.17
C 40T B 6 -6.59 -4.00 2.48
N1 40T B 6 -1.95 -2.96 -0.68
C2 40T B 6 -1.90 -1.57 -0.52
O2 40T B 6 -2.14 -0.99 0.53
N3 40T B 6 -1.52 -0.84 -1.59
C4 40T B 6 -1.27 -1.33 -2.82
O4 40T B 6 -0.97 -0.51 -3.69
C5 40T B 6 -1.38 -2.78 -2.95
C6 40T B 6 -1.71 -3.55 -1.89
C7 40T B 6 -1.10 -3.47 -4.29
N 40T B 6 -2.65 -7.20 1.53
O 40T B 6 -7.80 -4.13 2.39
CA 40T B 6 -3.23 -6.75 2.75
C2M 40T B 6 -2.29 -7.16 3.87
C3' 40T B 6 -3.43 -5.23 2.80
N4' 40T B 6 -4.27 -4.71 1.71
C5' 40T B 6 -5.70 -5.04 1.83
C7' 40T B 6 -3.81 -4.00 0.66
O7' 40T B 6 -4.59 -3.50 -0.15
C8' 40T B 6 -2.32 -3.81 0.49
HN3 40T B 6 -1.45 0.16 -1.46
H6 40T B 6 -1.78 -4.62 -1.99
H 40T B 6 -1.70 -6.93 1.35
HA 40T B 6 -4.20 -7.23 2.94
H13' 40T B 6 -2.44 -4.77 2.82
H23' 40T B 6 -3.90 -5.00 3.76
H15' 40T B 6 -6.12 -5.23 0.84
H25' 40T B 6 -5.85 -5.95 2.41
H7 40T B 6 -1.78 -3.07 -5.04
H7A 40T B 6 -0.08 -3.26 -4.61
H7B 40T B 6 -1.23 -4.54 -4.22
HXT' 40T B 6 -1.86 -4.80 0.38
H28' 40T B 6 -1.91 -3.37 1.40
H2M 40T B 6 -2.71 -6.87 4.83
H2MA 40T B 6 -1.32 -6.68 3.74
H2MB 40T B 6 -2.17 -8.24 3.87
C 40G B 7 -9.93 0.37 2.42
N1 40G B 7 -4.17 3.64 -2.09
C2 40G B 7 -4.56 3.66 -0.82
N2 40G B 7 -4.65 4.82 -0.28
N3 40G B 7 -4.91 2.61 -0.11
C4 40G B 7 -4.87 1.47 -0.84
C5 40G B 7 -4.50 1.32 -2.14
C6 40G B 7 -4.08 2.51 -2.82
O6 40G B 7 -3.67 2.65 -3.97
N7 40G B 7 -4.67 0.00 -2.57
C8 40G B 7 -5.11 -0.59 -1.51
N9 40G B 7 -5.19 0.21 -0.40
N 40G B 7 -6.03 -2.99 3.13
O 40G B 7 -11.13 0.28 2.62
CA 40G B 7 -6.79 -2.16 4.04
C2M 40G B 7 -6.02 -2.12 5.34
C3' 40G B 7 -6.93 -0.73 3.52
N4' 40G B 7 -7.66 -0.68 2.25
C5' 40G B 7 -9.11 -0.89 2.35
C7' 40G B 7 -7.11 -0.37 1.05
O7' 40G B 7 -7.81 -0.23 0.05
C8' 40G B 7 -5.60 -0.17 0.96
HN1 40G B 7 -3.93 4.52 -2.53
H8 40G B 7 -5.36 -1.65 -1.49
H 40G B 7 -5.02 -2.93 3.18
HA 40G B 7 -7.76 -2.59 4.24
HN2 40G B 7 -4.94 4.86 0.68
HN2A 40G B 7 -4.44 5.65 -0.82
H13' 40G B 7 -7.49 -0.16 4.27
H23' 40G B 7 -5.95 -0.28 3.46
H15' 40G B 7 -9.34 -1.48 3.23
H25' 40G B 7 -9.45 -1.47 1.49
H18' 40G B 7 -5.30 0.62 1.65
H28' 40G B 7 -5.10 -1.09 1.24
H2M 40G B 7 -6.57 -1.53 6.08
H2MA 40G B 7 -5.91 -3.13 5.73
H2MB 40G B 7 -5.03 -1.68 5.19
C 40C B 8 -12.38 5.30 0.24
N1 40C B 8 -7.77 3.38 -2.08
C2 40C B 8 -7.38 4.56 -2.75
O2 40C B 8 -7.48 5.65 -2.21
N3 40C B 8 -6.89 4.53 -4.00
C4 40C B 8 -6.85 3.37 -4.58
N4 40C B 8 -6.38 3.38 -5.77
C5 40C B 8 -7.31 2.18 -4.03
C6 40C B 8 -7.78 2.21 -2.76
N 40C B 8 -9.33 1.55 2.34
O 40C B 8 -13.57 5.53 0.30
CA 40C B 8 -9.96 2.76 2.80
C2M 40C B 8 -9.32 3.09 4.13
C3' 40C B 8 -9.76 3.93 1.83
N4' 40C B 8 -10.43 3.73 0.54
C5' 40C B 8 -11.90 3.91 0.58
C7' 40C B 8 -9.82 3.53 -0.63
O7' 40C B 8 -10.45 3.46 -1.69
C8' 40C B 8 -8.30 3.42 -0.68
H5 40C B 8 -7.28 1.25 -4.56
H6 40C B 8 -8.14 1.30 -2.28
H 40C B 8 -8.34 1.59 2.17
HA 40C B 8 -11.03 2.62 2.96
H13' 40C B 8 -10.16 4.82 2.30
H23' 40C B 8 -8.69 4.09 1.73
HN4 40C B 8 -6.28 2.52 -6.26
HN4A 40C B 8 -6.00 4.26 -6.10
H15' 40C B 8 -12.30 3.68 1.57
H25' 40C B 8 -12.37 3.22 -0.12
H18' 40C B 8 -8.00 2.52 -0.14
H28' 40C B 8 -7.88 4.29 -0.17
H2M 40C B 8 -8.26 3.25 4.01
H2MA 40C B 8 -9.78 4.00 4.53
H2MB 40C B 8 -9.50 2.28 4.83
C 40C B 9 -13.54 9.74 -3.48
N1 40C B 9 -10.01 6.05 -4.74
C2 40C B 9 -9.51 6.92 -5.71
O2 40C B 9 -9.47 8.13 -5.54
N3 40C B 9 -9.02 6.47 -6.88
C4 40C B 9 -9.10 5.19 -7.07
N4 40C B 9 -8.61 4.80 -8.19
C5 40C B 9 -9.67 4.27 -6.21
C6 40C B 9 -10.14 4.72 -5.02
N 40C B 9 -11.49 6.22 -0.06
O 40C B 9 -12.57 10.24 -3.97
CA 40C B 9 -11.80 7.62 -0.02
C2M 40C B 9 -11.07 8.19 1.18
C3' 40C B 9 -11.37 8.35 -1.27
N4' 40C B 9 -12.18 7.99 -2.43
C5' 40C B 9 -13.47 8.65 -2.46
C7' 40C B 9 -11.81 7.19 -3.44
O7' 40C B 9 -12.55 6.94 -4.38
C8' 40C B 9 -10.44 6.57 -3.42
H5 40C B 9 -9.74 3.22 -6.44
H6 40C B 9 -10.59 4.05 -4.30
H 40C B 9 -10.52 5.97 -0.08
HA 40C B 9 -12.87 7.79 0.14
H13' 40C B 9 -11.47 9.42 -1.10
H23' 40C B 9 -10.31 8.17 -1.43
HN4 40C B 9 -8.61 3.82 -8.41
HN4A 40C B 9 -8.13 5.49 -8.75
H15' 40C B 9 -13.74 9.10 -1.50
H25' 40C B 9 -14.25 7.92 -2.69
H18' 40C B 9 -10.43 5.78 -2.67
H28' 40C B 9 -9.71 7.33 -3.12
H2M 40C B 9 -9.99 8.06 1.05
H2MA 40C B 9 -11.30 9.25 1.26
H2MB 40C B 9 -11.40 7.69 2.08
N NME B 10 -14.75 10.13 -3.78
C NME B 10 -15.01 11.18 -4.73
H2 NME B 10 -14.34 11.10 -5.59
HN2 NME B 10 -15.53 9.67 -3.34
H1 NME B 10 -14.86 12.14 -4.25
H3 NME B 10 -16.03 11.11 -5.08
#